data_1STU
#
_entry.id   1STU
#
_cell.length_a   1.000
_cell.length_b   1.000
_cell.length_c   1.000
_cell.angle_alpha   90.00
_cell.angle_beta   90.00
_cell.angle_gamma   90.00
#
_symmetry.space_group_name_H-M   'P 1'
#
_entity_poly.entity_id   1
_entity_poly.type   'polypeptide(L)'
_entity_poly.pdbx_seq_one_letter_code
;PISQVHEIGIKRNMTVHFKVLREEGPAHMKNFITACIVGSIVTEGEGNGKKVSKKRAAEKMLVELQKL
;
_entity_poly.pdbx_strand_id   A
#
# COMPACT_ATOMS: atom_id res chain seq x y z
N PRO A 1 -8.79 4.55 0.80
CA PRO A 1 -7.82 3.66 0.08
C PRO A 1 -7.56 2.41 0.92
N ILE A 2 -7.45 2.56 2.21
CA ILE A 2 -7.18 1.39 3.09
C ILE A 2 -8.48 0.60 3.27
N SER A 3 -9.53 1.26 3.65
CA SER A 3 -10.83 0.53 3.83
C SER A 3 -11.16 -0.28 2.59
N GLN A 4 -10.85 0.23 1.42
CA GLN A 4 -11.15 -0.53 0.18
C GLN A 4 -10.31 -1.82 0.18
N VAL A 5 -9.03 -1.70 0.36
CA VAL A 5 -8.19 -2.93 0.39
C VAL A 5 -8.75 -3.85 1.45
N HIS A 6 -8.66 -3.47 2.69
CA HIS A 6 -9.22 -4.33 3.77
C HIS A 6 -10.52 -4.97 3.28
N GLU A 7 -11.31 -4.23 2.55
CA GLU A 7 -12.59 -4.77 2.05
C GLU A 7 -12.34 -5.99 1.16
N ILE A 8 -11.64 -5.82 0.07
CA ILE A 8 -11.38 -6.99 -0.83
C ILE A 8 -10.33 -7.92 -0.22
N GLY A 9 -9.22 -7.38 0.18
CA GLY A 9 -8.14 -8.22 0.75
C GLY A 9 -8.75 -9.21 1.74
N ILE A 10 -9.52 -8.75 2.67
CA ILE A 10 -10.13 -9.68 3.65
C ILE A 10 -11.33 -10.40 3.03
N LYS A 11 -12.08 -9.72 2.24
CA LYS A 11 -13.29 -10.34 1.62
C LYS A 11 -12.91 -11.54 0.76
N ARG A 12 -11.66 -11.66 0.39
CA ARG A 12 -11.28 -12.82 -0.46
C ARG A 12 -10.31 -13.71 0.29
N ASN A 13 -9.34 -13.11 0.94
CA ASN A 13 -8.33 -13.89 1.72
C ASN A 13 -7.03 -13.09 1.85
N MET A 14 -6.86 -12.06 1.07
CA MET A 14 -5.62 -11.26 1.16
C MET A 14 -5.60 -10.44 2.44
N THR A 15 -4.74 -10.77 3.37
CA THR A 15 -4.69 -9.99 4.64
C THR A 15 -4.26 -8.55 4.33
N VAL A 16 -5.06 -7.59 4.69
CA VAL A 16 -4.69 -6.17 4.41
C VAL A 16 -4.09 -5.53 5.66
N HIS A 17 -2.82 -5.23 5.65
CA HIS A 17 -2.21 -4.59 6.85
C HIS A 17 -1.28 -3.44 6.40
N PHE A 18 -1.79 -2.25 6.37
CA PHE A 18 -0.97 -1.09 5.93
C PHE A 18 -0.03 -0.62 7.04
N LYS A 19 1.21 -0.36 6.70
CA LYS A 19 2.18 0.12 7.72
C LYS A 19 3.22 1.00 7.01
N VAL A 20 3.20 2.28 7.27
CA VAL A 20 4.18 3.18 6.60
C VAL A 20 5.53 3.04 7.31
N LEU A 21 6.54 2.61 6.60
CA LEU A 21 7.87 2.42 7.22
C LEU A 21 8.92 3.33 6.55
N ARG A 22 8.50 4.23 5.71
CA ARG A 22 9.49 5.11 5.03
C ARG A 22 8.97 6.54 4.97
N GLU A 23 9.83 7.48 4.64
CA GLU A 23 9.40 8.90 4.56
C GLU A 23 10.35 9.67 3.65
N GLU A 24 10.74 9.10 2.55
CA GLU A 24 11.68 9.80 1.63
C GLU A 24 11.91 8.98 0.37
N GLY A 25 12.88 9.36 -0.43
CA GLY A 25 13.16 8.60 -1.68
C GLY A 25 14.68 8.47 -1.85
N PRO A 26 15.10 8.44 -3.10
CA PRO A 26 16.53 8.33 -3.43
C PRO A 26 17.30 9.52 -2.87
N ALA A 27 16.98 10.70 -3.31
CA ALA A 27 17.69 11.91 -2.81
C ALA A 27 17.03 13.16 -3.39
N HIS A 28 15.73 13.17 -3.48
CA HIS A 28 15.03 14.36 -4.03
C HIS A 28 13.58 13.98 -4.37
N MET A 29 12.75 13.82 -3.38
CA MET A 29 11.34 13.45 -3.65
C MET A 29 10.69 12.93 -2.36
N LYS A 30 9.83 13.71 -1.76
CA LYS A 30 9.17 13.27 -0.50
C LYS A 30 8.22 12.10 -0.80
N ASN A 31 8.73 10.90 -0.85
CA ASN A 31 7.85 9.73 -1.13
C ASN A 31 7.90 8.77 0.04
N PHE A 32 6.76 8.37 0.55
CA PHE A 32 6.75 7.43 1.68
C PHE A 32 6.44 6.03 1.16
N ILE A 33 7.27 5.06 1.47
CA ILE A 33 6.99 3.68 0.99
C ILE A 33 6.10 3.01 2.03
N THR A 34 4.83 3.02 1.78
CA THR A 34 3.90 2.40 2.75
C THR A 34 3.78 0.92 2.44
N ALA A 35 4.17 0.10 3.37
CA ALA A 35 4.13 -1.37 3.16
C ALA A 35 2.72 -1.88 3.42
N CYS A 36 2.04 -2.38 2.42
CA CYS A 36 0.68 -2.90 2.65
C CYS A 36 0.76 -4.42 2.49
N ILE A 37 0.55 -5.15 3.55
CA ILE A 37 0.65 -6.63 3.45
C ILE A 37 -0.63 -7.17 2.84
N VAL A 38 -0.47 -8.13 1.96
CA VAL A 38 -1.64 -8.77 1.29
C VAL A 38 -1.47 -10.29 1.38
N GLY A 39 -2.55 -11.01 1.50
CA GLY A 39 -2.47 -12.49 1.58
C GLY A 39 -1.30 -12.90 2.50
N SER A 40 -0.29 -13.50 1.95
CA SER A 40 0.86 -13.95 2.80
C SER A 40 2.15 -13.24 2.35
N ILE A 41 2.05 -12.35 1.39
CA ILE A 41 3.26 -11.62 0.92
C ILE A 41 3.02 -10.13 1.11
N VAL A 42 4.05 -9.35 1.25
CA VAL A 42 3.85 -7.89 1.46
C VAL A 42 3.82 -7.17 0.11
N THR A 43 3.26 -5.99 0.11
CA THR A 43 3.19 -5.19 -1.14
C THR A 43 3.21 -3.71 -0.74
N GLU A 44 4.36 -3.11 -0.66
CA GLU A 44 4.40 -1.67 -0.25
C GLU A 44 4.10 -0.76 -1.43
N GLY A 45 4.25 0.52 -1.24
CA GLY A 45 3.96 1.48 -2.36
C GLY A 45 4.47 2.87 -1.96
N GLU A 46 5.37 3.42 -2.71
CA GLU A 46 5.91 4.76 -2.34
C GLU A 46 4.96 5.88 -2.80
N GLY A 47 4.06 6.28 -1.94
CA GLY A 47 3.12 7.38 -2.29
C GLY A 47 3.83 8.72 -2.10
N ASN A 48 3.95 9.50 -3.14
CA ASN A 48 4.64 10.82 -3.01
C ASN A 48 3.90 11.72 -2.02
N GLY A 49 4.41 11.82 -0.82
CA GLY A 49 3.74 12.69 0.20
C GLY A 49 3.63 11.93 1.52
N LYS A 50 3.11 12.58 2.54
CA LYS A 50 2.97 11.91 3.87
C LYS A 50 1.57 11.30 3.99
N LYS A 51 0.57 12.05 3.65
CA LYS A 51 -0.82 11.52 3.75
C LYS A 51 -1.15 10.72 2.49
N VAL A 52 -0.31 10.79 1.50
CA VAL A 52 -0.58 10.02 0.25
C VAL A 52 -0.06 8.60 0.39
N SER A 53 1.07 8.43 1.02
CA SER A 53 1.66 7.06 1.20
C SER A 53 0.55 6.02 1.41
N LYS A 54 -0.55 6.41 2.00
CA LYS A 54 -1.64 5.42 2.22
C LYS A 54 -2.38 5.15 0.91
N LYS A 55 -2.77 6.19 0.22
CA LYS A 55 -3.50 6.00 -1.06
C LYS A 55 -2.59 5.30 -2.08
N ARG A 56 -1.32 5.59 -2.07
CA ARG A 56 -0.40 4.95 -3.04
C ARG A 56 -0.10 3.51 -2.61
N ALA A 57 0.09 3.28 -1.34
CA ALA A 57 0.38 1.89 -0.90
C ALA A 57 -0.82 1.01 -1.25
N ALA A 58 -2.00 1.43 -0.86
CA ALA A 58 -3.22 0.61 -1.16
C ALA A 58 -3.42 0.50 -2.66
N GLU A 59 -3.53 1.60 -3.37
CA GLU A 59 -3.72 1.50 -4.85
C GLU A 59 -2.73 0.49 -5.38
N LYS A 60 -1.51 0.56 -4.92
CA LYS A 60 -0.48 -0.40 -5.38
C LYS A 60 -0.93 -1.82 -5.03
N MET A 61 -1.45 -1.99 -3.84
CA MET A 61 -1.92 -3.33 -3.40
C MET A 61 -3.11 -3.79 -4.25
N LEU A 62 -4.24 -3.16 -4.09
CA LEU A 62 -5.43 -3.57 -4.88
C LEU A 62 -5.00 -3.68 -6.33
N VAL A 63 -4.57 -2.61 -6.92
CA VAL A 63 -4.10 -2.67 -8.33
C VAL A 63 -3.22 -3.91 -8.51
N GLU A 64 -2.41 -4.21 -7.52
CA GLU A 64 -1.50 -5.39 -7.61
C GLU A 64 -2.29 -6.68 -7.83
N LEU A 65 -3.22 -7.00 -6.98
CA LEU A 65 -3.98 -8.29 -7.17
C LEU A 65 -5.42 -8.02 -7.57
N GLN A 66 -5.70 -6.89 -8.14
CA GLN A 66 -7.10 -6.59 -8.57
C GLN A 66 -7.17 -6.55 -10.09
N LYS A 67 -6.06 -6.37 -10.74
CA LYS A 67 -6.07 -6.31 -12.23
C LYS A 67 -5.65 -7.67 -12.80
N LEU A 68 -4.78 -8.37 -12.11
CA LEU A 68 -4.34 -9.69 -12.62
C LEU A 68 -5.37 -10.76 -12.25
N PRO A 1 -8.90 4.07 0.64
CA PRO A 1 -7.64 3.43 0.17
C PRO A 1 -7.20 2.37 1.18
N ILE A 2 -7.08 2.74 2.43
CA ILE A 2 -6.66 1.74 3.45
C ILE A 2 -7.86 0.90 3.87
N SER A 3 -8.86 1.52 4.43
CA SER A 3 -10.08 0.76 4.85
C SER A 3 -10.62 -0.04 3.67
N GLN A 4 -10.65 0.55 2.50
CA GLN A 4 -11.16 -0.19 1.31
C GLN A 4 -10.35 -1.48 1.13
N VAL A 5 -9.06 -1.37 1.10
CA VAL A 5 -8.24 -2.59 0.95
C VAL A 5 -8.62 -3.55 2.07
N HIS A 6 -8.30 -3.21 3.29
CA HIS A 6 -8.66 -4.07 4.44
C HIS A 6 -10.01 -4.74 4.18
N GLU A 7 -10.89 -4.03 3.52
CA GLU A 7 -12.24 -4.59 3.23
C GLU A 7 -12.15 -5.74 2.22
N ILE A 8 -11.51 -5.53 1.09
CA ILE A 8 -11.43 -6.65 0.09
C ILE A 8 -10.44 -7.70 0.61
N GLY A 9 -9.31 -7.27 1.08
CA GLY A 9 -8.29 -8.21 1.59
C GLY A 9 -8.93 -9.17 2.58
N ILE A 10 -9.60 -8.66 3.58
CA ILE A 10 -10.24 -9.57 4.56
C ILE A 10 -11.39 -10.35 3.88
N LYS A 11 -12.22 -9.66 3.15
CA LYS A 11 -13.36 -10.35 2.48
C LYS A 11 -12.84 -11.34 1.45
N ARG A 12 -11.58 -11.31 1.15
CA ARG A 12 -11.03 -12.26 0.14
C ARG A 12 -9.87 -13.05 0.75
N ASN A 13 -9.66 -12.92 2.02
CA ASN A 13 -8.53 -13.65 2.68
C ASN A 13 -7.22 -12.92 2.43
N MET A 14 -7.20 -11.95 1.56
CA MET A 14 -5.96 -11.20 1.28
C MET A 14 -5.65 -10.29 2.47
N THR A 15 -4.92 -10.79 3.44
CA THR A 15 -4.60 -9.94 4.63
C THR A 15 -4.21 -8.54 4.17
N VAL A 16 -4.47 -7.54 4.97
CA VAL A 16 -4.11 -6.16 4.56
C VAL A 16 -3.27 -5.53 5.67
N HIS A 17 -1.98 -5.45 5.49
CA HIS A 17 -1.12 -4.85 6.56
C HIS A 17 -0.34 -3.65 6.03
N PHE A 18 -0.85 -2.47 6.20
CA PHE A 18 -0.14 -1.26 5.70
C PHE A 18 0.94 -0.85 6.69
N LYS A 19 2.13 -0.63 6.20
CA LYS A 19 3.24 -0.22 7.08
C LYS A 19 4.21 0.62 6.26
N VAL A 20 4.30 1.89 6.54
CA VAL A 20 5.23 2.75 5.74
C VAL A 20 6.65 2.51 6.24
N LEU A 21 7.41 1.75 5.49
CA LEU A 21 8.82 1.46 5.90
C LEU A 21 9.75 2.52 5.34
N ARG A 22 9.36 3.20 4.29
CA ARG A 22 10.25 4.24 3.71
C ARG A 22 9.45 5.53 3.48
N GLU A 23 10.07 6.66 3.68
CA GLU A 23 9.35 7.95 3.48
C GLU A 23 10.22 8.90 2.65
N GLU A 24 9.78 9.21 1.45
CA GLU A 24 10.57 10.14 0.58
C GLU A 24 12.07 9.94 0.79
N GLY A 25 12.57 8.77 0.48
CA GLY A 25 14.03 8.52 0.66
C GLY A 25 14.49 9.09 2.01
N PRO A 26 15.67 9.65 2.02
CA PRO A 26 16.24 10.25 3.24
C PRO A 26 15.34 11.39 3.73
N ALA A 27 15.28 12.45 2.99
CA ALA A 27 14.42 13.61 3.41
C ALA A 27 14.28 14.59 2.24
N HIS A 28 13.39 14.30 1.32
CA HIS A 28 13.21 15.22 0.16
C HIS A 28 11.81 15.04 -0.43
N MET A 29 10.84 14.77 0.41
CA MET A 29 9.45 14.58 -0.09
C MET A 29 9.45 13.79 -1.40
N LYS A 30 10.40 12.93 -1.59
CA LYS A 30 10.46 12.14 -2.84
C LYS A 30 9.27 11.16 -2.90
N ASN A 31 9.48 9.91 -2.54
CA ASN A 31 8.37 8.93 -2.59
C ASN A 31 8.29 8.14 -1.28
N PHE A 32 7.09 7.77 -0.88
CA PHE A 32 6.93 6.98 0.37
C PHE A 32 6.66 5.52 0.00
N ILE A 33 7.50 4.60 0.41
CA ILE A 33 7.25 3.18 0.08
C ILE A 33 6.40 2.55 1.18
N THR A 34 5.12 2.58 1.01
CA THR A 34 4.23 1.99 2.04
C THR A 34 4.00 0.52 1.72
N ALA A 35 4.49 -0.36 2.55
CA ALA A 35 4.32 -1.82 2.30
C ALA A 35 2.93 -2.26 2.73
N CYS A 36 2.11 -2.73 1.82
CA CYS A 36 0.75 -3.19 2.21
C CYS A 36 0.70 -4.70 1.97
N ILE A 37 0.55 -5.48 3.01
CA ILE A 37 0.55 -6.96 2.85
C ILE A 37 -0.79 -7.41 2.29
N VAL A 38 -0.73 -8.28 1.32
CA VAL A 38 -1.96 -8.83 0.69
C VAL A 38 -1.83 -10.37 0.64
N GLY A 39 -2.86 -11.07 0.99
CA GLY A 39 -2.79 -12.56 0.97
C GLY A 39 -1.52 -13.04 1.69
N SER A 40 -0.72 -13.85 1.04
CA SER A 40 0.52 -14.35 1.69
C SER A 40 1.73 -13.62 1.11
N ILE A 41 1.51 -12.66 0.25
CA ILE A 41 2.65 -11.92 -0.36
C ILE A 41 2.49 -10.43 -0.04
N VAL A 42 3.57 -9.70 0.05
CA VAL A 42 3.44 -8.25 0.36
C VAL A 42 3.31 -7.45 -0.92
N THR A 43 2.82 -6.26 -0.80
CA THR A 43 2.65 -5.38 -1.99
C THR A 43 2.79 -3.93 -1.53
N GLU A 44 3.97 -3.38 -1.57
CA GLU A 44 4.13 -1.98 -1.09
C GLU A 44 3.72 -1.00 -2.20
N GLY A 45 3.94 0.26 -1.94
CA GLY A 45 3.57 1.29 -2.96
C GLY A 45 4.36 2.57 -2.69
N GLU A 46 5.27 2.91 -3.55
CA GLU A 46 6.08 4.12 -3.33
C GLU A 46 5.31 5.37 -3.72
N GLY A 47 4.37 5.78 -2.91
CA GLY A 47 3.59 7.01 -3.23
C GLY A 47 4.56 8.14 -3.59
N ASN A 48 4.09 9.24 -4.09
CA ASN A 48 5.01 10.35 -4.47
C ASN A 48 4.79 11.57 -3.57
N GLY A 49 5.61 11.72 -2.56
CA GLY A 49 5.50 12.90 -1.64
C GLY A 49 4.04 13.33 -1.46
N LYS A 50 3.83 14.57 -1.10
CA LYS A 50 2.44 15.08 -0.89
C LYS A 50 1.64 14.07 -0.06
N LYS A 51 0.37 14.30 0.12
CA LYS A 51 -0.45 13.34 0.90
C LYS A 51 -0.48 12.02 0.15
N VAL A 52 0.48 11.17 0.40
CA VAL A 52 0.53 9.87 -0.33
C VAL A 52 1.08 8.77 0.59
N SER A 53 1.59 7.72 0.02
CA SER A 53 2.17 6.61 0.83
C SER A 53 1.05 5.66 1.25
N LYS A 54 0.07 6.16 1.95
CA LYS A 54 -1.05 5.27 2.38
C LYS A 54 -2.01 5.07 1.21
N LYS A 55 -2.41 6.14 0.57
CA LYS A 55 -3.34 6.02 -0.58
C LYS A 55 -2.60 5.33 -1.75
N ARG A 56 -1.31 5.52 -1.84
CA ARG A 56 -0.56 4.88 -2.95
C ARG A 56 -0.30 3.42 -2.61
N ALA A 57 0.00 3.12 -1.38
CA ALA A 57 0.24 1.70 -1.00
C ALA A 57 -1.05 0.91 -1.24
N ALA A 58 -2.16 1.40 -0.75
CA ALA A 58 -3.46 0.69 -0.94
C ALA A 58 -3.84 0.67 -2.43
N GLU A 59 -3.89 1.80 -3.08
CA GLU A 59 -4.25 1.78 -4.53
C GLU A 59 -3.38 0.73 -5.21
N LYS A 60 -2.14 0.68 -4.85
CA LYS A 60 -1.21 -0.31 -5.43
C LYS A 60 -1.68 -1.71 -5.04
N MET A 61 -2.14 -1.85 -3.82
CA MET A 61 -2.62 -3.17 -3.33
C MET A 61 -3.88 -3.58 -4.10
N LEU A 62 -4.99 -2.93 -3.86
CA LEU A 62 -6.24 -3.29 -4.57
C LEU A 62 -5.97 -3.33 -6.08
N VAL A 63 -5.50 -2.25 -6.63
CA VAL A 63 -5.19 -2.25 -8.08
C VAL A 63 -4.40 -3.51 -8.41
N GLU A 64 -3.50 -3.88 -7.54
CA GLU A 64 -2.67 -5.10 -7.79
C GLU A 64 -3.56 -6.35 -7.89
N LEU A 65 -4.19 -6.75 -6.81
CA LEU A 65 -5.04 -7.98 -6.89
C LEU A 65 -5.96 -7.90 -8.11
N GLN A 66 -6.31 -6.72 -8.54
CA GLN A 66 -7.21 -6.60 -9.72
C GLN A 66 -6.62 -7.40 -10.89
N LYS A 67 -5.37 -7.20 -11.19
CA LYS A 67 -4.75 -7.95 -12.32
C LYS A 67 -4.60 -9.42 -11.93
N LEU A 68 -4.02 -9.68 -10.80
CA LEU A 68 -3.85 -11.09 -10.36
C LEU A 68 -5.22 -11.69 -10.02
N PRO A 1 -9.34 4.93 0.27
CA PRO A 1 -8.49 3.93 -0.43
C PRO A 1 -8.16 2.78 0.51
N ILE A 2 -7.92 3.07 1.76
CA ILE A 2 -7.60 2.00 2.74
C ILE A 2 -8.84 1.13 2.97
N SER A 3 -9.93 1.75 3.31
CA SER A 3 -11.19 0.98 3.55
C SER A 3 -11.47 0.11 2.32
N GLN A 4 -11.09 0.56 1.16
CA GLN A 4 -11.33 -0.26 -0.07
C GLN A 4 -10.50 -1.54 0.05
N VAL A 5 -9.22 -1.42 0.24
CA VAL A 5 -8.39 -2.64 0.38
C VAL A 5 -9.02 -3.47 1.49
N HIS A 6 -8.96 -2.99 2.71
CA HIS A 6 -9.56 -3.74 3.84
C HIS A 6 -10.83 -4.44 3.39
N GLU A 7 -11.62 -3.79 2.57
CA GLU A 7 -12.90 -4.41 2.10
C GLU A 7 -12.60 -5.67 1.28
N ILE A 8 -11.87 -5.54 0.21
CA ILE A 8 -11.58 -6.74 -0.64
C ILE A 8 -10.62 -7.68 0.09
N GLY A 9 -9.53 -7.16 0.58
CA GLY A 9 -8.54 -8.00 1.28
C GLY A 9 -9.25 -8.90 2.29
N ILE A 10 -10.10 -8.35 3.11
CA ILE A 10 -10.80 -9.20 4.10
C ILE A 10 -11.83 -10.10 3.39
N LYS A 11 -12.58 -9.55 2.49
CA LYS A 11 -13.62 -10.36 1.79
C LYS A 11 -12.95 -11.46 0.95
N ARG A 12 -11.66 -11.39 0.77
CA ARG A 12 -10.98 -12.44 -0.06
C ARG A 12 -9.87 -13.08 0.76
N ASN A 13 -9.87 -12.88 2.05
CA ASN A 13 -8.82 -13.48 2.91
C ASN A 13 -7.49 -12.75 2.70
N MET A 14 -7.42 -11.82 1.78
CA MET A 14 -6.15 -11.08 1.57
C MET A 14 -6.01 -10.00 2.64
N THR A 15 -5.39 -10.31 3.73
CA THR A 15 -5.23 -9.30 4.81
C THR A 15 -4.80 -7.96 4.21
N VAL A 16 -5.03 -6.89 4.92
CA VAL A 16 -4.65 -5.55 4.41
C VAL A 16 -3.83 -4.85 5.48
N HIS A 17 -2.53 -5.00 5.46
CA HIS A 17 -1.73 -4.34 6.52
C HIS A 17 -0.93 -3.16 5.95
N PHE A 18 -1.50 -1.99 6.00
CA PHE A 18 -0.80 -0.78 5.48
C PHE A 18 0.19 -0.28 6.53
N LYS A 19 1.46 -0.32 6.24
CA LYS A 19 2.46 0.16 7.23
C LYS A 19 3.67 0.72 6.50
N VAL A 20 3.96 1.98 6.67
CA VAL A 20 5.14 2.57 5.99
C VAL A 20 6.39 2.19 6.77
N LEU A 21 7.27 1.45 6.16
CA LEU A 21 8.49 1.01 6.89
C LEU A 21 9.75 1.58 6.24
N ARG A 22 9.61 2.43 5.25
CA ARG A 22 10.83 2.99 4.60
C ARG A 22 10.65 4.49 4.33
N GLU A 23 11.72 5.23 4.34
CA GLU A 23 11.63 6.70 4.08
C GLU A 23 12.68 7.09 3.03
N GLU A 24 12.26 7.66 1.94
CA GLU A 24 13.23 8.06 0.88
C GLU A 24 12.90 9.46 0.39
N GLY A 25 13.79 10.09 -0.34
CA GLY A 25 13.50 11.45 -0.86
C GLY A 25 14.60 12.42 -0.40
N PRO A 26 15.48 12.77 -1.31
CA PRO A 26 16.59 13.69 -1.01
C PRO A 26 16.04 15.04 -0.54
N ALA A 27 15.49 15.82 -1.44
CA ALA A 27 14.95 17.15 -1.04
C ALA A 27 14.06 17.70 -2.17
N HIS A 28 13.34 16.86 -2.86
CA HIS A 28 12.47 17.35 -3.96
C HIS A 28 11.44 16.28 -4.33
N MET A 29 11.15 15.38 -3.43
CA MET A 29 10.16 14.31 -3.72
C MET A 29 10.20 13.27 -2.60
N LYS A 30 9.47 13.51 -1.54
CA LYS A 30 9.47 12.53 -0.42
C LYS A 30 8.59 11.33 -0.79
N ASN A 31 9.16 10.16 -0.76
CA ASN A 31 8.36 8.94 -1.09
C ASN A 31 8.73 7.85 -0.10
N PHE A 32 7.77 7.31 0.60
CA PHE A 32 8.10 6.24 1.57
C PHE A 32 7.63 4.91 1.00
N ILE A 33 8.28 3.84 1.35
CA ILE A 33 7.81 2.53 0.83
C ILE A 33 6.75 2.02 1.77
N THR A 34 5.50 2.15 1.39
CA THR A 34 4.40 1.70 2.29
C THR A 34 4.10 0.23 2.03
N ALA A 35 4.41 -0.61 2.97
CA ALA A 35 4.15 -2.06 2.79
C ALA A 35 2.69 -2.38 3.08
N CYS A 36 1.95 -2.84 2.11
CA CYS A 36 0.54 -3.20 2.37
C CYS A 36 0.44 -4.72 2.26
N ILE A 37 0.18 -5.40 3.34
CA ILE A 37 0.14 -6.89 3.27
C ILE A 37 -1.15 -7.36 2.63
N VAL A 38 -1.03 -8.33 1.77
CA VAL A 38 -2.20 -8.92 1.07
C VAL A 38 -2.10 -10.44 1.18
N GLY A 39 -3.13 -11.08 1.67
CA GLY A 39 -3.08 -12.56 1.82
C GLY A 39 -1.89 -12.94 2.68
N SER A 40 -1.01 -13.76 2.15
CA SER A 40 0.19 -14.16 2.94
C SER A 40 1.45 -13.53 2.31
N ILE A 41 1.27 -12.72 1.31
CA ILE A 41 2.46 -12.08 0.66
C ILE A 41 2.41 -10.58 0.90
N VAL A 42 3.49 -9.88 0.73
CA VAL A 42 3.47 -8.41 0.97
C VAL A 42 3.44 -7.66 -0.36
N THR A 43 2.69 -6.60 -0.39
CA THR A 43 2.62 -5.76 -1.61
C THR A 43 2.79 -4.31 -1.16
N GLU A 44 4.00 -3.83 -1.15
CA GLU A 44 4.23 -2.43 -0.66
C GLU A 44 4.00 -1.42 -1.78
N GLY A 45 4.40 -0.21 -1.52
CA GLY A 45 4.25 0.88 -2.51
C GLY A 45 5.30 1.92 -2.17
N GLU A 46 5.38 3.01 -2.89
CA GLU A 46 6.43 4.01 -2.52
C GLU A 46 5.85 5.42 -2.51
N GLY A 47 5.03 5.72 -1.52
CA GLY A 47 4.46 7.11 -1.45
C GLY A 47 4.55 7.62 -0.01
N ASN A 48 4.26 8.89 0.20
CA ASN A 48 4.29 9.50 1.57
C ASN A 48 4.70 10.96 1.47
N GLY A 49 5.29 11.38 0.37
CA GLY A 49 5.71 12.79 0.26
C GLY A 49 4.62 13.72 0.81
N LYS A 50 3.40 13.52 0.40
CA LYS A 50 2.30 14.40 0.89
C LYS A 50 1.09 13.56 1.29
N LYS A 51 1.18 12.83 2.38
CA LYS A 51 0.04 11.98 2.82
C LYS A 51 -0.47 11.13 1.66
N VAL A 52 0.43 10.47 0.98
CA VAL A 52 0.01 9.62 -0.17
C VAL A 52 0.36 8.15 0.13
N SER A 53 1.36 7.96 0.95
CA SER A 53 1.80 6.57 1.31
C SER A 53 0.59 5.64 1.38
N LYS A 54 -0.31 5.90 2.28
CA LYS A 54 -1.51 5.03 2.38
C LYS A 54 -2.07 4.85 0.97
N LYS A 55 -2.27 5.92 0.26
CA LYS A 55 -2.79 5.82 -1.12
C LYS A 55 -1.85 4.95 -1.95
N ARG A 56 -0.78 5.52 -2.43
CA ARG A 56 0.21 4.74 -3.25
C ARG A 56 0.23 3.25 -2.86
N ALA A 57 0.65 2.94 -1.67
CA ALA A 57 0.71 1.53 -1.24
C ALA A 57 -0.59 0.79 -1.60
N ALA A 58 -1.72 1.30 -1.16
CA ALA A 58 -3.02 0.61 -1.42
C ALA A 58 -3.30 0.50 -2.93
N GLU A 59 -3.28 1.58 -3.66
CA GLU A 59 -3.54 1.45 -5.12
C GLU A 59 -2.66 0.34 -5.66
N LYS A 60 -1.46 0.25 -5.16
CA LYS A 60 -0.53 -0.82 -5.60
C LYS A 60 -1.13 -2.17 -5.21
N MET A 61 -1.69 -2.24 -4.03
CA MET A 61 -2.30 -3.49 -3.55
C MET A 61 -3.56 -3.83 -4.36
N LEU A 62 -4.63 -3.10 -4.15
CA LEU A 62 -5.89 -3.38 -4.88
C LEU A 62 -5.60 -3.52 -6.38
N VAL A 63 -4.86 -2.62 -6.94
CA VAL A 63 -4.54 -2.72 -8.38
C VAL A 63 -3.78 -4.04 -8.60
N GLU A 64 -2.93 -4.39 -7.67
CA GLU A 64 -2.15 -5.65 -7.80
C GLU A 64 -3.09 -6.85 -7.94
N LEU A 65 -3.96 -7.06 -6.97
CA LEU A 65 -4.88 -8.24 -7.06
C LEU A 65 -5.74 -8.14 -8.32
N GLN A 66 -6.14 -6.95 -8.70
CA GLN A 66 -6.99 -6.81 -9.91
C GLN A 66 -6.36 -7.56 -11.08
N LYS A 67 -5.06 -7.72 -11.06
CA LYS A 67 -4.37 -8.45 -12.16
C LYS A 67 -4.94 -9.86 -12.27
N LEU A 68 -4.95 -10.59 -11.19
CA LEU A 68 -5.47 -11.98 -11.22
C LEU A 68 -6.94 -11.95 -11.70
N PRO A 1 -8.06 5.66 1.30
CA PRO A 1 -7.35 4.40 0.86
C PRO A 1 -7.28 3.43 2.04
N ILE A 2 -6.98 2.18 1.75
CA ILE A 2 -6.89 1.14 2.81
C ILE A 2 -8.29 0.63 3.15
N SER A 3 -9.19 1.49 3.51
CA SER A 3 -10.57 1.03 3.82
C SER A 3 -11.02 0.06 2.72
N GLN A 4 -10.88 0.46 1.49
CA GLN A 4 -11.28 -0.44 0.37
C GLN A 4 -10.48 -1.73 0.49
N VAL A 5 -9.18 -1.63 0.61
CA VAL A 5 -8.36 -2.86 0.76
C VAL A 5 -8.99 -3.70 1.86
N HIS A 6 -8.79 -3.33 3.09
CA HIS A 6 -9.40 -4.08 4.23
C HIS A 6 -10.72 -4.72 3.79
N GLU A 7 -11.51 -4.01 3.05
CA GLU A 7 -12.81 -4.57 2.58
C GLU A 7 -12.57 -5.81 1.74
N ILE A 8 -11.93 -5.68 0.61
CA ILE A 8 -11.68 -6.86 -0.27
C ILE A 8 -10.65 -7.79 0.36
N GLY A 9 -9.54 -7.28 0.80
CA GLY A 9 -8.50 -8.12 1.40
C GLY A 9 -9.15 -9.07 2.41
N ILE A 10 -9.84 -8.55 3.38
CA ILE A 10 -10.48 -9.44 4.38
C ILE A 10 -11.63 -10.21 3.72
N LYS A 11 -12.29 -9.60 2.77
CA LYS A 11 -13.43 -10.28 2.10
C LYS A 11 -12.93 -11.32 1.11
N ARG A 12 -11.64 -11.41 0.92
CA ARG A 12 -11.10 -12.41 -0.05
C ARG A 12 -9.92 -13.15 0.60
N ASN A 13 -9.79 -13.06 1.89
CA ASN A 13 -8.67 -13.74 2.59
C ASN A 13 -7.39 -12.93 2.45
N MET A 14 -7.38 -11.93 1.61
CA MET A 14 -6.14 -11.11 1.45
C MET A 14 -5.98 -10.17 2.65
N THR A 15 -5.14 -10.52 3.59
CA THR A 15 -4.96 -9.64 4.78
C THR A 15 -4.68 -8.21 4.32
N VAL A 16 -4.60 -7.29 5.24
CA VAL A 16 -4.33 -5.88 4.85
C VAL A 16 -3.55 -5.22 5.98
N HIS A 17 -2.25 -5.30 5.95
CA HIS A 17 -1.46 -4.68 7.06
C HIS A 17 -0.67 -3.48 6.52
N PHE A 18 -1.21 -2.30 6.64
CA PHE A 18 -0.54 -1.08 6.13
C PHE A 18 0.56 -0.61 7.08
N LYS A 19 1.78 -0.58 6.61
CA LYS A 19 2.90 -0.10 7.46
C LYS A 19 3.98 0.51 6.56
N VAL A 20 4.34 1.75 6.77
CA VAL A 20 5.37 2.37 5.92
C VAL A 20 6.75 1.91 6.38
N LEU A 21 7.55 1.45 5.47
CA LEU A 21 8.90 0.95 5.83
C LEU A 21 9.91 2.10 5.80
N ARG A 22 9.61 3.14 5.08
CA ARG A 22 10.57 4.29 5.01
C ARG A 22 10.23 5.17 3.80
N GLU A 23 10.59 6.42 3.86
CA GLU A 23 10.30 7.34 2.72
C GLU A 23 11.59 7.55 1.92
N GLU A 24 11.86 6.69 0.98
CA GLU A 24 13.11 6.83 0.16
C GLU A 24 13.35 8.30 -0.18
N GLY A 25 14.59 8.71 -0.18
CA GLY A 25 14.91 10.13 -0.51
C GLY A 25 15.18 10.90 0.79
N PRO A 26 16.04 11.90 0.69
CA PRO A 26 16.40 12.73 1.84
C PRO A 26 15.18 13.49 2.37
N ALA A 27 14.84 14.57 1.75
CA ALA A 27 13.65 15.36 2.21
C ALA A 27 13.11 16.20 1.05
N HIS A 28 12.39 15.58 0.15
CA HIS A 28 11.85 16.34 -1.02
C HIS A 28 10.58 15.64 -1.53
N MET A 29 9.59 15.49 -0.69
CA MET A 29 8.34 14.81 -1.13
C MET A 29 8.68 13.60 -2.00
N LYS A 30 9.79 12.98 -1.74
CA LYS A 30 10.19 11.79 -2.56
C LYS A 30 9.11 10.71 -2.49
N ASN A 31 9.45 9.49 -2.81
CA ASN A 31 8.44 8.39 -2.78
C ASN A 31 8.41 7.75 -1.39
N PHE A 32 7.28 7.22 -1.02
CA PHE A 32 7.14 6.55 0.30
C PHE A 32 6.81 5.07 0.04
N ILE A 33 7.65 4.16 0.46
CA ILE A 33 7.35 2.73 0.22
C ILE A 33 6.49 2.22 1.35
N THR A 34 5.21 2.31 1.17
CA THR A 34 4.27 1.84 2.22
C THR A 34 3.98 0.36 1.99
N ALA A 35 4.46 -0.47 2.87
CA ALA A 35 4.23 -1.93 2.71
C ALA A 35 2.83 -2.31 3.17
N CYS A 36 1.99 -2.74 2.28
CA CYS A 36 0.63 -3.16 2.72
C CYS A 36 0.54 -4.68 2.55
N ILE A 37 0.32 -5.41 3.61
CA ILE A 37 0.30 -6.91 3.48
C ILE A 37 -1.03 -7.38 2.90
N VAL A 38 -0.94 -8.28 1.94
CA VAL A 38 -2.17 -8.86 1.33
C VAL A 38 -2.02 -10.38 1.31
N GLY A 39 -3.07 -11.08 1.59
CA GLY A 39 -3.02 -12.57 1.59
C GLY A 39 -1.85 -13.06 2.44
N SER A 40 -0.71 -13.25 1.84
CA SER A 40 0.47 -13.75 2.63
C SER A 40 1.75 -13.09 2.11
N ILE A 41 1.65 -12.22 1.15
CA ILE A 41 2.88 -11.57 0.61
C ILE A 41 2.78 -10.07 0.88
N VAL A 42 3.88 -9.37 0.85
CA VAL A 42 3.81 -7.91 1.11
C VAL A 42 3.68 -7.16 -0.21
N THR A 43 2.68 -6.35 -0.29
CA THR A 43 2.47 -5.53 -1.50
C THR A 43 2.61 -4.07 -1.07
N GLU A 44 3.81 -3.55 -1.12
CA GLU A 44 4.01 -2.14 -0.69
C GLU A 44 3.62 -1.19 -1.81
N GLY A 45 3.88 0.08 -1.62
CA GLY A 45 3.52 1.06 -2.68
C GLY A 45 4.31 2.35 -2.48
N GLU A 46 5.14 2.70 -3.43
CA GLU A 46 5.94 3.94 -3.29
C GLU A 46 5.07 5.15 -3.63
N GLY A 47 4.23 5.57 -2.71
CA GLY A 47 3.34 6.74 -2.98
C GLY A 47 4.13 8.05 -2.94
N ASN A 48 3.99 8.87 -3.95
CA ASN A 48 4.71 10.18 -3.97
C ASN A 48 4.50 10.92 -2.65
N GLY A 49 5.37 10.67 -1.71
CA GLY A 49 5.30 11.29 -0.35
C GLY A 49 4.66 12.68 -0.39
N LYS A 50 4.15 13.12 0.74
CA LYS A 50 3.48 14.45 0.86
C LYS A 50 1.97 14.24 0.75
N LYS A 51 1.43 13.43 1.62
CA LYS A 51 -0.03 13.16 1.57
C LYS A 51 -0.31 12.26 0.36
N VAL A 52 0.27 11.09 0.33
CA VAL A 52 0.05 10.19 -0.83
C VAL A 52 0.50 8.76 -0.49
N SER A 53 1.62 8.63 0.18
CA SER A 53 2.16 7.28 0.52
C SER A 53 1.03 6.27 0.79
N LYS A 54 0.39 6.36 1.90
CA LYS A 54 -0.70 5.38 2.23
C LYS A 54 -1.60 5.12 1.01
N LYS A 55 -2.10 6.15 0.39
CA LYS A 55 -2.99 5.97 -0.79
C LYS A 55 -2.31 5.09 -1.84
N ARG A 56 -1.03 5.29 -2.04
CA ARG A 56 -0.31 4.50 -3.07
C ARG A 56 -0.11 3.06 -2.59
N ALA A 57 0.11 2.86 -1.32
CA ALA A 57 0.30 1.46 -0.82
C ALA A 57 -1.01 0.69 -1.04
N ALA A 58 -2.10 1.23 -0.58
CA ALA A 58 -3.41 0.54 -0.74
C ALA A 58 -3.72 0.42 -2.23
N GLU A 59 -3.90 1.51 -2.91
CA GLU A 59 -4.20 1.41 -4.37
C GLU A 59 -3.16 0.50 -5.01
N LYS A 60 -2.00 0.43 -4.42
CA LYS A 60 -0.94 -0.44 -5.01
C LYS A 60 -1.38 -1.91 -4.94
N MET A 61 -1.76 -2.39 -3.78
CA MET A 61 -2.16 -3.82 -3.72
C MET A 61 -3.53 -4.01 -4.37
N LEU A 62 -4.51 -3.24 -3.98
CA LEU A 62 -5.86 -3.40 -4.59
C LEU A 62 -5.66 -3.42 -6.10
N VAL A 63 -5.05 -2.40 -6.63
CA VAL A 63 -4.79 -2.38 -8.09
C VAL A 63 -4.04 -3.66 -8.46
N GLU A 64 -3.15 -4.08 -7.60
CA GLU A 64 -2.39 -5.34 -7.87
C GLU A 64 -3.37 -6.49 -8.16
N LEU A 65 -4.05 -6.97 -7.15
CA LEU A 65 -5.01 -8.09 -7.38
C LEU A 65 -5.85 -7.80 -8.63
N GLN A 66 -6.22 -6.57 -8.86
CA GLN A 66 -7.05 -6.26 -10.06
C GLN A 66 -6.32 -6.70 -11.34
N LYS A 67 -5.06 -6.39 -11.45
CA LYS A 67 -4.30 -6.78 -12.66
C LYS A 67 -4.22 -8.30 -12.75
N LEU A 68 -4.08 -8.96 -11.63
CA LEU A 68 -4.00 -10.45 -11.64
C LEU A 68 -5.30 -11.03 -12.21
N PRO A 1 -7.48 5.43 -0.21
CA PRO A 1 -7.75 4.05 -0.71
C PRO A 1 -7.38 3.03 0.37
N ILE A 2 -7.62 3.34 1.61
CA ILE A 2 -7.28 2.38 2.70
C ILE A 2 -8.52 1.56 3.03
N SER A 3 -9.59 2.21 3.38
CA SER A 3 -10.84 1.46 3.71
C SER A 3 -11.23 0.59 2.52
N GLN A 4 -10.98 1.06 1.32
CA GLN A 4 -11.34 0.26 0.12
C GLN A 4 -10.53 -1.04 0.16
N VAL A 5 -9.24 -0.95 0.37
CA VAL A 5 -8.44 -2.20 0.45
C VAL A 5 -9.00 -3.02 1.59
N HIS A 6 -8.83 -2.54 2.79
CA HIS A 6 -9.37 -3.27 3.98
C HIS A 6 -10.69 -3.94 3.61
N GLU A 7 -11.45 -3.30 2.75
CA GLU A 7 -12.75 -3.90 2.34
C GLU A 7 -12.48 -5.15 1.51
N ILE A 8 -11.96 -4.99 0.33
CA ILE A 8 -11.69 -6.20 -0.52
C ILE A 8 -10.74 -7.15 0.23
N GLY A 9 -9.63 -6.65 0.69
CA GLY A 9 -8.65 -7.51 1.40
C GLY A 9 -9.34 -8.37 2.45
N ILE A 10 -10.17 -7.81 3.28
CA ILE A 10 -10.84 -8.64 4.31
C ILE A 10 -12.02 -9.39 3.70
N LYS A 11 -13.02 -8.66 3.27
CA LYS A 11 -14.22 -9.31 2.68
C LYS A 11 -13.83 -10.49 1.78
N ARG A 12 -12.64 -10.51 1.26
CA ARG A 12 -12.26 -11.65 0.39
C ARG A 12 -11.32 -12.58 1.17
N ASN A 13 -10.31 -12.00 1.77
CA ASN A 13 -9.32 -12.80 2.56
C ASN A 13 -7.96 -12.09 2.51
N MET A 14 -7.68 -11.40 1.43
CA MET A 14 -6.37 -10.70 1.29
C MET A 14 -6.17 -9.73 2.46
N THR A 15 -5.44 -10.13 3.46
CA THR A 15 -5.23 -9.21 4.62
C THR A 15 -4.85 -7.82 4.10
N VAL A 16 -5.04 -6.82 4.90
CA VAL A 16 -4.70 -5.43 4.46
C VAL A 16 -3.86 -4.76 5.54
N HIS A 17 -2.58 -5.01 5.57
CA HIS A 17 -1.77 -4.37 6.65
C HIS A 17 -0.83 -3.29 6.07
N PHE A 18 -1.32 -2.07 5.99
CA PHE A 18 -0.50 -0.95 5.45
C PHE A 18 0.53 -0.51 6.48
N LYS A 19 1.78 -0.58 6.14
CA LYS A 19 2.84 -0.14 7.07
C LYS A 19 3.97 0.48 6.26
N VAL A 20 4.26 1.73 6.43
CA VAL A 20 5.34 2.36 5.62
C VAL A 20 6.68 1.97 6.23
N LEU A 21 7.44 1.21 5.50
CA LEU A 21 8.76 0.74 6.01
C LEU A 21 9.91 1.40 5.24
N ARG A 22 9.65 2.46 4.53
CA ARG A 22 10.75 3.11 3.77
C ARG A 22 10.53 4.62 3.69
N GLU A 23 11.58 5.37 3.50
CA GLU A 23 11.45 6.86 3.40
C GLU A 23 12.64 7.41 2.63
N GLU A 24 12.41 8.06 1.52
CA GLU A 24 13.53 8.61 0.72
C GLU A 24 13.17 9.98 0.17
N GLY A 25 14.12 10.67 -0.42
CA GLY A 25 13.83 12.02 -0.99
C GLY A 25 14.75 13.06 -0.36
N PRO A 26 15.13 14.04 -1.14
CA PRO A 26 16.02 15.12 -0.68
C PRO A 26 15.34 15.90 0.45
N ALA A 27 14.31 16.64 0.12
CA ALA A 27 13.61 17.43 1.16
C ALA A 27 12.31 18.01 0.58
N HIS A 28 11.68 17.30 -0.32
CA HIS A 28 10.41 17.81 -0.90
C HIS A 28 9.61 16.65 -1.50
N MET A 29 10.08 16.09 -2.57
CA MET A 29 9.36 14.95 -3.20
C MET A 29 9.79 13.65 -2.52
N LYS A 30 9.62 13.54 -1.24
CA LYS A 30 10.03 12.31 -0.51
C LYS A 30 9.02 11.19 -0.79
N ASN A 31 9.46 10.14 -1.44
CA ASN A 31 8.54 9.01 -1.72
C ASN A 31 8.70 7.97 -0.62
N PHE A 32 7.64 7.32 -0.24
CA PHE A 32 7.75 6.30 0.83
C PHE A 32 7.27 4.95 0.30
N ILE A 33 7.95 3.89 0.66
CA ILE A 33 7.52 2.55 0.19
C ILE A 33 6.54 2.00 1.22
N THR A 34 5.28 2.15 0.99
CA THR A 34 4.29 1.65 1.98
C THR A 34 3.97 0.19 1.67
N ALA A 35 4.22 -0.68 2.59
CA ALA A 35 3.96 -2.13 2.37
C ALA A 35 2.59 -2.53 2.93
N CYS A 36 1.66 -2.90 2.09
CA CYS A 36 0.36 -3.37 2.65
C CYS A 36 0.38 -4.88 2.58
N ILE A 37 0.14 -5.55 3.66
CA ILE A 37 0.17 -7.03 3.59
C ILE A 37 -1.09 -7.52 2.91
N VAL A 38 -0.91 -8.42 1.97
CA VAL A 38 -2.05 -8.97 1.20
C VAL A 38 -2.03 -10.51 1.32
N GLY A 39 -3.15 -11.11 1.65
CA GLY A 39 -3.19 -12.60 1.77
C GLY A 39 -1.94 -13.09 2.49
N SER A 40 -1.03 -13.71 1.78
CA SER A 40 0.21 -14.22 2.43
C SER A 40 1.43 -13.50 1.85
N ILE A 41 1.24 -12.71 0.83
CA ILE A 41 2.38 -11.97 0.24
C ILE A 41 2.18 -10.47 0.49
N VAL A 42 3.25 -9.73 0.63
CA VAL A 42 3.08 -8.27 0.90
C VAL A 42 3.05 -7.48 -0.39
N THR A 43 2.05 -6.67 -0.54
CA THR A 43 1.96 -5.80 -1.75
C THR A 43 2.35 -4.38 -1.33
N GLU A 44 3.58 -4.02 -1.48
CA GLU A 44 4.00 -2.65 -1.08
C GLU A 44 3.97 -1.73 -2.31
N GLY A 45 4.30 -0.48 -2.11
CA GLY A 45 4.29 0.48 -3.25
C GLY A 45 5.08 1.72 -2.84
N GLU A 46 5.42 2.57 -3.75
CA GLU A 46 6.20 3.78 -3.36
C GLU A 46 5.37 5.04 -3.60
N GLY A 47 4.66 5.49 -2.61
CA GLY A 47 3.84 6.71 -2.77
C GLY A 47 4.76 7.95 -2.80
N ASN A 48 4.24 9.08 -3.19
CA ASN A 48 5.09 10.30 -3.24
C ASN A 48 4.65 11.29 -2.14
N GLY A 49 5.27 11.21 -0.99
CA GLY A 49 4.89 12.13 0.11
C GLY A 49 4.90 11.36 1.44
N LYS A 50 4.15 11.81 2.41
CA LYS A 50 4.13 11.11 3.71
C LYS A 50 2.75 10.48 3.93
N LYS A 51 1.70 11.22 3.68
CA LYS A 51 0.33 10.67 3.88
C LYS A 51 -0.12 9.98 2.59
N VAL A 52 0.56 10.24 1.50
CA VAL A 52 0.16 9.60 0.21
C VAL A 52 0.61 8.14 0.20
N SER A 53 1.78 7.87 0.72
CA SER A 53 2.31 6.48 0.74
C SER A 53 1.18 5.48 1.03
N LYS A 54 0.21 5.85 1.81
CA LYS A 54 -0.92 4.91 2.11
C LYS A 54 -1.82 4.79 0.88
N LYS A 55 -2.18 5.88 0.28
CA LYS A 55 -3.05 5.82 -0.93
C LYS A 55 -2.34 5.00 -2.01
N ARG A 56 -1.12 5.36 -2.32
CA ARG A 56 -0.36 4.62 -3.36
C ARG A 56 -0.20 3.16 -2.98
N ALA A 57 0.48 2.88 -1.89
CA ALA A 57 0.67 1.47 -1.47
C ALA A 57 -0.63 0.71 -1.64
N ALA A 58 -1.72 1.26 -1.16
CA ALA A 58 -3.03 0.55 -1.30
C ALA A 58 -3.28 0.25 -2.77
N GLU A 59 -3.25 1.24 -3.63
CA GLU A 59 -3.47 0.96 -5.07
C GLU A 59 -2.59 -0.23 -5.45
N LYS A 60 -1.44 -0.33 -4.84
CA LYS A 60 -0.53 -1.46 -5.14
C LYS A 60 -1.17 -2.77 -4.68
N MET A 61 -1.73 -2.77 -3.50
CA MET A 61 -2.37 -4.00 -2.97
C MET A 61 -3.58 -4.38 -3.84
N LEU A 62 -4.55 -3.51 -3.93
CA LEU A 62 -5.76 -3.81 -4.75
C LEU A 62 -5.33 -4.13 -6.18
N VAL A 63 -4.71 -3.19 -6.84
CA VAL A 63 -4.25 -3.45 -8.23
C VAL A 63 -3.48 -4.76 -8.27
N GLU A 64 -2.76 -5.06 -7.22
CA GLU A 64 -1.97 -6.32 -7.18
C GLU A 64 -2.91 -7.53 -7.33
N LEU A 65 -3.80 -7.73 -6.39
CA LEU A 65 -4.72 -8.90 -6.49
C LEU A 65 -5.55 -8.81 -7.78
N GLN A 66 -5.70 -7.63 -8.33
CA GLN A 66 -6.49 -7.49 -9.58
C GLN A 66 -5.63 -7.86 -10.80
N LYS A 67 -4.35 -7.76 -10.67
CA LYS A 67 -3.46 -8.10 -11.83
C LYS A 67 -3.30 -9.62 -11.91
N LEU A 68 -3.27 -10.29 -10.79
CA LEU A 68 -3.12 -11.76 -10.80
C LEU A 68 -4.40 -12.41 -11.34
N PRO A 1 -8.02 4.92 1.32
CA PRO A 1 -7.12 3.96 0.62
C PRO A 1 -6.88 2.74 1.51
N ILE A 2 -6.62 2.95 2.77
CA ILE A 2 -6.38 1.79 3.68
C ILE A 2 -7.71 1.07 3.94
N SER A 3 -8.70 1.78 4.40
CA SER A 3 -10.02 1.14 4.67
C SER A 3 -10.50 0.40 3.42
N GLN A 4 -10.25 0.96 2.26
CA GLN A 4 -10.69 0.29 1.00
C GLN A 4 -10.05 -1.10 0.93
N VAL A 5 -8.74 -1.15 0.91
CA VAL A 5 -8.08 -2.47 0.86
C VAL A 5 -8.66 -3.33 1.98
N HIS A 6 -8.40 -2.95 3.21
CA HIS A 6 -8.95 -3.73 4.35
C HIS A 6 -10.35 -4.25 4.01
N GLU A 7 -11.11 -3.49 3.27
CA GLU A 7 -12.49 -3.93 2.92
C GLU A 7 -12.43 -5.11 1.93
N ILE A 8 -11.68 -4.99 0.87
CA ILE A 8 -11.62 -6.12 -0.11
C ILE A 8 -10.76 -7.25 0.48
N GLY A 9 -9.60 -6.92 0.97
CA GLY A 9 -8.71 -7.95 1.55
C GLY A 9 -9.48 -8.80 2.55
N ILE A 10 -10.17 -8.20 3.48
CA ILE A 10 -10.93 -9.01 4.47
C ILE A 10 -12.11 -9.71 3.76
N LYS A 11 -12.86 -9.00 2.97
CA LYS A 11 -14.02 -9.63 2.28
C LYS A 11 -13.54 -10.71 1.31
N ARG A 12 -12.26 -10.76 1.05
CA ARG A 12 -11.74 -11.78 0.11
C ARG A 12 -10.72 -12.68 0.81
N ASN A 13 -10.59 -12.54 2.10
CA ASN A 13 -9.60 -13.37 2.85
C ASN A 13 -8.20 -12.78 2.69
N MET A 14 -8.02 -11.84 1.81
CA MET A 14 -6.68 -11.23 1.62
C MET A 14 -6.39 -10.30 2.81
N THR A 15 -5.52 -10.72 3.68
CA THR A 15 -5.19 -9.88 4.86
C THR A 15 -4.60 -8.54 4.41
N VAL A 16 -5.03 -7.46 5.00
CA VAL A 16 -4.47 -6.13 4.60
C VAL A 16 -3.61 -5.58 5.73
N HIS A 17 -2.32 -5.48 5.51
CA HIS A 17 -1.44 -4.92 6.59
C HIS A 17 -0.53 -3.85 6.01
N PHE A 18 -0.83 -2.60 6.25
CA PHE A 18 0.01 -1.50 5.69
C PHE A 18 1.13 -1.13 6.66
N LYS A 19 2.31 -0.94 6.16
CA LYS A 19 3.46 -0.55 7.03
C LYS A 19 4.43 0.28 6.19
N VAL A 20 4.53 1.55 6.46
CA VAL A 20 5.46 2.39 5.66
C VAL A 20 6.89 2.13 6.16
N LEU A 21 7.74 1.72 5.28
CA LEU A 21 9.14 1.39 5.66
C LEU A 21 10.10 2.47 5.16
N ARG A 22 9.66 3.31 4.27
CA ARG A 22 10.58 4.36 3.74
C ARG A 22 10.00 5.75 3.98
N GLU A 23 10.86 6.73 4.16
CA GLU A 23 10.40 8.11 4.39
C GLU A 23 11.53 9.09 4.03
N GLU A 24 11.56 9.56 2.80
CA GLU A 24 12.63 10.51 2.40
C GLU A 24 12.66 11.71 3.35
N GLY A 25 13.35 12.75 2.99
CA GLY A 25 13.41 13.95 3.88
C GLY A 25 12.53 15.08 3.31
N PRO A 26 12.95 16.29 3.52
CA PRO A 26 12.21 17.47 3.04
C PRO A 26 12.07 17.44 1.51
N ALA A 27 13.10 17.82 0.81
CA ALA A 27 13.02 17.81 -0.68
C ALA A 27 14.06 16.85 -1.25
N HIS A 28 13.78 15.58 -1.24
CA HIS A 28 14.75 14.58 -1.78
C HIS A 28 13.99 13.30 -2.15
N MET A 29 13.49 13.23 -3.35
CA MET A 29 12.73 12.01 -3.75
C MET A 29 11.66 11.73 -2.69
N LYS A 30 11.10 12.76 -2.12
CA LYS A 30 10.07 12.58 -1.08
C LYS A 30 9.10 11.45 -1.48
N ASN A 31 9.38 10.25 -1.04
CA ASN A 31 8.49 9.11 -1.38
C ASN A 31 8.35 8.21 -0.17
N PHE A 32 7.60 7.14 -0.30
CA PHE A 32 7.42 6.22 0.84
C PHE A 32 7.13 4.81 0.30
N ILE A 33 7.94 3.85 0.66
CA ILE A 33 7.68 2.46 0.19
C ILE A 33 6.77 1.82 1.24
N THR A 34 5.50 1.91 1.04
CA THR A 34 4.55 1.36 2.02
C THR A 34 4.28 -0.12 1.71
N ALA A 35 4.77 -0.98 2.55
CA ALA A 35 4.55 -2.44 2.34
C ALA A 35 3.14 -2.78 2.79
N CYS A 36 2.34 -3.34 1.91
CA CYS A 36 0.96 -3.68 2.32
C CYS A 36 0.71 -5.14 2.01
N ILE A 37 0.56 -5.96 3.02
CA ILE A 37 0.36 -7.41 2.78
C ILE A 37 -1.08 -7.69 2.37
N VAL A 38 -1.22 -8.54 1.37
CA VAL A 38 -2.57 -8.96 0.88
C VAL A 38 -2.58 -10.50 0.87
N GLY A 39 -3.57 -11.10 1.47
CA GLY A 39 -3.62 -12.59 1.49
C GLY A 39 -2.29 -13.15 2.01
N SER A 40 -1.60 -13.90 1.20
CA SER A 40 -0.31 -14.49 1.66
C SER A 40 0.86 -13.83 0.90
N ILE A 41 0.56 -12.91 0.02
CA ILE A 41 1.65 -12.24 -0.74
C ILE A 41 1.68 -10.75 -0.38
N VAL A 42 2.83 -10.21 -0.12
CA VAL A 42 2.88 -8.76 0.25
C VAL A 42 3.22 -7.92 -0.96
N THR A 43 2.61 -6.78 -1.04
CA THR A 43 2.91 -5.84 -2.15
C THR A 43 3.05 -4.43 -1.56
N GLU A 44 4.21 -3.87 -1.59
CA GLU A 44 4.39 -2.51 -1.03
C GLU A 44 4.01 -1.48 -2.09
N GLY A 45 4.28 -0.24 -1.83
CA GLY A 45 3.92 0.81 -2.84
C GLY A 45 4.74 2.07 -2.58
N GLU A 46 5.68 2.37 -3.42
CA GLU A 46 6.51 3.58 -3.21
C GLU A 46 5.73 4.82 -3.64
N GLY A 47 4.84 5.28 -2.82
CA GLY A 47 4.05 6.50 -3.16
C GLY A 47 4.85 7.74 -2.76
N ASN A 48 4.90 8.73 -3.61
CA ASN A 48 5.68 9.96 -3.28
C ASN A 48 5.30 10.51 -1.89
N GLY A 49 5.59 11.75 -1.65
CA GLY A 49 5.30 12.38 -0.33
C GLY A 49 3.88 12.05 0.14
N LYS A 50 3.52 12.53 1.31
CA LYS A 50 2.15 12.26 1.84
C LYS A 50 1.11 12.51 0.75
N LYS A 51 -0.13 12.22 1.01
CA LYS A 51 -1.17 12.43 -0.04
C LYS A 51 -0.80 11.56 -1.23
N VAL A 52 -0.21 10.43 -0.98
CA VAL A 52 0.21 9.53 -2.09
C VAL A 52 0.87 8.27 -1.51
N SER A 53 1.52 8.40 -0.38
CA SER A 53 2.20 7.23 0.23
C SER A 53 1.20 6.10 0.48
N LYS A 54 0.47 6.19 1.55
CA LYS A 54 -0.52 5.12 1.87
C LYS A 54 -1.41 4.84 0.65
N LYS A 55 -2.04 5.85 0.11
CA LYS A 55 -2.92 5.62 -1.07
C LYS A 55 -2.15 4.88 -2.16
N ARG A 56 -0.86 5.06 -2.22
CA ARG A 56 -0.04 4.37 -3.24
C ARG A 56 0.11 2.89 -2.86
N ALA A 57 0.41 2.62 -1.63
CA ALA A 57 0.57 1.20 -1.20
C ALA A 57 -0.77 0.47 -1.44
N ALA A 58 -1.83 0.96 -0.86
CA ALA A 58 -3.16 0.31 -1.04
C ALA A 58 -3.50 0.18 -2.52
N GLU A 59 -3.34 1.23 -3.28
CA GLU A 59 -3.64 1.12 -4.73
C GLU A 59 -2.84 -0.05 -5.26
N LYS A 60 -1.63 -0.19 -4.79
CA LYS A 60 -0.77 -1.31 -5.23
C LYS A 60 -1.45 -2.63 -4.84
N MET A 61 -2.07 -2.65 -3.68
CA MET A 61 -2.76 -3.89 -3.21
C MET A 61 -4.00 -4.18 -4.05
N LEU A 62 -5.03 -3.39 -3.88
CA LEU A 62 -6.28 -3.65 -4.65
C LEU A 62 -5.94 -3.82 -6.13
N VAL A 63 -5.16 -2.93 -6.67
CA VAL A 63 -4.76 -3.07 -8.10
C VAL A 63 -4.02 -4.40 -8.26
N GLU A 64 -3.22 -4.75 -7.28
CA GLU A 64 -2.45 -6.03 -7.36
C GLU A 64 -3.41 -7.21 -7.59
N LEU A 65 -4.31 -7.44 -6.68
CA LEU A 65 -5.25 -8.59 -6.85
C LEU A 65 -6.08 -8.43 -8.13
N GLN A 66 -6.42 -7.22 -8.50
CA GLN A 66 -7.23 -7.05 -9.74
C GLN A 66 -6.40 -7.47 -10.95
N LYS A 67 -5.11 -7.35 -10.88
CA LYS A 67 -4.26 -7.76 -12.05
C LYS A 67 -4.28 -9.28 -12.18
N LEU A 68 -4.43 -9.98 -11.08
CA LEU A 68 -4.45 -11.46 -11.14
C LEU A 68 -5.67 -11.93 -11.95
N PRO A 1 -6.64 4.47 -0.50
CA PRO A 1 -7.65 3.37 -0.61
C PRO A 1 -7.45 2.35 0.51
N ILE A 2 -7.32 2.82 1.73
CA ILE A 2 -7.11 1.86 2.85
C ILE A 2 -8.41 1.09 3.09
N SER A 3 -9.48 1.79 3.36
CA SER A 3 -10.77 1.10 3.61
C SER A 3 -11.11 0.20 2.42
N GLN A 4 -10.82 0.64 1.22
CA GLN A 4 -11.11 -0.20 0.03
C GLN A 4 -10.32 -1.50 0.15
N VAL A 5 -9.03 -1.41 0.30
CA VAL A 5 -8.22 -2.66 0.44
C VAL A 5 -8.86 -3.48 1.54
N HIS A 6 -8.75 -3.04 2.76
CA HIS A 6 -9.34 -3.79 3.90
C HIS A 6 -10.65 -4.45 3.45
N GLU A 7 -11.41 -3.76 2.64
CA GLU A 7 -12.70 -4.34 2.16
C GLU A 7 -12.44 -5.60 1.34
N ILE A 8 -11.77 -5.48 0.22
CA ILE A 8 -11.51 -6.69 -0.62
C ILE A 8 -10.54 -7.64 0.09
N GLY A 9 -9.45 -7.15 0.58
CA GLY A 9 -8.46 -8.01 1.26
C GLY A 9 -9.18 -8.91 2.26
N ILE A 10 -9.91 -8.34 3.17
CA ILE A 10 -10.62 -9.18 4.17
C ILE A 10 -11.76 -9.94 3.48
N LYS A 11 -12.33 -9.36 2.45
CA LYS A 11 -13.46 -10.03 1.76
C LYS A 11 -12.93 -11.10 0.80
N ARG A 12 -11.64 -11.21 0.67
CA ARG A 12 -11.07 -12.24 -0.26
C ARG A 12 -9.97 -13.01 0.45
N ASN A 13 -9.90 -12.89 1.76
CA ASN A 13 -8.84 -13.62 2.52
C ASN A 13 -7.52 -12.85 2.44
N MET A 14 -7.44 -11.85 1.59
CA MET A 14 -6.17 -11.08 1.48
C MET A 14 -6.06 -10.14 2.68
N THR A 15 -5.30 -10.51 3.67
CA THR A 15 -5.15 -9.61 4.85
C THR A 15 -4.71 -8.23 4.39
N VAL A 16 -5.20 -7.20 4.99
CA VAL A 16 -4.79 -5.83 4.56
C VAL A 16 -4.00 -5.16 5.69
N HIS A 17 -2.69 -5.25 5.66
CA HIS A 17 -1.92 -4.60 6.76
C HIS A 17 -0.98 -3.54 6.18
N PHE A 18 -1.35 -2.28 6.31
CA PHE A 18 -0.50 -1.19 5.77
C PHE A 18 0.55 -0.78 6.80
N LYS A 19 1.79 -0.79 6.42
CA LYS A 19 2.86 -0.39 7.36
C LYS A 19 3.88 0.45 6.59
N VAL A 20 4.01 1.70 6.92
CA VAL A 20 4.98 2.56 6.18
C VAL A 20 6.39 2.28 6.71
N LEU A 21 7.29 2.01 5.81
CA LEU A 21 8.69 1.69 6.23
C LEU A 21 9.63 2.80 5.81
N ARG A 22 9.18 3.71 5.00
CA ARG A 22 10.08 4.83 4.57
C ARG A 22 9.31 6.14 4.53
N GLU A 23 10.01 7.23 4.35
CA GLU A 23 9.32 8.56 4.31
C GLU A 23 10.00 9.47 3.30
N GLU A 24 10.74 8.94 2.38
CA GLU A 24 11.44 9.80 1.38
C GLU A 24 12.57 9.02 0.71
N GLY A 25 12.77 9.22 -0.56
CA GLY A 25 13.87 8.50 -1.27
C GLY A 25 15.19 9.24 -0.98
N PRO A 26 16.00 9.39 -2.00
CA PRO A 26 17.28 10.10 -1.85
C PRO A 26 17.03 11.54 -1.38
N ALA A 27 16.04 12.17 -1.94
CA ALA A 27 15.73 13.57 -1.54
C ALA A 27 14.65 14.14 -2.44
N HIS A 28 15.00 14.53 -3.64
CA HIS A 28 14.02 15.11 -4.59
C HIS A 28 12.67 14.39 -4.47
N MET A 29 11.62 15.14 -4.21
CA MET A 29 10.27 14.51 -4.09
C MET A 29 10.22 13.63 -2.84
N LYS A 30 9.69 14.14 -1.75
CA LYS A 30 9.59 13.31 -0.52
C LYS A 30 8.59 12.18 -0.76
N ASN A 31 9.07 10.98 -0.94
CA ASN A 31 8.16 9.83 -1.20
C ASN A 31 8.09 8.89 0.00
N PHE A 32 6.92 8.39 0.28
CA PHE A 32 6.76 7.45 1.42
C PHE A 32 6.52 6.04 0.86
N ILE A 33 7.29 5.08 1.29
CA ILE A 33 7.08 3.69 0.79
C ILE A 33 6.22 2.97 1.83
N THR A 34 5.11 2.44 1.42
CA THR A 34 4.25 1.75 2.42
C THR A 34 4.05 0.29 2.06
N ALA A 35 4.51 -0.59 2.90
CA ALA A 35 4.35 -2.05 2.64
C ALA A 35 2.93 -2.48 3.02
N CYS A 36 2.11 -2.85 2.08
CA CYS A 36 0.73 -3.28 2.43
C CYS A 36 0.64 -4.79 2.20
N ILE A 37 0.52 -5.56 3.25
CA ILE A 37 0.47 -7.04 3.08
C ILE A 37 -0.91 -7.51 2.64
N VAL A 38 -0.91 -8.44 1.70
CA VAL A 38 -2.18 -9.05 1.18
C VAL A 38 -2.07 -10.57 1.33
N GLY A 39 -3.12 -11.19 1.78
CA GLY A 39 -3.11 -12.68 1.94
C GLY A 39 -1.77 -13.14 2.53
N SER A 40 -0.80 -13.41 1.70
CA SER A 40 0.52 -13.88 2.22
C SER A 40 1.67 -13.18 1.50
N ILE A 41 1.39 -12.41 0.48
CA ILE A 41 2.47 -11.72 -0.26
C ILE A 41 2.39 -10.22 0.07
N VAL A 42 3.49 -9.59 0.33
CA VAL A 42 3.42 -8.13 0.66
C VAL A 42 3.57 -7.28 -0.58
N THR A 43 2.67 -6.38 -0.76
CA THR A 43 2.73 -5.45 -1.92
C THR A 43 2.92 -4.05 -1.36
N GLU A 44 4.12 -3.55 -1.33
CA GLU A 44 4.32 -2.19 -0.77
C GLU A 44 4.02 -1.15 -1.84
N GLY A 45 4.26 0.09 -1.54
CA GLY A 45 4.00 1.16 -2.54
C GLY A 45 4.99 2.28 -2.31
N GLU A 46 5.00 3.26 -3.18
CA GLU A 46 5.94 4.39 -3.00
C GLU A 46 5.22 5.68 -3.37
N GLY A 47 4.38 6.16 -2.49
CA GLY A 47 3.65 7.41 -2.80
C GLY A 47 4.52 8.61 -2.41
N ASN A 48 3.92 9.76 -2.24
CA ASN A 48 4.73 10.94 -1.85
C ASN A 48 4.78 11.00 -0.31
N GLY A 49 5.07 12.13 0.24
CA GLY A 49 5.12 12.25 1.72
C GLY A 49 3.91 13.05 2.22
N LYS A 50 3.32 12.63 3.30
CA LYS A 50 2.14 13.35 3.85
C LYS A 50 0.87 12.96 3.10
N LYS A 51 -0.15 12.56 3.81
CA LYS A 51 -1.45 12.14 3.18
C LYS A 51 -1.21 11.57 1.79
N VAL A 52 -0.63 10.41 1.71
CA VAL A 52 -0.37 9.79 0.38
C VAL A 52 0.28 8.42 0.57
N SER A 53 1.22 8.32 1.46
CA SER A 53 1.90 7.01 1.69
C SER A 53 0.84 5.91 1.84
N LYS A 54 -0.06 6.08 2.76
CA LYS A 54 -1.11 5.05 2.98
C LYS A 54 -1.87 4.78 1.67
N LYS A 55 -2.66 5.74 1.23
CA LYS A 55 -3.43 5.55 -0.04
C LYS A 55 -2.54 4.86 -1.07
N ARG A 56 -1.55 5.55 -1.55
CA ARG A 56 -0.63 4.99 -2.58
C ARG A 56 -0.39 3.49 -2.31
N ALA A 57 0.20 3.15 -1.20
CA ALA A 57 0.46 1.71 -0.91
C ALA A 57 -0.80 0.90 -1.26
N ALA A 58 -1.95 1.34 -0.79
CA ALA A 58 -3.22 0.61 -1.09
C ALA A 58 -3.41 0.46 -2.60
N GLU A 59 -3.46 1.54 -3.33
CA GLU A 59 -3.65 1.42 -4.81
C GLU A 59 -2.70 0.34 -5.32
N LYS A 60 -1.48 0.36 -4.87
CA LYS A 60 -0.50 -0.66 -5.30
C LYS A 60 -1.06 -2.04 -4.96
N MET A 61 -1.62 -2.17 -3.80
CA MET A 61 -2.19 -3.47 -3.35
C MET A 61 -3.41 -3.83 -4.21
N LEU A 62 -4.51 -3.16 -4.03
CA LEU A 62 -5.72 -3.49 -4.83
C LEU A 62 -5.31 -3.63 -6.29
N VAL A 63 -4.78 -2.59 -6.88
CA VAL A 63 -4.34 -2.69 -8.29
C VAL A 63 -3.52 -3.97 -8.47
N GLU A 64 -2.71 -4.30 -7.49
CA GLU A 64 -1.87 -5.53 -7.59
C GLU A 64 -2.75 -6.77 -7.77
N LEU A 65 -3.54 -7.12 -6.79
CA LEU A 65 -4.40 -8.33 -6.92
C LEU A 65 -5.24 -8.26 -8.20
N GLN A 66 -5.57 -7.09 -8.67
CA GLN A 66 -6.39 -6.99 -9.91
C GLN A 66 -5.59 -7.55 -11.09
N LYS A 67 -4.31 -7.31 -11.13
CA LYS A 67 -3.49 -7.82 -12.25
C LYS A 67 -3.61 -9.35 -12.33
N LEU A 68 -3.73 -10.00 -11.21
CA LEU A 68 -3.86 -11.48 -11.21
C LEU A 68 -5.08 -11.90 -12.03
N PRO A 1 -9.26 4.25 -0.29
CA PRO A 1 -8.03 3.44 -0.60
C PRO A 1 -7.81 2.40 0.50
N ILE A 2 -7.72 2.83 1.73
CA ILE A 2 -7.49 1.88 2.85
C ILE A 2 -8.77 1.05 3.08
N SER A 3 -9.85 1.70 3.42
CA SER A 3 -11.12 0.96 3.66
C SER A 3 -11.40 0.04 2.45
N GLN A 4 -11.11 0.51 1.27
CA GLN A 4 -11.36 -0.33 0.07
C GLN A 4 -10.49 -1.59 0.16
N VAL A 5 -9.22 -1.43 0.39
CA VAL A 5 -8.35 -2.63 0.52
C VAL A 5 -8.93 -3.53 1.58
N HIS A 6 -8.92 -3.10 2.81
CA HIS A 6 -9.50 -3.92 3.91
C HIS A 6 -10.76 -4.62 3.40
N GLU A 7 -11.54 -3.94 2.61
CA GLU A 7 -12.79 -4.54 2.07
C GLU A 7 -12.47 -5.79 1.22
N ILE A 8 -11.76 -5.62 0.14
CA ILE A 8 -11.46 -6.80 -0.73
C ILE A 8 -10.50 -7.76 -0.03
N GLY A 9 -9.44 -7.25 0.52
CA GLY A 9 -8.45 -8.12 1.19
C GLY A 9 -9.17 -9.05 2.16
N ILE A 10 -9.95 -8.52 3.05
CA ILE A 10 -10.67 -9.40 4.01
C ILE A 10 -11.71 -10.23 3.26
N LYS A 11 -12.37 -9.64 2.32
CA LYS A 11 -13.41 -10.39 1.56
C LYS A 11 -12.76 -11.45 0.67
N ARG A 12 -11.46 -11.42 0.56
CA ARG A 12 -10.76 -12.43 -0.28
C ARG A 12 -9.70 -13.13 0.56
N ASN A 13 -9.71 -12.91 1.85
CA ASN A 13 -8.70 -13.55 2.72
C ASN A 13 -7.37 -12.78 2.64
N MET A 14 -7.25 -11.87 1.70
CA MET A 14 -5.98 -11.11 1.59
C MET A 14 -5.92 -10.07 2.69
N THR A 15 -5.17 -10.33 3.73
CA THR A 15 -5.07 -9.35 4.84
C THR A 15 -4.69 -7.97 4.28
N VAL A 16 -4.89 -6.94 5.05
CA VAL A 16 -4.55 -5.58 4.57
C VAL A 16 -3.77 -4.86 5.67
N HIS A 17 -2.47 -4.93 5.66
CA HIS A 17 -1.71 -4.23 6.75
C HIS A 17 -0.89 -3.07 6.18
N PHE A 18 -1.44 -1.88 6.23
CA PHE A 18 -0.72 -0.69 5.69
C PHE A 18 0.28 -0.17 6.73
N LYS A 19 1.54 -0.15 6.39
CA LYS A 19 2.57 0.34 7.34
C LYS A 19 3.74 0.93 6.55
N VAL A 20 3.99 2.20 6.67
CA VAL A 20 5.12 2.81 5.92
C VAL A 20 6.42 2.49 6.65
N LEU A 21 7.32 1.80 6.00
CA LEU A 21 8.58 1.41 6.66
C LEU A 21 9.78 2.06 5.98
N ARG A 22 9.57 2.86 4.97
CA ARG A 22 10.73 3.49 4.28
C ARG A 22 10.33 4.81 3.63
N GLU A 23 11.30 5.63 3.30
CA GLU A 23 11.01 6.94 2.65
C GLU A 23 11.73 7.00 1.30
N GLU A 24 11.89 8.17 0.74
CA GLU A 24 12.59 8.27 -0.58
C GLU A 24 13.44 9.55 -0.61
N GLY A 25 14.73 9.41 -0.46
CA GLY A 25 15.62 10.61 -0.49
C GLY A 25 15.20 11.60 0.60
N PRO A 26 16.11 12.48 0.93
CA PRO A 26 15.86 13.51 1.97
C PRO A 26 14.71 14.41 1.54
N ALA A 27 14.90 15.20 0.53
CA ALA A 27 13.83 16.12 0.07
C ALA A 27 13.48 15.81 -1.38
N HIS A 28 14.41 16.00 -2.27
CA HIS A 28 14.15 15.71 -3.71
C HIS A 28 13.30 14.44 -3.84
N MET A 29 12.04 14.59 -4.16
CA MET A 29 11.15 13.41 -4.31
C MET A 29 10.92 12.78 -2.92
N LYS A 30 10.01 13.33 -2.17
CA LYS A 30 9.74 12.79 -0.81
C LYS A 30 8.74 11.63 -0.90
N ASN A 31 9.11 10.54 -1.52
CA ASN A 31 8.18 9.39 -1.62
C ASN A 31 8.39 8.48 -0.41
N PHE A 32 7.53 7.51 -0.26
CA PHE A 32 7.67 6.57 0.90
C PHE A 32 7.26 5.17 0.47
N ILE A 33 7.96 4.16 0.94
CA ILE A 33 7.56 2.78 0.56
C ILE A 33 6.55 2.28 1.59
N THR A 34 5.30 2.34 1.26
CA THR A 34 4.27 1.88 2.24
C THR A 34 4.01 0.40 2.04
N ALA A 35 4.37 -0.40 3.01
CA ALA A 35 4.15 -1.87 2.88
C ALA A 35 2.71 -2.22 3.21
N CYS A 36 1.98 -2.79 2.29
CA CYS A 36 0.58 -3.17 2.60
C CYS A 36 0.51 -4.69 2.53
N ILE A 37 0.22 -5.35 3.64
CA ILE A 37 0.22 -6.84 3.60
C ILE A 37 -1.04 -7.34 2.92
N VAL A 38 -0.86 -8.29 2.03
CA VAL A 38 -1.98 -8.91 1.29
C VAL A 38 -1.84 -10.44 1.42
N GLY A 39 -2.93 -11.09 1.77
CA GLY A 39 -2.95 -12.58 1.94
C GLY A 39 -1.66 -13.26 1.45
N SER A 40 -1.59 -13.55 0.19
CA SER A 40 -0.39 -14.24 -0.39
C SER A 40 0.89 -13.75 0.29
N ILE A 41 1.18 -12.48 0.23
CA ILE A 41 2.43 -11.96 0.85
C ILE A 41 2.31 -10.46 1.03
N VAL A 42 3.39 -9.78 1.34
CA VAL A 42 3.29 -8.30 1.51
C VAL A 42 3.52 -7.60 0.18
N THR A 43 2.68 -6.68 -0.11
CA THR A 43 2.81 -5.89 -1.35
C THR A 43 2.92 -4.42 -0.95
N GLU A 44 4.10 -3.87 -0.99
CA GLU A 44 4.25 -2.45 -0.57
C GLU A 44 3.92 -1.51 -1.72
N GLY A 45 4.20 -0.25 -1.55
CA GLY A 45 3.93 0.75 -2.62
C GLY A 45 4.85 1.94 -2.40
N GLU A 46 4.79 2.94 -3.22
CA GLU A 46 5.70 4.11 -3.02
C GLU A 46 4.90 5.41 -3.01
N GLY A 47 4.32 5.76 -1.89
CA GLY A 47 3.56 7.03 -1.83
C GLY A 47 4.46 8.17 -2.33
N ASN A 48 3.90 9.33 -2.59
CA ASN A 48 4.74 10.45 -3.09
C ASN A 48 4.48 11.73 -2.28
N GLY A 49 5.10 11.85 -1.13
CA GLY A 49 4.91 13.08 -0.32
C GLY A 49 4.06 12.77 0.92
N LYS A 50 3.68 13.79 1.64
CA LYS A 50 2.84 13.57 2.86
C LYS A 50 1.40 13.33 2.44
N LYS A 51 0.50 13.18 3.38
CA LYS A 51 -0.92 12.92 3.03
C LYS A 51 -0.98 11.80 1.98
N VAL A 52 0.03 10.99 1.94
CA VAL A 52 0.04 9.88 0.95
C VAL A 52 0.72 8.64 1.58
N SER A 53 1.23 7.76 0.76
CA SER A 53 1.91 6.54 1.29
C SER A 53 0.87 5.47 1.59
N LYS A 54 -0.10 5.78 2.40
CA LYS A 54 -1.14 4.76 2.71
C LYS A 54 -2.09 4.63 1.52
N LYS A 55 -2.49 5.74 0.95
CA LYS A 55 -3.40 5.69 -0.23
C LYS A 55 -2.64 5.05 -1.39
N ARG A 56 -1.41 5.46 -1.61
CA ARG A 56 -0.62 4.87 -2.72
C ARG A 56 -0.44 3.38 -2.46
N ALA A 57 0.24 3.02 -1.41
CA ALA A 57 0.45 1.58 -1.09
C ALA A 57 -0.85 0.82 -1.35
N ALA A 58 -1.96 1.34 -0.88
CA ALA A 58 -3.26 0.64 -1.08
C ALA A 58 -3.52 0.42 -2.57
N GLU A 59 -3.63 1.47 -3.36
CA GLU A 59 -3.89 1.27 -4.81
C GLU A 59 -2.97 0.18 -5.32
N LYS A 60 -1.71 0.29 -5.04
CA LYS A 60 -0.73 -0.73 -5.48
C LYS A 60 -1.26 -2.11 -5.07
N MET A 61 -1.71 -2.22 -3.85
CA MET A 61 -2.23 -3.51 -3.33
C MET A 61 -3.47 -3.93 -4.12
N LEU A 62 -4.56 -3.24 -3.95
CA LEU A 62 -5.81 -3.63 -4.67
C LEU A 62 -5.48 -3.87 -6.14
N VAL A 63 -5.05 -2.87 -6.83
CA VAL A 63 -4.69 -3.04 -8.26
C VAL A 63 -3.72 -4.22 -8.42
N GLU A 64 -2.93 -4.50 -7.41
CA GLU A 64 -1.96 -5.64 -7.51
C GLU A 64 -2.69 -6.99 -7.55
N LEU A 65 -3.51 -7.30 -6.59
CA LEU A 65 -4.20 -8.63 -6.62
C LEU A 65 -5.58 -8.50 -7.26
N GLN A 66 -5.88 -7.36 -7.80
CA GLN A 66 -7.20 -7.17 -8.45
C GLN A 66 -7.05 -7.30 -9.97
N LYS A 67 -5.84 -7.26 -10.45
CA LYS A 67 -5.62 -7.39 -11.92
C LYS A 67 -4.93 -8.72 -12.21
N LEU A 68 -4.04 -9.14 -11.37
CA LEU A 68 -3.34 -10.43 -11.59
C LEU A 68 -4.31 -11.59 -11.38
N PRO A 1 -8.76 4.20 -0.10
CA PRO A 1 -7.63 3.27 -0.43
C PRO A 1 -7.44 2.27 0.71
N ILE A 2 -7.35 2.75 1.92
CA ILE A 2 -7.17 1.82 3.07
C ILE A 2 -8.47 1.05 3.32
N SER A 3 -9.51 1.73 3.69
CA SER A 3 -10.80 1.03 3.93
C SER A 3 -11.14 0.15 2.74
N GLN A 4 -10.94 0.63 1.54
CA GLN A 4 -11.25 -0.19 0.34
C GLN A 4 -10.45 -1.48 0.41
N VAL A 5 -9.15 -1.40 0.57
CA VAL A 5 -8.34 -2.63 0.66
C VAL A 5 -8.94 -3.50 1.74
N HIS A 6 -8.85 -3.08 2.98
CA HIS A 6 -9.43 -3.87 4.09
C HIS A 6 -10.71 -4.56 3.63
N GLU A 7 -11.50 -3.88 2.84
CA GLU A 7 -12.76 -4.49 2.33
C GLU A 7 -12.44 -5.71 1.45
N ILE A 8 -11.67 -5.52 0.43
CA ILE A 8 -11.34 -6.68 -0.48
C ILE A 8 -10.37 -7.63 0.23
N GLY A 9 -9.27 -7.12 0.71
CA GLY A 9 -8.29 -7.99 1.39
C GLY A 9 -8.99 -8.93 2.36
N ILE A 10 -9.88 -8.41 3.18
CA ILE A 10 -10.58 -9.32 4.15
C ILE A 10 -11.61 -10.18 3.42
N LYS A 11 -12.39 -9.60 2.55
CA LYS A 11 -13.43 -10.39 1.84
C LYS A 11 -12.78 -11.45 0.95
N ARG A 12 -11.49 -11.37 0.76
CA ARG A 12 -10.81 -12.38 -0.09
C ARG A 12 -9.75 -13.12 0.71
N ASN A 13 -9.72 -12.91 1.99
CA ASN A 13 -8.71 -13.60 2.85
C ASN A 13 -7.36 -12.87 2.71
N MET A 14 -7.28 -11.92 1.82
CA MET A 14 -6.00 -11.19 1.65
C MET A 14 -5.86 -10.14 2.75
N THR A 15 -5.26 -10.51 3.85
CA THR A 15 -5.09 -9.55 4.98
C THR A 15 -4.67 -8.18 4.42
N VAL A 16 -4.84 -7.16 5.20
CA VAL A 16 -4.46 -5.79 4.74
C VAL A 16 -3.65 -5.11 5.84
N HIS A 17 -2.36 -5.20 5.80
CA HIS A 17 -1.56 -4.55 6.89
C HIS A 17 -0.79 -3.34 6.34
N PHE A 18 -1.34 -2.17 6.53
CA PHE A 18 -0.68 -0.93 6.02
C PHE A 18 0.35 -0.42 7.02
N LYS A 19 1.59 -0.34 6.62
CA LYS A 19 2.65 0.18 7.53
C LYS A 19 3.74 0.84 6.67
N VAL A 20 3.94 2.12 6.83
CA VAL A 20 4.99 2.80 6.01
C VAL A 20 6.36 2.51 6.60
N LEU A 21 7.27 2.02 5.79
CA LEU A 21 8.62 1.68 6.31
C LEU A 21 9.69 2.36 5.47
N ARG A 22 9.33 3.24 4.58
CA ARG A 22 10.38 3.90 3.74
C ARG A 22 10.03 5.36 3.45
N GLU A 23 11.03 6.15 3.15
CA GLU A 23 10.78 7.60 2.84
C GLU A 23 11.96 8.14 2.01
N GLU A 24 11.69 8.97 1.04
CA GLU A 24 12.80 9.52 0.21
C GLU A 24 13.95 9.98 1.10
N GLY A 25 15.13 10.11 0.54
CA GLY A 25 16.28 10.56 1.36
C GLY A 25 16.04 11.99 1.86
N PRO A 26 16.99 12.86 1.59
CA PRO A 26 16.89 14.28 2.02
C PRO A 26 15.69 14.96 1.35
N ALA A 27 15.85 15.39 0.13
CA ALA A 27 14.73 16.06 -0.58
C ALA A 27 14.74 15.68 -2.05
N HIS A 28 14.03 14.65 -2.43
CA HIS A 28 13.99 14.24 -3.85
C HIS A 28 12.72 13.43 -4.10
N MET A 29 11.65 14.08 -4.50
CA MET A 29 10.39 13.33 -4.74
C MET A 29 10.09 12.48 -3.51
N LYS A 30 9.57 13.08 -2.47
CA LYS A 30 9.28 12.31 -1.24
C LYS A 30 8.36 11.12 -1.55
N ASN A 31 8.93 10.01 -1.93
CA ASN A 31 8.09 8.82 -2.21
C ASN A 31 8.23 7.84 -1.05
N PHE A 32 7.22 7.70 -0.26
CA PHE A 32 7.30 6.77 0.89
C PHE A 32 6.87 5.39 0.41
N ILE A 33 7.64 4.37 0.69
CA ILE A 33 7.24 3.02 0.25
C ILE A 33 6.41 2.40 1.36
N THR A 34 5.12 2.50 1.24
CA THR A 34 4.25 1.94 2.31
C THR A 34 4.02 0.46 2.03
N ALA A 35 4.27 -0.35 3.01
CA ALA A 35 4.10 -1.82 2.85
C ALA A 35 2.68 -2.22 3.23
N CYS A 36 1.94 -2.79 2.33
CA CYS A 36 0.57 -3.22 2.70
C CYS A 36 0.49 -4.73 2.53
N ILE A 37 0.25 -5.45 3.59
CA ILE A 37 0.24 -6.94 3.47
C ILE A 37 -1.07 -7.41 2.83
N VAL A 38 -0.95 -8.29 1.86
CA VAL A 38 -2.12 -8.86 1.16
C VAL A 38 -2.03 -10.40 1.25
N GLY A 39 -2.89 -11.00 2.05
CA GLY A 39 -2.92 -12.49 2.23
C GLY A 39 -1.63 -13.17 1.79
N SER A 40 -1.67 -13.83 0.66
CA SER A 40 -0.50 -14.58 0.12
C SER A 40 0.83 -14.03 0.64
N ILE A 41 1.09 -12.77 0.44
CA ILE A 41 2.38 -12.19 0.91
C ILE A 41 2.22 -10.69 1.12
N VAL A 42 3.30 -9.97 1.18
CA VAL A 42 3.17 -8.50 1.36
C VAL A 42 3.07 -7.81 0.00
N THR A 43 2.63 -6.60 0.01
CA THR A 43 2.49 -5.82 -1.24
C THR A 43 2.70 -4.36 -0.89
N GLU A 44 3.92 -3.88 -0.96
CA GLU A 44 4.15 -2.45 -0.59
C GLU A 44 3.92 -1.56 -1.82
N GLY A 45 4.29 -0.31 -1.71
CA GLY A 45 4.10 0.62 -2.86
C GLY A 45 4.77 1.94 -2.52
N GLU A 46 5.15 2.73 -3.49
CA GLU A 46 5.83 4.01 -3.17
C GLU A 46 4.93 5.19 -3.52
N GLY A 47 4.24 5.74 -2.55
CA GLY A 47 3.35 6.90 -2.82
C GLY A 47 4.03 8.20 -2.37
N ASN A 48 4.05 9.21 -3.22
CA ASN A 48 4.70 10.51 -2.85
C ASN A 48 4.20 10.96 -1.46
N GLY A 49 4.87 10.53 -0.44
CA GLY A 49 4.50 10.88 0.97
C GLY A 49 3.84 12.26 1.05
N LYS A 50 3.06 12.47 2.08
CA LYS A 50 2.34 13.76 2.30
C LYS A 50 0.87 13.54 1.94
N LYS A 51 0.22 12.64 2.63
CA LYS A 51 -1.21 12.36 2.34
C LYS A 51 -1.30 11.47 1.11
N VAL A 52 -0.23 10.79 0.77
CA VAL A 52 -0.24 9.91 -0.43
C VAL A 52 0.38 8.55 -0.11
N SER A 53 1.12 8.45 0.96
CA SER A 53 1.77 7.15 1.29
C SER A 53 0.71 6.07 1.50
N LYS A 54 0.28 5.85 2.72
CA LYS A 54 -0.75 4.80 3.01
C LYS A 54 -1.72 4.64 1.85
N LYS A 55 -2.45 5.66 1.52
CA LYS A 55 -3.44 5.54 0.39
C LYS A 55 -2.75 4.92 -0.83
N ARG A 56 -1.63 5.46 -1.21
CA ARG A 56 -0.90 4.93 -2.40
C ARG A 56 -0.64 3.43 -2.21
N ALA A 57 0.04 3.06 -1.15
CA ALA A 57 0.33 1.61 -0.93
C ALA A 57 -0.96 0.81 -1.20
N ALA A 58 -2.05 1.27 -0.66
CA ALA A 58 -3.34 0.56 -0.87
C ALA A 58 -3.59 0.40 -2.37
N GLU A 59 -3.76 1.48 -3.08
CA GLU A 59 -3.97 1.34 -4.54
C GLU A 59 -2.89 0.41 -5.10
N LYS A 60 -1.79 0.31 -4.41
CA LYS A 60 -0.70 -0.57 -4.90
C LYS A 60 -1.18 -2.02 -4.88
N MET A 61 -1.66 -2.49 -3.76
CA MET A 61 -2.13 -3.91 -3.73
C MET A 61 -3.50 -4.03 -4.40
N LEU A 62 -4.45 -3.23 -4.02
CA LEU A 62 -5.79 -3.33 -4.68
C LEU A 62 -5.56 -3.39 -6.18
N VAL A 63 -4.75 -2.51 -6.69
CA VAL A 63 -4.44 -2.52 -8.14
C VAL A 63 -3.69 -3.82 -8.44
N GLU A 64 -2.81 -4.23 -7.56
CA GLU A 64 -2.06 -5.49 -7.77
C GLU A 64 -3.06 -6.61 -8.09
N LEU A 65 -3.86 -7.01 -7.13
CA LEU A 65 -4.86 -8.09 -7.39
C LEU A 65 -5.63 -7.77 -8.68
N GLN A 66 -6.05 -6.55 -8.87
CA GLN A 66 -6.81 -6.21 -10.10
C GLN A 66 -6.11 -6.82 -11.32
N LYS A 67 -4.92 -6.38 -11.62
CA LYS A 67 -4.18 -6.94 -12.78
C LYS A 67 -4.27 -8.46 -12.78
N LEU A 68 -3.92 -9.07 -11.68
CA LEU A 68 -4.00 -10.55 -11.60
C LEU A 68 -5.42 -10.99 -11.27
N PRO A 1 -8.94 5.12 1.20
CA PRO A 1 -8.02 4.28 0.37
C PRO A 1 -7.66 3.00 1.14
N ILE A 2 -7.49 3.10 2.42
CA ILE A 2 -7.14 1.90 3.23
C ILE A 2 -8.39 1.06 3.48
N SER A 3 -9.46 1.68 3.91
CA SER A 3 -10.70 0.91 4.19
C SER A 3 -11.01 -0.07 3.04
N GLN A 4 -11.03 0.40 1.83
CA GLN A 4 -11.35 -0.52 0.69
C GLN A 4 -10.48 -1.77 0.76
N VAL A 5 -9.18 -1.62 0.75
CA VAL A 5 -8.31 -2.83 0.83
C VAL A 5 -8.70 -3.66 2.03
N HIS A 6 -8.66 -3.10 3.19
CA HIS A 6 -9.04 -3.88 4.39
C HIS A 6 -10.30 -4.69 4.07
N GLU A 7 -11.16 -4.12 3.26
CA GLU A 7 -12.42 -4.83 2.89
C GLU A 7 -12.12 -6.00 1.96
N ILE A 8 -11.76 -5.74 0.73
CA ILE A 8 -11.48 -6.88 -0.21
C ILE A 8 -10.42 -7.81 0.41
N GLY A 9 -9.36 -7.26 0.89
CA GLY A 9 -8.27 -8.06 1.49
C GLY A 9 -8.80 -9.00 2.55
N ILE A 10 -9.43 -8.49 3.58
CA ILE A 10 -9.92 -9.41 4.65
C ILE A 10 -11.05 -10.30 4.11
N LYS A 11 -12.04 -9.71 3.52
CA LYS A 11 -13.18 -10.48 2.98
C LYS A 11 -12.71 -11.55 2.00
N ARG A 12 -11.52 -11.45 1.46
CA ARG A 12 -11.07 -12.49 0.50
C ARG A 12 -9.77 -13.17 0.97
N ASN A 13 -9.50 -13.12 2.25
CA ASN A 13 -8.27 -13.78 2.78
C ASN A 13 -7.02 -12.94 2.50
N MET A 14 -7.12 -11.95 1.67
CA MET A 14 -5.92 -11.11 1.37
C MET A 14 -5.67 -10.14 2.52
N THR A 15 -4.84 -10.49 3.46
CA THR A 15 -4.57 -9.58 4.61
C THR A 15 -4.41 -8.14 4.11
N VAL A 16 -4.43 -7.20 5.00
CA VAL A 16 -4.27 -5.78 4.61
C VAL A 16 -3.39 -5.11 5.67
N HIS A 17 -2.11 -5.33 5.61
CA HIS A 17 -1.21 -4.71 6.65
C HIS A 17 -0.51 -3.48 6.08
N PHE A 18 -1.11 -2.33 6.24
CA PHE A 18 -0.51 -1.08 5.74
C PHE A 18 0.58 -0.57 6.68
N LYS A 19 1.81 -0.63 6.26
CA LYS A 19 2.93 -0.13 7.08
C LYS A 19 3.80 0.76 6.18
N VAL A 20 3.94 2.01 6.51
CA VAL A 20 4.75 2.91 5.65
C VAL A 20 6.24 2.72 5.94
N LEU A 21 7.02 2.65 4.90
CA LEU A 21 8.49 2.48 5.07
C LEU A 21 9.14 3.86 5.00
N ARG A 22 8.39 4.82 4.53
CA ARG A 22 8.89 6.23 4.42
C ARG A 22 9.55 6.47 3.06
N GLU A 23 9.87 7.71 2.78
CA GLU A 23 10.50 8.07 1.47
C GLU A 23 11.61 7.09 1.11
N GLU A 24 12.17 7.25 -0.06
CA GLU A 24 13.26 6.34 -0.51
C GLU A 24 14.62 6.86 -0.07
N GLY A 25 15.14 6.38 1.02
CA GLY A 25 16.48 6.83 1.51
C GLY A 25 16.45 8.32 1.84
N PRO A 26 17.32 9.07 1.19
CA PRO A 26 17.42 10.51 1.44
C PRO A 26 16.11 11.18 1.00
N ALA A 27 16.17 12.34 0.38
CA ALA A 27 14.92 13.02 -0.10
C ALA A 27 13.94 13.25 1.05
N HIS A 28 13.23 12.24 1.49
CA HIS A 28 12.25 12.39 2.61
C HIS A 28 11.23 13.47 2.26
N MET A 29 10.92 13.60 1.00
CA MET A 29 9.91 14.62 0.59
C MET A 29 9.41 14.29 -0.82
N LYS A 30 9.53 13.04 -1.23
CA LYS A 30 9.08 12.68 -2.59
C LYS A 30 8.15 11.46 -2.55
N ASN A 31 8.58 10.33 -3.06
CA ASN A 31 7.69 9.13 -3.07
C ASN A 31 7.90 8.29 -1.81
N PHE A 32 6.87 8.14 -1.03
CA PHE A 32 6.98 7.31 0.20
C PHE A 32 6.58 5.87 -0.17
N ILE A 33 7.40 4.91 0.16
CA ILE A 33 7.06 3.51 -0.19
C ILE A 33 6.23 2.90 0.92
N THR A 34 4.94 2.92 0.77
CA THR A 34 4.05 2.34 1.82
C THR A 34 3.82 0.87 1.49
N ALA A 35 4.29 -0.01 2.33
CA ALA A 35 4.11 -1.47 2.06
C ALA A 35 2.73 -1.92 2.52
N CYS A 36 1.98 -2.59 1.69
CA CYS A 36 0.64 -3.07 2.14
C CYS A 36 0.60 -4.58 1.97
N ILE A 37 0.47 -5.33 3.04
CA ILE A 37 0.49 -6.82 2.92
C ILE A 37 -0.87 -7.37 2.48
N VAL A 38 -0.83 -8.30 1.56
CA VAL A 38 -2.05 -8.98 1.07
C VAL A 38 -1.77 -10.49 1.00
N GLY A 39 -2.68 -11.30 1.45
CA GLY A 39 -2.46 -12.77 1.41
C GLY A 39 -1.10 -13.10 2.02
N SER A 40 -0.26 -13.78 1.30
CA SER A 40 1.08 -14.13 1.85
C SER A 40 2.16 -13.31 1.13
N ILE A 41 1.76 -12.41 0.29
CA ILE A 41 2.76 -11.58 -0.45
C ILE A 41 2.51 -10.11 -0.12
N VAL A 42 3.54 -9.30 -0.10
CA VAL A 42 3.33 -7.86 0.20
C VAL A 42 3.52 -7.02 -1.05
N THR A 43 2.74 -6.00 -1.18
CA THR A 43 2.87 -5.08 -2.34
C THR A 43 2.86 -3.66 -1.79
N GLU A 44 3.95 -2.95 -1.91
CA GLU A 44 3.98 -1.57 -1.36
C GLU A 44 3.47 -0.59 -2.42
N GLY A 45 3.66 0.67 -2.17
CA GLY A 45 3.18 1.70 -3.14
C GLY A 45 3.92 3.02 -2.88
N GLU A 46 4.73 3.45 -3.81
CA GLU A 46 5.47 4.72 -3.57
C GLU A 46 4.55 5.91 -3.81
N GLY A 47 3.78 6.28 -2.83
CA GLY A 47 2.86 7.44 -2.98
C GLY A 47 3.57 8.75 -2.66
N ASN A 48 3.61 9.67 -3.58
CA ASN A 48 4.28 10.97 -3.32
C ASN A 48 3.82 11.52 -1.96
N GLY A 49 4.57 11.21 -0.93
CA GLY A 49 4.26 11.65 0.48
C GLY A 49 3.18 12.74 0.54
N LYS A 50 3.54 13.92 0.98
CA LYS A 50 2.54 15.03 1.09
C LYS A 50 1.19 14.46 1.53
N LYS A 51 1.20 13.49 2.41
CA LYS A 51 -0.07 12.87 2.86
C LYS A 51 -0.64 12.03 1.71
N VAL A 52 0.08 11.02 1.30
CA VAL A 52 -0.41 10.19 0.16
C VAL A 52 0.07 8.75 0.32
N SER A 53 1.32 8.57 0.67
CA SER A 53 1.92 7.20 0.83
C SER A 53 0.86 6.14 1.14
N LYS A 54 -0.07 6.43 2.00
CA LYS A 54 -1.13 5.42 2.33
C LYS A 54 -2.05 5.21 1.13
N LYS A 55 -2.69 6.25 0.68
CA LYS A 55 -3.61 6.11 -0.49
C LYS A 55 -2.88 5.39 -1.63
N ARG A 56 -1.65 5.75 -1.87
CA ARG A 56 -0.89 5.11 -2.98
C ARG A 56 -0.55 3.65 -2.64
N ALA A 57 -0.32 3.35 -1.39
CA ALA A 57 0.01 1.94 -1.03
C ALA A 57 -1.22 1.08 -1.32
N ALA A 58 -2.36 1.47 -0.82
CA ALA A 58 -3.60 0.68 -1.04
C ALA A 58 -3.89 0.59 -2.54
N GLU A 59 -3.92 1.70 -3.23
CA GLU A 59 -4.20 1.62 -4.70
C GLU A 59 -3.24 0.61 -5.29
N LYS A 60 -2.01 0.67 -4.91
CA LYS A 60 -1.00 -0.29 -5.43
C LYS A 60 -1.42 -1.71 -5.03
N MET A 61 -1.97 -1.87 -3.86
CA MET A 61 -2.41 -3.20 -3.39
C MET A 61 -3.61 -3.70 -4.19
N LEU A 62 -4.75 -3.12 -3.97
CA LEU A 62 -5.96 -3.56 -4.71
C LEU A 62 -5.62 -3.64 -6.19
N VAL A 63 -5.09 -2.58 -6.73
CA VAL A 63 -4.70 -2.60 -8.16
C VAL A 63 -3.82 -3.82 -8.42
N GLU A 64 -2.94 -4.12 -7.50
CA GLU A 64 -2.04 -5.29 -7.66
C GLU A 64 -2.86 -6.57 -7.81
N LEU A 65 -3.59 -6.96 -6.80
CA LEU A 65 -4.39 -8.23 -6.91
C LEU A 65 -5.27 -8.19 -8.16
N GLN A 66 -5.68 -7.02 -8.60
CA GLN A 66 -6.54 -6.96 -9.81
C GLN A 66 -5.87 -7.72 -10.96
N LYS A 67 -4.73 -7.26 -11.40
CA LYS A 67 -4.03 -7.95 -12.52
C LYS A 67 -3.85 -9.44 -12.18
N LEU A 68 -3.52 -9.73 -10.95
CA LEU A 68 -3.33 -11.14 -10.55
C LEU A 68 -4.68 -11.77 -10.23
N PRO A 1 -7.29 5.37 0.15
CA PRO A 1 -7.92 4.13 -0.41
C PRO A 1 -7.57 2.93 0.47
N ILE A 2 -7.81 3.02 1.75
CA ILE A 2 -7.51 1.88 2.66
C ILE A 2 -8.78 1.06 2.89
N SER A 3 -9.85 1.72 3.26
CA SER A 3 -11.12 0.98 3.50
C SER A 3 -11.36 0.02 2.34
N GLN A 4 -11.19 0.47 1.12
CA GLN A 4 -11.41 -0.45 -0.03
C GLN A 4 -10.54 -1.68 0.14
N VAL A 5 -9.25 -1.52 0.19
CA VAL A 5 -8.36 -2.70 0.37
C VAL A 5 -8.94 -3.57 1.48
N HIS A 6 -8.89 -3.09 2.69
CA HIS A 6 -9.44 -3.88 3.83
C HIS A 6 -10.70 -4.64 3.40
N GLU A 7 -11.52 -4.02 2.59
CA GLU A 7 -12.77 -4.69 2.14
C GLU A 7 -12.45 -5.88 1.23
N ILE A 8 -11.60 -5.70 0.27
CA ILE A 8 -11.25 -6.84 -0.64
C ILE A 8 -10.32 -7.82 0.08
N GLY A 9 -9.24 -7.32 0.62
CA GLY A 9 -8.29 -8.21 1.31
C GLY A 9 -9.06 -9.10 2.28
N ILE A 10 -9.86 -8.53 3.14
CA ILE A 10 -10.64 -9.39 4.08
C ILE A 10 -11.65 -10.22 3.29
N LYS A 11 -12.30 -9.60 2.33
CA LYS A 11 -13.31 -10.35 1.53
C LYS A 11 -12.66 -11.50 0.77
N ARG A 12 -11.36 -11.52 0.71
CA ARG A 12 -10.67 -12.62 -0.03
C ARG A 12 -9.66 -13.28 0.88
N ASN A 13 -9.69 -12.97 2.15
CA ASN A 13 -8.72 -13.56 3.11
C ASN A 13 -7.38 -12.84 2.99
N MET A 14 -7.23 -11.99 2.01
CA MET A 14 -5.94 -11.26 1.86
C MET A 14 -5.86 -10.15 2.90
N THR A 15 -5.31 -10.43 4.03
CA THR A 15 -5.18 -9.38 5.10
C THR A 15 -4.76 -8.06 4.47
N VAL A 16 -5.00 -6.97 5.15
CA VAL A 16 -4.60 -5.63 4.62
C VAL A 16 -3.78 -4.92 5.69
N HIS A 17 -2.49 -4.99 5.63
CA HIS A 17 -1.69 -4.30 6.70
C HIS A 17 -0.88 -3.13 6.12
N PHE A 18 -1.44 -1.95 6.18
CA PHE A 18 -0.73 -0.75 5.66
C PHE A 18 0.29 -0.27 6.69
N LYS A 19 1.55 -0.26 6.35
CA LYS A 19 2.58 0.21 7.31
C LYS A 19 3.74 0.83 6.54
N VAL A 20 3.98 2.10 6.72
CA VAL A 20 5.09 2.76 5.98
C VAL A 20 6.42 2.42 6.67
N LEU A 21 7.29 1.77 5.95
CA LEU A 21 8.60 1.38 6.55
C LEU A 21 9.74 2.12 5.86
N ARG A 22 9.44 3.09 5.04
CA ARG A 22 10.55 3.83 4.35
C ARG A 22 10.05 5.22 3.92
N GLU A 23 10.96 6.13 3.73
CA GLU A 23 10.56 7.51 3.30
C GLU A 23 11.67 8.09 2.42
N GLU A 24 12.15 7.33 1.47
CA GLU A 24 13.23 7.84 0.59
C GLU A 24 12.89 9.25 0.12
N GLY A 25 13.70 10.22 0.47
CA GLY A 25 13.41 11.62 0.04
C GLY A 25 14.03 12.60 1.04
N PRO A 26 15.33 12.69 1.02
CA PRO A 26 16.08 13.61 1.91
C PRO A 26 15.67 15.05 1.64
N ALA A 27 16.13 15.60 0.55
CA ALA A 27 15.78 17.01 0.20
C ALA A 27 15.24 17.05 -1.23
N HIS A 28 14.80 15.94 -1.73
CA HIS A 28 14.27 15.90 -3.13
C HIS A 28 13.48 14.61 -3.33
N MET A 29 12.44 14.64 -4.13
CA MET A 29 11.64 13.40 -4.36
C MET A 29 11.22 12.82 -3.01
N LYS A 30 10.25 13.42 -2.37
CA LYS A 30 9.80 12.91 -1.05
C LYS A 30 8.77 11.79 -1.27
N ASN A 31 9.21 10.56 -1.36
CA ASN A 31 8.25 9.45 -1.56
C ASN A 31 8.15 8.63 -0.28
N PHE A 32 7.37 7.58 -0.29
CA PHE A 32 7.22 6.74 0.93
C PHE A 32 6.92 5.30 0.52
N ILE A 33 7.69 4.35 0.98
CA ILE A 33 7.42 2.93 0.61
C ILE A 33 6.46 2.36 1.64
N THR A 34 5.19 2.43 1.38
CA THR A 34 4.22 1.90 2.35
C THR A 34 3.95 0.42 2.05
N ALA A 35 4.32 -0.43 2.96
CA ALA A 35 4.12 -1.88 2.77
C ALA A 35 2.67 -2.25 3.10
N CYS A 36 1.93 -2.76 2.14
CA CYS A 36 0.52 -3.13 2.45
C CYS A 36 0.44 -4.66 2.37
N ILE A 37 0.15 -5.33 3.45
CA ILE A 37 0.13 -6.82 3.41
C ILE A 37 -1.17 -7.31 2.77
N VAL A 38 -1.04 -8.27 1.89
CA VAL A 38 -2.22 -8.88 1.20
C VAL A 38 -2.03 -10.41 1.16
N GLY A 39 -2.97 -11.12 1.75
CA GLY A 39 -2.95 -12.63 1.79
C GLY A 39 -1.63 -13.22 1.27
N SER A 40 -1.62 -13.64 0.03
CA SER A 40 -0.41 -14.26 -0.58
C SER A 40 0.87 -13.73 0.06
N ILE A 41 1.11 -12.45 -0.03
CA ILE A 41 2.35 -11.88 0.56
C ILE A 41 2.16 -10.38 0.74
N VAL A 42 3.20 -9.65 1.02
CA VAL A 42 3.03 -8.19 1.20
C VAL A 42 3.43 -7.45 -0.07
N THR A 43 2.66 -6.48 -0.41
CA THR A 43 2.98 -5.66 -1.60
C THR A 43 3.00 -4.20 -1.15
N GLU A 44 4.16 -3.61 -1.09
CA GLU A 44 4.26 -2.20 -0.63
C GLU A 44 3.93 -1.26 -1.76
N GLY A 45 4.20 0.00 -1.57
CA GLY A 45 3.91 0.99 -2.65
C GLY A 45 4.65 2.28 -2.35
N GLU A 46 5.61 2.63 -3.15
CA GLU A 46 6.38 3.87 -2.89
C GLU A 46 5.56 5.08 -3.34
N GLY A 47 4.63 5.51 -2.53
CA GLY A 47 3.81 6.69 -2.90
C GLY A 47 4.71 7.91 -3.07
N ASN A 48 4.16 9.03 -3.41
CA ASN A 48 4.99 10.25 -3.60
C ASN A 48 4.37 11.43 -2.82
N GLY A 49 4.91 11.73 -1.68
CA GLY A 49 4.36 12.86 -0.87
C GLY A 49 3.89 12.36 0.48
N LYS A 50 3.70 13.24 1.42
CA LYS A 50 3.24 12.81 2.77
C LYS A 50 1.73 12.59 2.75
N LYS A 51 1.19 11.93 3.73
CA LYS A 51 -0.28 11.68 3.76
C LYS A 51 -0.70 10.98 2.46
N VAL A 52 0.24 10.38 1.78
CA VAL A 52 -0.09 9.67 0.51
C VAL A 52 0.38 8.22 0.62
N SER A 53 1.51 8.01 1.24
CA SER A 53 2.06 6.63 1.39
C SER A 53 0.94 5.61 1.60
N LYS A 54 0.02 5.89 2.47
CA LYS A 54 -1.09 4.92 2.71
C LYS A 54 -1.94 4.78 1.45
N LYS A 55 -2.33 5.89 0.85
CA LYS A 55 -3.17 5.80 -0.38
C LYS A 55 -2.42 5.01 -1.44
N ARG A 56 -1.32 5.52 -1.90
CA ARG A 56 -0.53 4.82 -2.94
C ARG A 56 -0.40 3.33 -2.56
N ALA A 57 0.21 3.05 -1.45
CA ALA A 57 0.37 1.62 -1.03
C ALA A 57 -0.93 0.86 -1.29
N ALA A 58 -2.05 1.42 -0.90
CA ALA A 58 -3.34 0.71 -1.09
C ALA A 58 -3.62 0.49 -2.59
N GLU A 59 -3.81 1.54 -3.35
CA GLU A 59 -4.09 1.33 -4.81
C GLU A 59 -3.13 0.29 -5.33
N LYS A 60 -1.86 0.56 -5.23
CA LYS A 60 -0.84 -0.42 -5.71
C LYS A 60 -1.27 -1.82 -5.25
N MET A 61 -1.64 -1.96 -4.00
CA MET A 61 -2.05 -3.28 -3.48
C MET A 61 -3.26 -3.79 -4.25
N LEU A 62 -4.41 -3.20 -4.03
CA LEU A 62 -5.63 -3.65 -4.75
C LEU A 62 -5.30 -3.85 -6.22
N VAL A 63 -5.03 -2.79 -6.91
CA VAL A 63 -4.68 -2.91 -8.35
C VAL A 63 -3.73 -4.10 -8.55
N GLU A 64 -2.89 -4.38 -7.59
CA GLU A 64 -1.94 -5.53 -7.73
C GLU A 64 -2.71 -6.87 -7.72
N LEU A 65 -3.34 -7.20 -6.63
CA LEU A 65 -4.07 -8.51 -6.56
C LEU A 65 -5.47 -8.40 -7.14
N GLN A 66 -5.77 -7.30 -7.78
CA GLN A 66 -7.12 -7.12 -8.38
C GLN A 66 -7.07 -7.50 -9.85
N LYS A 67 -5.91 -7.59 -10.42
CA LYS A 67 -5.80 -7.95 -11.86
C LYS A 67 -5.82 -9.48 -12.01
N LEU A 68 -5.29 -10.19 -11.05
CA LEU A 68 -5.27 -11.66 -11.13
C LEU A 68 -6.71 -12.18 -11.26
N PRO A 1 -9.41 3.97 0.00
CA PRO A 1 -8.27 3.08 -0.36
C PRO A 1 -7.94 2.16 0.81
N ILE A 2 -7.86 2.69 2.00
CA ILE A 2 -7.55 1.83 3.17
C ILE A 2 -8.73 0.90 3.46
N SER A 3 -9.85 1.44 3.85
CA SER A 3 -11.03 0.59 4.16
C SER A 3 -11.35 -0.28 2.94
N GLN A 4 -11.07 0.19 1.76
CA GLN A 4 -11.37 -0.62 0.54
C GLN A 4 -10.51 -1.89 0.56
N VAL A 5 -9.22 -1.74 0.67
CA VAL A 5 -8.36 -2.94 0.70
C VAL A 5 -8.79 -3.81 1.87
N HIS A 6 -8.82 -3.28 3.06
CA HIS A 6 -9.28 -4.10 4.20
C HIS A 6 -10.53 -4.87 3.79
N GLU A 7 -11.40 -4.24 3.04
CA GLU A 7 -12.66 -4.91 2.59
C GLU A 7 -12.35 -6.12 1.72
N ILE A 8 -11.82 -5.92 0.54
CA ILE A 8 -11.53 -7.09 -0.35
C ILE A 8 -10.44 -7.96 0.26
N GLY A 9 -9.35 -7.37 0.65
CA GLY A 9 -8.24 -8.14 1.23
C GLY A 9 -8.79 -9.14 2.24
N ILE A 10 -9.50 -8.69 3.23
CA ILE A 10 -10.05 -9.63 4.23
C ILE A 10 -11.15 -10.49 3.58
N LYS A 11 -11.82 -9.95 2.61
CA LYS A 11 -12.92 -10.69 1.96
C LYS A 11 -12.36 -11.68 0.93
N ARG A 12 -11.07 -11.68 0.72
CA ARG A 12 -10.49 -12.62 -0.27
C ARG A 12 -9.24 -13.28 0.30
N ASN A 13 -9.07 -13.23 1.60
CA ASN A 13 -7.89 -13.86 2.24
C ASN A 13 -6.66 -12.97 2.04
N MET A 14 -6.77 -11.92 1.29
CA MET A 14 -5.60 -11.02 1.09
C MET A 14 -5.50 -10.07 2.28
N THR A 15 -4.77 -10.45 3.30
CA THR A 15 -4.65 -9.57 4.51
C THR A 15 -4.48 -8.11 4.09
N VAL A 16 -4.80 -7.20 4.95
CA VAL A 16 -4.65 -5.76 4.61
C VAL A 16 -3.93 -5.07 5.75
N HIS A 17 -2.64 -5.17 5.80
CA HIS A 17 -1.89 -4.49 6.91
C HIS A 17 -0.95 -3.43 6.33
N PHE A 18 -1.38 -2.21 6.32
CA PHE A 18 -0.53 -1.11 5.76
C PHE A 18 0.53 -0.69 6.77
N LYS A 19 1.73 -0.48 6.32
CA LYS A 19 2.81 -0.03 7.22
C LYS A 19 3.80 0.81 6.40
N VAL A 20 3.97 2.05 6.74
CA VAL A 20 4.91 2.91 5.96
C VAL A 20 6.33 2.59 6.39
N LEU A 21 7.18 2.33 5.44
CA LEU A 21 8.59 1.99 5.74
C LEU A 21 9.41 3.26 5.82
N ARG A 22 8.98 4.29 5.15
CA ARG A 22 9.75 5.57 5.18
C ARG A 22 9.34 6.46 4.01
N GLU A 23 10.15 7.44 3.71
CA GLU A 23 9.82 8.37 2.58
C GLU A 23 10.96 8.33 1.55
N GLU A 24 10.94 7.35 0.69
CA GLU A 24 12.02 7.26 -0.33
C GLU A 24 13.32 6.78 0.32
N GLY A 25 14.44 6.98 -0.32
CA GLY A 25 15.73 6.53 0.27
C GLY A 25 16.62 7.75 0.55
N PRO A 26 17.55 8.00 -0.34
CA PRO A 26 18.48 9.13 -0.21
C PRO A 26 17.70 10.45 -0.18
N ALA A 27 17.27 10.90 -1.32
CA ALA A 27 16.50 12.17 -1.36
C ALA A 27 15.10 11.89 -1.90
N HIS A 28 14.52 12.81 -2.63
CA HIS A 28 13.16 12.58 -3.18
C HIS A 28 12.27 11.98 -2.09
N MET A 29 12.45 12.41 -0.86
CA MET A 29 11.62 11.86 0.25
C MET A 29 10.16 12.31 0.06
N LYS A 30 9.91 13.18 -0.88
CA LYS A 30 8.52 13.65 -1.11
C LYS A 30 7.58 12.45 -1.23
N ASN A 31 8.04 11.37 -1.79
CA ASN A 31 7.15 10.18 -1.92
C ASN A 31 7.29 9.29 -0.68
N PHE A 32 6.34 8.43 -0.47
CA PHE A 32 6.39 7.54 0.72
C PHE A 32 6.13 6.09 0.29
N ILE A 33 7.00 5.18 0.61
CA ILE A 33 6.79 3.76 0.23
C ILE A 33 5.99 3.07 1.32
N THR A 34 4.71 3.03 1.17
CA THR A 34 3.87 2.37 2.21
C THR A 34 3.70 0.89 1.87
N ALA A 35 4.28 0.03 2.66
CA ALA A 35 4.16 -1.43 2.40
C ALA A 35 2.80 -1.92 2.85
N CYS A 36 1.99 -2.39 1.94
CA CYS A 36 0.65 -2.91 2.35
C CYS A 36 0.67 -4.43 2.20
N ILE A 37 0.50 -5.16 3.27
CA ILE A 37 0.57 -6.66 3.17
C ILE A 37 -0.77 -7.29 2.80
N VAL A 38 -0.72 -8.21 1.86
CA VAL A 38 -1.93 -8.98 1.43
C VAL A 38 -1.51 -10.42 1.10
N GLY A 39 -2.34 -11.37 1.42
CA GLY A 39 -2.03 -12.79 1.10
C GLY A 39 -0.67 -13.17 1.69
N SER A 40 -0.19 -12.42 2.64
CA SER A 40 1.14 -12.71 3.26
C SER A 40 2.25 -12.06 2.45
N ILE A 41 2.00 -11.77 1.20
CA ILE A 41 3.05 -11.10 0.37
C ILE A 41 2.87 -9.60 0.51
N VAL A 42 3.93 -8.88 0.80
CA VAL A 42 3.77 -7.41 0.96
C VAL A 42 3.98 -6.69 -0.37
N THR A 43 3.09 -5.81 -0.65
CA THR A 43 3.19 -4.98 -1.88
C THR A 43 3.04 -3.53 -1.44
N GLU A 44 4.11 -2.80 -1.43
CA GLU A 44 4.05 -1.39 -0.95
C GLU A 44 3.54 -0.46 -2.04
N GLY A 45 3.59 0.81 -1.77
CA GLY A 45 3.12 1.82 -2.77
C GLY A 45 3.80 3.15 -2.47
N GLU A 46 4.67 3.60 -3.34
CA GLU A 46 5.39 4.86 -3.09
C GLU A 46 4.49 6.07 -3.38
N GLY A 47 3.60 6.39 -2.47
CA GLY A 47 2.71 7.57 -2.69
C GLY A 47 3.58 8.81 -2.97
N ASN A 48 2.97 9.94 -3.24
CA ASN A 48 3.79 11.15 -3.53
C ASN A 48 3.34 12.32 -2.66
N GLY A 49 3.88 12.44 -1.46
CA GLY A 49 3.50 13.57 -0.58
C GLY A 49 3.53 13.11 0.88
N LYS A 50 3.64 14.03 1.81
CA LYS A 50 3.66 13.63 3.25
C LYS A 50 2.58 12.57 3.47
N LYS A 51 1.34 12.94 3.26
CA LYS A 51 0.25 11.95 3.40
C LYS A 51 0.15 11.19 2.07
N VAL A 52 -0.94 10.54 1.81
CA VAL A 52 -1.08 9.79 0.52
C VAL A 52 -0.38 8.43 0.62
N SER A 53 0.75 8.36 1.29
CA SER A 53 1.47 7.07 1.40
C SER A 53 0.45 5.95 1.68
N LYS A 54 -0.44 6.17 2.60
CA LYS A 54 -1.47 5.14 2.90
C LYS A 54 -2.30 4.89 1.64
N LYS A 55 -2.70 5.95 0.97
CA LYS A 55 -3.52 5.78 -0.27
C LYS A 55 -2.69 5.03 -1.31
N ARG A 56 -1.72 5.68 -1.89
CA ARG A 56 -0.88 5.00 -2.93
C ARG A 56 -0.60 3.56 -2.51
N ALA A 57 -0.38 3.31 -1.25
CA ALA A 57 -0.11 1.92 -0.81
C ALA A 57 -1.35 1.06 -1.12
N ALA A 58 -2.52 1.49 -0.71
CA ALA A 58 -3.77 0.71 -0.97
C ALA A 58 -4.06 0.65 -2.47
N GLU A 59 -4.21 1.78 -3.13
CA GLU A 59 -4.50 1.73 -4.59
C GLU A 59 -3.54 0.74 -5.22
N LYS A 60 -2.30 0.81 -4.83
CA LYS A 60 -1.29 -0.14 -5.38
C LYS A 60 -1.73 -1.56 -5.01
N MET A 61 -2.17 -1.74 -3.80
CA MET A 61 -2.63 -3.08 -3.34
C MET A 61 -3.75 -3.62 -4.22
N LEU A 62 -4.90 -3.04 -4.09
CA LEU A 62 -6.07 -3.51 -4.86
C LEU A 62 -5.71 -3.53 -6.34
N VAL A 63 -5.29 -2.41 -6.87
CA VAL A 63 -4.89 -2.38 -8.30
C VAL A 63 -3.95 -3.55 -8.57
N GLU A 64 -3.17 -3.93 -7.59
CA GLU A 64 -2.22 -5.07 -7.77
C GLU A 64 -2.99 -6.38 -7.95
N LEU A 65 -3.71 -6.80 -6.94
CA LEU A 65 -4.47 -8.10 -7.07
C LEU A 65 -5.34 -8.06 -8.32
N GLN A 66 -5.72 -6.90 -8.78
CA GLN A 66 -6.58 -6.84 -10.00
C GLN A 66 -5.71 -7.02 -11.24
N LYS A 67 -4.49 -6.55 -11.19
CA LYS A 67 -3.59 -6.70 -12.37
C LYS A 67 -3.23 -8.18 -12.54
N LEU A 68 -2.97 -8.86 -11.46
CA LEU A 68 -2.61 -10.30 -11.55
C LEU A 68 -3.82 -11.10 -12.05
N PRO A 1 -8.93 4.39 -0.47
CA PRO A 1 -7.87 3.42 -0.88
C PRO A 1 -7.65 2.40 0.23
N ILE A 2 -7.46 2.84 1.45
CA ILE A 2 -7.24 1.90 2.57
C ILE A 2 -8.54 1.13 2.85
N SER A 3 -9.59 1.82 3.16
CA SER A 3 -10.88 1.12 3.43
C SER A 3 -11.21 0.21 2.26
N GLN A 4 -10.85 0.60 1.06
CA GLN A 4 -11.14 -0.26 -0.12
C GLN A 4 -10.36 -1.56 0.02
N VAL A 5 -9.09 -1.47 0.29
CA VAL A 5 -8.28 -2.71 0.45
C VAL A 5 -8.91 -3.52 1.57
N HIS A 6 -8.90 -3.03 2.77
CA HIS A 6 -9.51 -3.77 3.89
C HIS A 6 -10.81 -4.43 3.42
N GLU A 7 -11.57 -3.74 2.61
CA GLU A 7 -12.86 -4.31 2.12
C GLU A 7 -12.60 -5.58 1.29
N ILE A 8 -11.93 -5.48 0.18
CA ILE A 8 -11.68 -6.68 -0.65
C ILE A 8 -10.73 -7.66 0.06
N GLY A 9 -9.64 -7.17 0.54
CA GLY A 9 -8.66 -8.03 1.23
C GLY A 9 -9.38 -8.93 2.24
N ILE A 10 -10.14 -8.36 3.12
CA ILE A 10 -10.86 -9.19 4.12
C ILE A 10 -11.97 -10.00 3.42
N LYS A 11 -12.58 -9.42 2.43
CA LYS A 11 -13.69 -10.12 1.73
C LYS A 11 -13.12 -11.19 0.79
N ARG A 12 -11.83 -11.26 0.66
CA ARG A 12 -11.23 -12.28 -0.26
C ARG A 12 -10.12 -13.02 0.48
N ASN A 13 -10.04 -12.87 1.77
CA ASN A 13 -8.98 -13.56 2.55
C ASN A 13 -7.66 -12.80 2.42
N MET A 14 -7.60 -11.82 1.55
CA MET A 14 -6.35 -11.06 1.40
C MET A 14 -6.19 -10.09 2.57
N THR A 15 -5.45 -10.48 3.57
CA THR A 15 -5.27 -9.57 4.73
C THR A 15 -4.86 -8.18 4.25
N VAL A 16 -5.15 -7.17 5.01
CA VAL A 16 -4.78 -5.79 4.59
C VAL A 16 -4.02 -5.14 5.74
N HIS A 17 -2.71 -5.19 5.71
CA HIS A 17 -1.94 -4.56 6.83
C HIS A 17 -1.11 -3.38 6.33
N PHE A 18 -1.66 -2.21 6.38
CA PHE A 18 -0.92 -1.01 5.92
C PHE A 18 0.08 -0.54 6.98
N LYS A 19 1.32 -0.44 6.61
CA LYS A 19 2.35 0.02 7.57
C LYS A 19 3.45 0.73 6.77
N VAL A 20 3.65 1.99 7.01
CA VAL A 20 4.70 2.72 6.25
C VAL A 20 6.06 2.38 6.83
N LEU A 21 6.97 2.04 5.98
CA LEU A 21 8.33 1.65 6.44
C LEU A 21 9.20 2.90 6.52
N ARG A 22 8.90 3.90 5.74
CA ARG A 22 9.71 5.14 5.79
C ARG A 22 9.52 5.98 4.53
N GLU A 23 10.40 6.93 4.30
CA GLU A 23 10.29 7.79 3.09
C GLU A 23 11.36 7.37 2.08
N GLU A 24 11.72 8.24 1.17
CA GLU A 24 12.77 7.89 0.17
C GLU A 24 12.96 9.06 -0.80
N GLY A 25 14.19 9.42 -1.05
CA GLY A 25 14.46 10.55 -1.99
C GLY A 25 15.61 11.40 -1.45
N PRO A 26 16.45 11.87 -2.34
CA PRO A 26 17.61 12.70 -1.97
C PRO A 26 17.14 14.02 -1.34
N ALA A 27 16.76 14.97 -2.15
CA ALA A 27 16.29 16.27 -1.60
C ALA A 27 15.20 16.85 -2.51
N HIS A 28 14.67 16.06 -3.40
CA HIS A 28 13.61 16.56 -4.32
C HIS A 28 12.67 15.42 -4.70
N MET A 29 12.37 14.56 -3.77
CA MET A 29 11.46 13.42 -4.07
C MET A 29 10.74 13.00 -2.79
N LYS A 30 9.73 13.72 -2.41
CA LYS A 30 9.00 13.36 -1.15
C LYS A 30 8.08 12.15 -1.41
N ASN A 31 8.57 10.97 -1.16
CA ASN A 31 7.76 9.75 -1.38
C ASN A 31 7.93 8.81 -0.18
N PHE A 32 7.10 7.80 -0.08
CA PHE A 32 7.21 6.85 1.06
C PHE A 32 6.87 5.44 0.59
N ILE A 33 7.62 4.46 1.02
CA ILE A 33 7.31 3.06 0.62
C ILE A 33 6.39 2.46 1.67
N THR A 34 5.12 2.47 1.44
CA THR A 34 4.17 1.90 2.43
C THR A 34 3.96 0.42 2.19
N ALA A 35 4.31 -0.39 3.15
CA ALA A 35 4.11 -1.87 3.00
C ALA A 35 2.65 -2.24 3.29
N CYS A 36 1.96 -2.86 2.37
CA CYS A 36 0.55 -3.24 2.65
C CYS A 36 0.46 -4.76 2.53
N ILE A 37 0.17 -5.46 3.60
CA ILE A 37 0.12 -6.96 3.52
C ILE A 37 -1.16 -7.43 2.85
N VAL A 38 -1.01 -8.42 2.01
CA VAL A 38 -2.16 -9.06 1.31
C VAL A 38 -2.14 -10.54 1.67
N GLY A 39 -3.28 -11.13 1.88
CA GLY A 39 -3.32 -12.58 2.24
C GLY A 39 -2.53 -13.40 1.22
N SER A 40 -1.25 -13.49 1.39
CA SER A 40 -0.40 -14.27 0.45
C SER A 40 1.05 -13.81 0.59
N ILE A 41 1.26 -12.52 0.65
CA ILE A 41 2.64 -11.99 0.79
C ILE A 41 2.56 -10.50 1.11
N VAL A 42 3.68 -9.83 1.19
CA VAL A 42 3.63 -8.37 1.49
C VAL A 42 3.64 -7.61 0.17
N THR A 43 2.72 -6.72 0.03
CA THR A 43 2.66 -5.89 -1.20
C THR A 43 2.82 -4.44 -0.80
N GLU A 44 4.02 -3.94 -0.77
CA GLU A 44 4.22 -2.53 -0.38
C GLU A 44 3.93 -1.62 -1.57
N GLY A 45 4.23 -0.36 -1.43
CA GLY A 45 3.98 0.59 -2.55
C GLY A 45 4.79 1.85 -2.30
N GLU A 46 4.94 2.68 -3.28
CA GLU A 46 5.72 3.93 -3.06
C GLU A 46 4.86 5.14 -3.38
N GLY A 47 4.21 5.68 -2.39
CA GLY A 47 3.36 6.88 -2.62
C GLY A 47 4.21 8.14 -2.47
N ASN A 48 3.60 9.27 -2.33
CA ASN A 48 4.37 10.52 -2.16
C ASN A 48 4.61 10.75 -0.66
N GLY A 49 4.94 11.95 -0.28
CA GLY A 49 5.17 12.24 1.17
C GLY A 49 3.86 12.66 1.83
N LYS A 50 3.90 13.00 3.09
CA LYS A 50 2.65 13.41 3.79
C LYS A 50 1.80 12.17 4.07
N LYS A 51 0.52 12.35 4.23
CA LYS A 51 -0.37 11.17 4.51
C LYS A 51 -0.80 10.56 3.18
N VAL A 52 0.14 10.22 2.34
CA VAL A 52 -0.21 9.62 1.03
C VAL A 52 0.32 8.18 0.96
N SER A 53 1.53 7.97 1.41
CA SER A 53 2.13 6.61 1.38
C SER A 53 1.07 5.55 1.68
N LYS A 54 0.21 5.80 2.62
CA LYS A 54 -0.85 4.79 2.94
C LYS A 54 -1.78 4.62 1.72
N LYS A 55 -2.45 5.66 1.32
CA LYS A 55 -3.35 5.54 0.14
C LYS A 55 -2.60 4.87 -1.01
N ARG A 56 -1.54 5.48 -1.48
CA ARG A 56 -0.76 4.87 -2.58
C ARG A 56 -0.57 3.37 -2.30
N ALA A 57 0.21 3.04 -1.31
CA ALA A 57 0.44 1.59 -0.97
C ALA A 57 -0.82 0.79 -1.27
N ALA A 58 -1.95 1.27 -0.82
CA ALA A 58 -3.23 0.55 -1.07
C ALA A 58 -3.42 0.39 -2.59
N GLU A 59 -3.37 1.47 -3.32
CA GLU A 59 -3.55 1.36 -4.79
C GLU A 59 -2.63 0.26 -5.31
N LYS A 60 -1.43 0.20 -4.79
CA LYS A 60 -0.47 -0.84 -5.23
C LYS A 60 -1.05 -2.22 -4.89
N MET A 61 -1.66 -2.33 -3.75
CA MET A 61 -2.26 -3.63 -3.33
C MET A 61 -3.48 -3.96 -4.18
N LEU A 62 -4.56 -3.24 -4.01
CA LEU A 62 -5.78 -3.52 -4.81
C LEU A 62 -5.39 -3.64 -6.28
N VAL A 63 -4.75 -2.64 -6.81
CA VAL A 63 -4.33 -2.72 -8.24
C VAL A 63 -3.57 -4.02 -8.44
N GLU A 64 -2.73 -4.38 -7.50
CA GLU A 64 -1.95 -5.64 -7.61
C GLU A 64 -2.89 -6.83 -7.83
N LEU A 65 -3.65 -7.19 -6.84
CA LEU A 65 -4.57 -8.36 -7.01
C LEU A 65 -5.37 -8.22 -8.31
N GLN A 66 -5.67 -7.03 -8.73
CA GLN A 66 -6.45 -6.86 -9.99
C GLN A 66 -5.61 -7.35 -11.18
N LYS A 67 -4.35 -7.03 -11.20
CA LYS A 67 -3.48 -7.47 -12.34
C LYS A 67 -3.36 -9.00 -12.32
N LEU A 68 -3.32 -9.57 -11.15
CA LEU A 68 -3.19 -11.05 -11.05
C LEU A 68 -4.47 -11.71 -11.56
N PRO A 1 -8.18 4.76 1.26
CA PRO A 1 -7.18 3.83 0.63
C PRO A 1 -7.00 2.60 1.51
N ILE A 2 -6.76 2.79 2.78
CA ILE A 2 -6.57 1.63 3.69
C ILE A 2 -7.90 0.92 3.92
N SER A 3 -8.94 1.66 4.20
CA SER A 3 -10.27 1.03 4.45
C SER A 3 -10.70 0.24 3.21
N GLN A 4 -10.35 0.68 2.03
CA GLN A 4 -10.75 -0.06 0.81
C GLN A 4 -10.07 -1.43 0.80
N VAL A 5 -8.77 -1.46 0.91
CA VAL A 5 -8.08 -2.78 0.93
C VAL A 5 -8.64 -3.57 2.08
N HIS A 6 -8.47 -3.13 3.29
CA HIS A 6 -9.03 -3.86 4.45
C HIS A 6 -10.42 -4.39 4.07
N GLU A 7 -11.16 -3.62 3.32
CA GLU A 7 -12.53 -4.06 2.93
C GLU A 7 -12.44 -5.33 2.07
N ILE A 8 -11.90 -5.25 0.89
CA ILE A 8 -11.83 -6.46 0.02
C ILE A 8 -10.87 -7.50 0.63
N GLY A 9 -9.70 -7.08 1.00
CA GLY A 9 -8.70 -8.00 1.58
C GLY A 9 -9.36 -8.88 2.64
N ILE A 10 -9.98 -8.29 3.63
CA ILE A 10 -10.62 -9.13 4.68
C ILE A 10 -11.82 -9.89 4.10
N LYS A 11 -12.65 -9.22 3.36
CA LYS A 11 -13.84 -9.90 2.78
C LYS A 11 -13.42 -11.01 1.82
N ARG A 12 -12.17 -11.06 1.46
CA ARG A 12 -11.71 -12.13 0.52
C ARG A 12 -10.54 -12.90 1.13
N ASN A 13 -10.27 -12.67 2.38
CA ASN A 13 -9.14 -13.38 3.06
C ASN A 13 -7.82 -12.72 2.69
N MET A 14 -7.82 -11.83 1.73
CA MET A 14 -6.54 -11.15 1.36
C MET A 14 -6.16 -10.16 2.46
N THR A 15 -5.48 -10.64 3.46
CA THR A 15 -5.08 -9.75 4.59
C THR A 15 -4.66 -8.37 4.08
N VAL A 16 -4.62 -7.41 4.95
CA VAL A 16 -4.20 -6.04 4.54
C VAL A 16 -3.27 -5.48 5.61
N HIS A 17 -1.99 -5.71 5.48
CA HIS A 17 -1.04 -5.20 6.52
C HIS A 17 -0.26 -4.00 5.97
N PHE A 18 -0.74 -2.80 6.20
CA PHE A 18 -0.02 -1.60 5.68
C PHE A 18 1.05 -1.15 6.68
N LYS A 19 2.23 -0.91 6.20
CA LYS A 19 3.32 -0.45 7.09
C LYS A 19 4.29 0.40 6.27
N VAL A 20 4.38 1.68 6.54
CA VAL A 20 5.31 2.52 5.75
C VAL A 20 6.74 2.29 6.24
N LEU A 21 7.54 1.69 5.40
CA LEU A 21 8.95 1.39 5.79
C LEU A 21 9.85 2.55 5.36
N ARG A 22 9.46 3.29 4.37
CA ARG A 22 10.30 4.42 3.91
C ARG A 22 9.46 5.69 3.80
N GLU A 23 10.09 6.83 3.83
CA GLU A 23 9.33 8.09 3.73
C GLU A 23 10.22 9.18 3.14
N GLU A 24 10.57 9.07 1.89
CA GLU A 24 11.44 10.10 1.26
C GLU A 24 12.76 10.20 2.04
N GLY A 25 13.79 10.68 1.40
CA GLY A 25 15.11 10.82 2.10
C GLY A 25 14.95 11.80 3.27
N PRO A 26 15.90 12.68 3.43
CA PRO A 26 15.87 13.69 4.50
C PRO A 26 14.58 14.52 4.40
N ALA A 27 14.51 15.41 3.45
CA ALA A 27 13.28 16.28 3.32
C ALA A 27 13.11 16.70 1.86
N HIS A 28 11.97 16.44 1.27
CA HIS A 28 11.76 16.80 -0.17
C HIS A 28 10.48 16.13 -0.66
N MET A 29 10.27 16.09 -1.95
CA MET A 29 9.06 15.44 -2.50
C MET A 29 9.45 14.11 -3.17
N LYS A 30 10.20 13.29 -2.48
CA LYS A 30 10.64 12.00 -3.07
C LYS A 30 9.49 10.99 -3.02
N ASN A 31 9.80 9.73 -2.80
CA ASN A 31 8.73 8.70 -2.77
C ASN A 31 8.50 8.18 -1.35
N PHE A 32 7.56 7.28 -1.21
CA PHE A 32 7.25 6.69 0.11
C PHE A 32 6.96 5.20 -0.10
N ILE A 33 7.75 4.33 0.47
CA ILE A 33 7.48 2.87 0.29
C ILE A 33 6.57 2.39 1.40
N THR A 34 5.45 1.85 1.06
CA THR A 34 4.51 1.36 2.11
C THR A 34 4.23 -0.11 1.84
N ALA A 35 4.72 -0.97 2.68
CA ALA A 35 4.49 -2.42 2.48
C ALA A 35 3.07 -2.78 2.88
N CYS A 36 2.27 -3.26 1.98
CA CYS A 36 0.88 -3.62 2.34
C CYS A 36 0.65 -5.09 2.00
N ILE A 37 0.43 -5.91 2.99
CA ILE A 37 0.25 -7.38 2.72
C ILE A 37 -1.15 -7.68 2.22
N VAL A 38 -1.22 -8.49 1.19
CA VAL A 38 -2.51 -8.94 0.61
C VAL A 38 -2.43 -10.46 0.42
N GLY A 39 -3.53 -11.14 0.53
CA GLY A 39 -3.50 -12.62 0.34
C GLY A 39 -2.31 -13.21 1.11
N SER A 40 -1.46 -13.94 0.43
CA SER A 40 -0.29 -14.55 1.12
C SER A 40 0.99 -13.88 0.62
N ILE A 41 0.88 -12.83 -0.15
CA ILE A 41 2.10 -12.13 -0.65
C ILE A 41 2.00 -10.65 -0.28
N VAL A 42 3.11 -10.01 -0.07
CA VAL A 42 3.05 -8.57 0.30
C VAL A 42 3.44 -7.71 -0.89
N THR A 43 2.77 -6.61 -1.03
CA THR A 43 3.09 -5.67 -2.13
C THR A 43 3.15 -4.27 -1.51
N GLU A 44 4.30 -3.66 -1.49
CA GLU A 44 4.41 -2.31 -0.88
C GLU A 44 3.98 -1.25 -1.89
N GLY A 45 4.24 -0.02 -1.60
CA GLY A 45 3.82 1.07 -2.54
C GLY A 45 4.77 2.27 -2.42
N GLU A 46 5.55 2.51 -3.43
CA GLU A 46 6.47 3.67 -3.38
C GLU A 46 5.74 4.95 -3.83
N GLY A 47 4.76 5.37 -3.06
CA GLY A 47 4.01 6.61 -3.43
C GLY A 47 4.98 7.74 -3.78
N ASN A 48 4.47 8.90 -4.12
CA ASN A 48 5.36 10.04 -4.47
C ASN A 48 5.11 11.23 -3.54
N GLY A 49 5.85 11.31 -2.46
CA GLY A 49 5.70 12.45 -1.48
C GLY A 49 4.30 13.07 -1.53
N LYS A 50 4.23 14.37 -1.36
CA LYS A 50 2.92 15.08 -1.40
C LYS A 50 1.81 14.22 -0.81
N LYS A 51 1.76 14.10 0.49
CA LYS A 51 0.70 13.27 1.13
C LYS A 51 0.49 11.99 0.33
N VAL A 52 1.17 10.93 0.67
CA VAL A 52 1.01 9.66 -0.08
C VAL A 52 1.55 8.49 0.77
N SER A 53 2.04 7.46 0.13
CA SER A 53 2.58 6.28 0.87
C SER A 53 1.44 5.34 1.25
N LYS A 54 0.48 5.81 1.97
CA LYS A 54 -0.65 4.94 2.36
C LYS A 54 -1.60 4.78 1.18
N LYS A 55 -1.95 5.87 0.54
CA LYS A 55 -2.87 5.78 -0.63
C LYS A 55 -2.16 5.03 -1.76
N ARG A 56 -0.89 5.28 -1.94
CA ARG A 56 -0.15 4.57 -3.03
C ARG A 56 -0.04 3.08 -2.68
N ALA A 57 0.33 2.78 -1.47
CA ALA A 57 0.46 1.35 -1.08
C ALA A 57 -0.88 0.63 -1.34
N ALA A 58 -1.95 1.10 -0.75
CA ALA A 58 -3.27 0.44 -0.96
C ALA A 58 -3.57 0.33 -2.44
N GLU A 59 -3.43 1.40 -3.19
CA GLU A 59 -3.70 1.29 -4.65
C GLU A 59 -2.85 0.16 -5.21
N LYS A 60 -1.67 0.00 -4.68
CA LYS A 60 -0.78 -1.08 -5.15
C LYS A 60 -1.43 -2.43 -4.80
N MET A 61 -2.09 -2.49 -3.67
CA MET A 61 -2.75 -3.75 -3.25
C MET A 61 -4.01 -4.01 -4.09
N LEU A 62 -5.03 -3.23 -3.88
CA LEU A 62 -6.30 -3.45 -4.63
C LEU A 62 -5.97 -3.56 -6.12
N VAL A 63 -5.08 -2.74 -6.61
CA VAL A 63 -4.70 -2.84 -8.04
C VAL A 63 -4.01 -4.19 -8.23
N GLU A 64 -3.20 -4.58 -7.27
CA GLU A 64 -2.49 -5.88 -7.36
C GLU A 64 -3.50 -7.00 -7.64
N LEU A 65 -4.45 -7.18 -6.77
CA LEU A 65 -5.47 -8.25 -6.99
C LEU A 65 -6.21 -8.04 -8.31
N GLN A 66 -6.57 -6.81 -8.62
CA GLN A 66 -7.30 -6.56 -9.90
C GLN A 66 -6.60 -7.32 -11.03
N LYS A 67 -5.33 -7.57 -10.88
CA LYS A 67 -4.59 -8.32 -11.94
C LYS A 67 -5.06 -9.78 -11.96
N LEU A 68 -4.80 -10.50 -10.92
CA LEU A 68 -5.22 -11.92 -10.86
C LEU A 68 -6.74 -12.00 -10.75
N PRO A 1 -9.12 4.12 -0.79
CA PRO A 1 -7.85 3.36 -0.95
C PRO A 1 -7.63 2.43 0.24
N ILE A 2 -7.66 2.95 1.43
CA ILE A 2 -7.47 2.09 2.62
C ILE A 2 -8.71 1.23 2.85
N SER A 3 -9.82 1.84 3.15
CA SER A 3 -11.06 1.06 3.37
C SER A 3 -11.31 0.15 2.17
N GLN A 4 -10.85 0.53 1.01
CA GLN A 4 -11.05 -0.33 -0.18
C GLN A 4 -10.23 -1.60 -0.01
N VAL A 5 -8.97 -1.48 0.30
CA VAL A 5 -8.14 -2.70 0.50
C VAL A 5 -8.77 -3.50 1.63
N HIS A 6 -8.88 -2.96 2.79
CA HIS A 6 -9.49 -3.71 3.91
C HIS A 6 -10.75 -4.43 3.40
N GLU A 7 -11.50 -3.76 2.56
CA GLU A 7 -12.74 -4.37 2.01
C GLU A 7 -12.43 -5.66 1.23
N ILE A 8 -11.71 -5.54 0.15
CA ILE A 8 -11.41 -6.76 -0.67
C ILE A 8 -10.47 -7.70 0.09
N GLY A 9 -9.40 -7.18 0.61
CA GLY A 9 -8.43 -8.02 1.34
C GLY A 9 -9.15 -8.90 2.35
N ILE A 10 -9.99 -8.34 3.17
CA ILE A 10 -10.71 -9.17 4.16
C ILE A 10 -11.75 -10.07 3.45
N LYS A 11 -12.51 -9.51 2.56
CA LYS A 11 -13.54 -10.30 1.85
C LYS A 11 -12.88 -11.36 0.97
N ARG A 12 -11.58 -11.31 0.84
CA ARG A 12 -10.89 -12.32 -0.03
C ARG A 12 -9.79 -13.01 0.78
N ASN A 13 -9.83 -12.87 2.08
CA ASN A 13 -8.79 -13.51 2.95
C ASN A 13 -7.45 -12.75 2.80
N MET A 14 -7.34 -11.83 1.89
CA MET A 14 -6.06 -11.09 1.74
C MET A 14 -5.98 -10.01 2.83
N THR A 15 -5.38 -10.33 3.95
CA THR A 15 -5.28 -9.33 5.06
C THR A 15 -4.92 -7.96 4.49
N VAL A 16 -5.02 -6.94 5.29
CA VAL A 16 -4.68 -5.57 4.81
C VAL A 16 -3.90 -4.86 5.90
N HIS A 17 -2.61 -5.08 5.97
CA HIS A 17 -1.83 -4.40 7.05
C HIS A 17 -0.97 -3.28 6.46
N PHE A 18 -1.51 -2.08 6.46
CA PHE A 18 -0.77 -0.91 5.92
C PHE A 18 0.26 -0.41 6.94
N LYS A 19 1.51 -0.39 6.55
CA LYS A 19 2.57 0.10 7.47
C LYS A 19 3.67 0.71 6.62
N VAL A 20 4.00 1.96 6.84
CA VAL A 20 5.07 2.58 6.02
C VAL A 20 6.41 2.11 6.55
N LEU A 21 7.23 1.66 5.66
CA LEU A 21 8.56 1.13 6.07
C LEU A 21 9.58 2.26 6.10
N ARG A 22 9.32 3.32 5.38
CA ARG A 22 10.29 4.46 5.39
C ARG A 22 10.06 5.36 4.17
N GLU A 23 11.01 6.21 3.88
CA GLU A 23 10.87 7.11 2.69
C GLU A 23 11.91 6.72 1.65
N GLU A 24 12.06 7.50 0.61
CA GLU A 24 13.07 7.14 -0.44
C GLU A 24 13.71 8.43 -0.96
N GLY A 25 15.01 8.45 -1.09
CA GLY A 25 15.70 9.67 -1.59
C GLY A 25 15.58 10.79 -0.54
N PRO A 26 16.57 11.64 -0.51
CA PRO A 26 16.60 12.77 0.43
C PRO A 26 15.39 13.68 0.21
N ALA A 27 15.29 14.27 -0.95
CA ALA A 27 14.16 15.16 -1.25
C ALA A 27 13.94 15.24 -2.76
N HIS A 28 13.51 16.36 -3.26
CA HIS A 28 13.31 16.48 -4.73
C HIS A 28 12.18 15.53 -5.16
N MET A 29 11.47 14.99 -4.21
CA MET A 29 10.37 14.04 -4.55
C MET A 29 9.96 13.28 -3.29
N LYS A 30 9.31 13.92 -2.38
CA LYS A 30 8.90 13.24 -1.13
C LYS A 30 8.03 12.02 -1.47
N ASN A 31 8.55 10.84 -1.27
CA ASN A 31 7.77 9.60 -1.57
C ASN A 31 8.08 8.53 -0.53
N PHE A 32 7.09 7.89 0.01
CA PHE A 32 7.34 6.85 1.04
C PHE A 32 6.86 5.49 0.54
N ILE A 33 7.59 4.45 0.88
CA ILE A 33 7.16 3.09 0.44
C ILE A 33 6.28 2.51 1.53
N THR A 34 5.03 2.34 1.26
CA THR A 34 4.11 1.80 2.30
C THR A 34 3.79 0.33 2.04
N ALA A 35 4.15 -0.53 2.96
CA ALA A 35 3.89 -2.00 2.78
C ALA A 35 2.48 -2.35 3.26
N CYS A 36 1.67 -2.93 2.40
CA CYS A 36 0.32 -3.35 2.87
C CYS A 36 0.27 -4.88 2.81
N ILE A 37 0.03 -5.53 3.90
CA ILE A 37 0.01 -7.02 3.86
C ILE A 37 -1.28 -7.52 3.23
N VAL A 38 -1.15 -8.41 2.27
CA VAL A 38 -2.34 -8.97 1.58
C VAL A 38 -2.16 -10.50 1.44
N GLY A 39 -3.08 -11.23 2.03
CA GLY A 39 -3.07 -12.73 1.99
C GLY A 39 -1.73 -13.30 1.52
N SER A 40 -1.66 -13.70 0.28
CA SER A 40 -0.41 -14.30 -0.28
C SER A 40 0.84 -13.78 0.44
N ILE A 41 1.07 -12.50 0.41
CA ILE A 41 2.28 -11.95 1.08
C ILE A 41 2.10 -10.44 1.21
N VAL A 42 3.15 -9.73 1.54
CA VAL A 42 3.02 -8.26 1.67
C VAL A 42 3.29 -7.59 0.34
N THR A 43 2.48 -6.68 -0.02
CA THR A 43 2.68 -5.92 -1.28
C THR A 43 2.73 -4.43 -0.90
N GLU A 44 3.89 -3.85 -0.97
CA GLU A 44 4.01 -2.42 -0.59
C GLU A 44 3.79 -1.54 -1.81
N GLY A 45 4.00 -0.26 -1.64
CA GLY A 45 3.82 0.69 -2.78
C GLY A 45 4.68 1.91 -2.51
N GLU A 46 4.73 2.84 -3.41
CA GLU A 46 5.58 4.04 -3.18
C GLU A 46 4.76 5.30 -3.42
N GLY A 47 4.18 5.85 -2.39
CA GLY A 47 3.37 7.09 -2.55
C GLY A 47 4.27 8.30 -2.31
N ASN A 48 3.69 9.47 -2.23
CA ASN A 48 4.52 10.68 -1.99
C ASN A 48 4.83 10.76 -0.48
N GLY A 49 5.19 11.91 -0.02
CA GLY A 49 5.51 12.06 1.44
C GLY A 49 4.60 13.11 2.07
N LYS A 50 3.39 12.73 2.40
CA LYS A 50 2.44 13.69 3.02
C LYS A 50 1.06 13.05 3.07
N LYS A 51 0.76 12.31 4.10
CA LYS A 51 -0.58 11.66 4.19
C LYS A 51 -0.91 11.03 2.82
N VAL A 52 0.04 10.33 2.27
CA VAL A 52 -0.19 9.70 0.93
C VAL A 52 0.36 8.27 0.94
N SER A 53 1.51 8.09 1.52
CA SER A 53 2.13 6.74 1.56
C SER A 53 1.07 5.66 1.79
N LYS A 54 0.19 5.86 2.72
CA LYS A 54 -0.86 4.84 3.00
C LYS A 54 -1.76 4.66 1.77
N LYS A 55 -2.35 5.71 1.29
CA LYS A 55 -3.23 5.58 0.09
C LYS A 55 -2.46 4.94 -1.06
N ARG A 56 -1.46 5.62 -1.56
CA ARG A 56 -0.66 5.06 -2.69
C ARG A 56 -0.36 3.59 -2.42
N ALA A 57 -0.01 3.24 -1.21
CA ALA A 57 0.29 1.81 -0.91
C ALA A 57 -0.95 0.97 -1.23
N ALA A 58 -2.09 1.43 -0.79
CA ALA A 58 -3.35 0.66 -1.05
C ALA A 58 -3.60 0.53 -2.55
N GLU A 59 -3.69 1.63 -3.26
CA GLU A 59 -3.93 1.51 -4.73
C GLU A 59 -2.93 0.51 -5.28
N LYS A 60 -1.72 0.56 -4.82
CA LYS A 60 -0.69 -0.40 -5.29
C LYS A 60 -1.16 -1.82 -4.99
N MET A 61 -1.69 -2.03 -3.82
CA MET A 61 -2.18 -3.38 -3.44
C MET A 61 -3.39 -3.78 -4.28
N LEU A 62 -4.51 -3.14 -4.03
CA LEU A 62 -5.73 -3.49 -4.81
C LEU A 62 -5.36 -3.58 -6.29
N VAL A 63 -4.87 -2.52 -6.85
CA VAL A 63 -4.47 -2.54 -8.27
C VAL A 63 -3.60 -3.77 -8.51
N GLU A 64 -2.74 -4.08 -7.57
CA GLU A 64 -1.85 -5.28 -7.72
C GLU A 64 -2.70 -6.53 -7.92
N LEU A 65 -3.41 -6.97 -6.90
CA LEU A 65 -4.22 -8.21 -7.06
C LEU A 65 -4.99 -8.15 -8.37
N GLN A 66 -5.43 -6.99 -8.79
CA GLN A 66 -6.19 -6.91 -10.08
C GLN A 66 -5.29 -7.33 -11.24
N LYS A 67 -4.08 -6.85 -11.26
CA LYS A 67 -3.16 -7.22 -12.37
C LYS A 67 -2.93 -8.73 -12.35
N LEU A 68 -2.63 -9.28 -11.21
CA LEU A 68 -2.39 -10.74 -11.13
C LEU A 68 -3.73 -11.48 -11.17
N PRO A 1 -9.28 4.40 -0.10
CA PRO A 1 -8.05 3.62 -0.43
C PRO A 1 -7.73 2.63 0.70
N ILE A 2 -7.58 3.11 1.89
CA ILE A 2 -7.28 2.20 3.04
C ILE A 2 -8.50 1.33 3.32
N SER A 3 -9.57 1.92 3.77
CA SER A 3 -10.80 1.12 4.05
C SER A 3 -11.11 0.21 2.86
N GLN A 4 -10.76 0.64 1.68
CA GLN A 4 -11.04 -0.19 0.48
C GLN A 4 -10.21 -1.48 0.58
N VAL A 5 -8.92 -1.38 0.62
CA VAL A 5 -8.09 -2.60 0.73
C VAL A 5 -8.60 -3.43 1.90
N HIS A 6 -8.63 -2.88 3.07
CA HIS A 6 -9.13 -3.65 4.23
C HIS A 6 -10.40 -4.40 3.83
N GLU A 7 -11.26 -3.75 3.10
CA GLU A 7 -12.54 -4.41 2.68
C GLU A 7 -12.25 -5.64 1.81
N ILE A 8 -11.62 -5.45 0.68
CA ILE A 8 -11.36 -6.62 -0.22
C ILE A 8 -10.40 -7.61 0.46
N GLY A 9 -9.27 -7.15 0.91
CA GLY A 9 -8.27 -8.04 1.55
C GLY A 9 -8.94 -8.92 2.60
N ILE A 10 -9.66 -8.33 3.52
CA ILE A 10 -10.29 -9.18 4.58
C ILE A 10 -11.39 -10.06 3.95
N LYS A 11 -12.20 -9.51 3.11
CA LYS A 11 -13.30 -10.31 2.49
C LYS A 11 -12.70 -11.38 1.59
N ARG A 12 -11.44 -11.28 1.29
CA ARG A 12 -10.81 -12.31 0.40
C ARG A 12 -9.70 -13.03 1.16
N ASN A 13 -9.60 -12.81 2.44
CA ASN A 13 -8.54 -13.48 3.25
C ASN A 13 -7.21 -12.73 3.08
N MET A 14 -7.13 -11.84 2.13
CA MET A 14 -5.87 -11.09 1.93
C MET A 14 -5.76 -10.01 3.00
N THR A 15 -5.02 -10.25 4.05
CA THR A 15 -4.91 -9.24 5.12
C THR A 15 -4.65 -7.86 4.51
N VAL A 16 -4.68 -6.84 5.31
CA VAL A 16 -4.45 -5.47 4.79
C VAL A 16 -3.67 -4.68 5.83
N HIS A 17 -2.38 -4.82 5.86
CA HIS A 17 -1.59 -4.07 6.88
C HIS A 17 -0.62 -3.08 6.20
N PHE A 18 -1.03 -1.84 6.11
CA PHE A 18 -0.18 -0.81 5.46
C PHE A 18 0.93 -0.35 6.40
N LYS A 19 2.14 -0.33 5.91
CA LYS A 19 3.29 0.14 6.74
C LYS A 19 4.34 0.74 5.82
N VAL A 20 4.61 2.01 5.93
CA VAL A 20 5.63 2.62 5.04
C VAL A 20 7.01 2.28 5.58
N LEU A 21 7.79 1.58 4.79
CA LEU A 21 9.13 1.15 5.26
C LEU A 21 10.24 1.83 4.47
N ARG A 22 9.92 2.47 3.38
CA ARG A 22 10.99 3.13 2.58
C ARG A 22 10.67 4.60 2.34
N GLU A 23 11.65 5.45 2.51
CA GLU A 23 11.43 6.91 2.29
C GLU A 23 12.78 7.56 2.02
N GLU A 24 12.92 8.25 0.91
CA GLU A 24 14.22 8.90 0.58
C GLU A 24 14.84 9.49 1.86
N GLY A 25 16.12 9.32 2.04
CA GLY A 25 16.79 9.87 3.25
C GLY A 25 16.26 11.27 3.54
N PRO A 26 16.92 12.25 3.00
CA PRO A 26 16.50 13.64 3.18
C PRO A 26 15.18 13.82 2.43
N ALA A 27 14.97 14.92 1.75
CA ALA A 27 13.70 15.10 0.96
C ALA A 27 12.47 14.99 1.87
N HIS A 28 12.09 13.78 2.23
CA HIS A 28 10.88 13.60 3.10
C HIS A 28 9.67 14.23 2.42
N MET A 29 9.76 14.41 1.13
CA MET A 29 8.63 15.01 0.37
C MET A 29 8.69 14.52 -1.09
N LYS A 30 9.40 13.44 -1.32
CA LYS A 30 9.50 12.90 -2.71
C LYS A 30 8.57 11.70 -2.87
N ASN A 31 9.02 10.53 -2.53
CA ASN A 31 8.17 9.33 -2.68
C ASN A 31 8.20 8.49 -1.40
N PHE A 32 7.37 7.50 -1.32
CA PHE A 32 7.34 6.62 -0.11
C PHE A 32 6.90 5.22 -0.52
N ILE A 33 7.65 4.21 -0.18
CA ILE A 33 7.23 2.83 -0.54
C ILE A 33 6.38 2.30 0.59
N THR A 34 5.09 2.39 0.45
CA THR A 34 4.19 1.90 1.53
C THR A 34 3.88 0.42 1.30
N ALA A 35 4.33 -0.42 2.19
CA ALA A 35 4.10 -1.88 2.04
C ALA A 35 2.76 -2.29 2.66
N CYS A 36 1.83 -2.75 1.86
CA CYS A 36 0.54 -3.21 2.46
C CYS A 36 0.53 -4.73 2.41
N ILE A 37 0.54 -5.39 3.52
CA ILE A 37 0.58 -6.87 3.48
C ILE A 37 -0.79 -7.42 3.14
N VAL A 38 -0.83 -8.30 2.18
CA VAL A 38 -2.09 -8.92 1.75
C VAL A 38 -1.88 -10.44 1.65
N GLY A 39 -2.80 -11.20 2.13
CA GLY A 39 -2.68 -12.69 2.07
C GLY A 39 -1.40 -13.12 2.80
N SER A 40 -0.48 -13.71 2.09
CA SER A 40 0.78 -14.16 2.74
C SER A 40 1.97 -13.45 2.09
N ILE A 41 1.72 -12.43 1.31
CA ILE A 41 2.83 -11.70 0.65
C ILE A 41 2.60 -10.20 0.79
N VAL A 42 3.63 -9.41 0.82
CA VAL A 42 3.43 -7.95 0.96
C VAL A 42 3.45 -7.27 -0.39
N THR A 43 2.53 -6.39 -0.59
CA THR A 43 2.47 -5.63 -1.87
C THR A 43 2.56 -4.14 -1.52
N GLU A 44 3.71 -3.56 -1.69
CA GLU A 44 3.88 -2.13 -1.34
C GLU A 44 3.51 -1.23 -2.51
N GLY A 45 3.73 0.04 -2.36
CA GLY A 45 3.40 1.00 -3.46
C GLY A 45 4.17 2.30 -3.22
N GLU A 46 5.06 2.65 -4.11
CA GLU A 46 5.85 3.88 -3.92
C GLU A 46 5.04 5.12 -4.31
N GLY A 47 4.31 5.67 -3.37
CA GLY A 47 3.51 6.89 -3.68
C GLY A 47 4.45 8.08 -3.87
N ASN A 48 3.91 9.22 -4.21
CA ASN A 48 4.79 10.41 -4.42
C ASN A 48 4.30 11.58 -3.55
N GLY A 49 4.98 11.83 -2.47
CA GLY A 49 4.58 12.96 -1.58
C GLY A 49 3.94 12.43 -0.31
N LYS A 50 4.08 13.12 0.79
CA LYS A 50 3.47 12.66 2.07
C LYS A 50 1.94 12.62 1.90
N LYS A 51 1.24 12.06 2.85
CA LYS A 51 -0.24 12.00 2.74
C LYS A 51 -0.61 11.22 1.48
N VAL A 52 0.32 10.48 0.92
CA VAL A 52 0.02 9.70 -0.31
C VAL A 52 0.52 8.27 -0.13
N SER A 53 1.64 8.10 0.51
CA SER A 53 2.20 6.73 0.72
C SER A 53 1.08 5.74 1.03
N LYS A 54 0.19 6.10 1.92
CA LYS A 54 -0.93 5.18 2.26
C LYS A 54 -1.81 4.93 1.03
N LYS A 55 -2.61 5.88 0.66
CA LYS A 55 -3.49 5.69 -0.54
C LYS A 55 -2.71 5.00 -1.66
N ARG A 56 -1.72 5.67 -2.20
CA ARG A 56 -0.91 5.07 -3.30
C ARG A 56 -0.67 3.58 -3.03
N ALA A 57 -0.10 3.25 -1.90
CA ALA A 57 0.17 1.82 -1.59
C ALA A 57 -1.11 0.99 -1.81
N ALA A 58 -2.21 1.41 -1.23
CA ALA A 58 -3.47 0.63 -1.38
C ALA A 58 -3.85 0.46 -2.84
N GLU A 59 -4.00 1.54 -3.58
CA GLU A 59 -4.34 1.39 -5.01
C GLU A 59 -3.41 0.35 -5.62
N LYS A 60 -2.17 0.37 -5.22
CA LYS A 60 -1.20 -0.61 -5.76
C LYS A 60 -1.65 -2.02 -5.37
N MET A 61 -2.07 -2.19 -4.16
CA MET A 61 -2.53 -3.53 -3.69
C MET A 61 -3.82 -3.92 -4.41
N LEU A 62 -4.90 -3.24 -4.11
CA LEU A 62 -6.19 -3.58 -4.76
C LEU A 62 -5.95 -3.72 -6.26
N VAL A 63 -5.49 -2.67 -6.89
CA VAL A 63 -5.21 -2.76 -8.35
C VAL A 63 -4.42 -4.03 -8.61
N GLU A 64 -3.48 -4.33 -7.75
CA GLU A 64 -2.66 -5.57 -7.94
C GLU A 64 -3.58 -6.80 -8.07
N LEU A 65 -4.28 -7.15 -7.02
CA LEU A 65 -5.16 -8.36 -7.11
C LEU A 65 -6.17 -8.20 -8.26
N GLN A 66 -6.41 -6.99 -8.68
CA GLN A 66 -7.38 -6.79 -9.81
C GLN A 66 -6.79 -7.38 -11.10
N LYS A 67 -5.55 -7.10 -11.37
CA LYS A 67 -4.93 -7.65 -12.62
C LYS A 67 -4.93 -9.18 -12.54
N LEU A 68 -4.39 -9.72 -11.49
CA LEU A 68 -4.34 -11.20 -11.35
C LEU A 68 -5.59 -11.68 -10.61
N PRO A 1 -8.80 4.47 -0.29
CA PRO A 1 -7.69 3.56 -0.70
C PRO A 1 -7.39 2.57 0.42
N ILE A 2 -7.21 3.06 1.62
CA ILE A 2 -6.92 2.15 2.77
C ILE A 2 -8.18 1.36 3.12
N SER A 3 -9.24 2.04 3.45
CA SER A 3 -10.50 1.33 3.81
C SER A 3 -10.90 0.41 2.65
N GLN A 4 -10.63 0.82 1.44
CA GLN A 4 -10.99 -0.04 0.27
C GLN A 4 -10.19 -1.33 0.35
N VAL A 5 -8.90 -1.23 0.50
CA VAL A 5 -8.08 -2.47 0.61
C VAL A 5 -8.63 -3.29 1.76
N HIS A 6 -8.52 -2.81 2.95
CA HIS A 6 -9.04 -3.55 4.11
C HIS A 6 -10.38 -4.21 3.74
N GLU A 7 -11.17 -3.51 2.97
CA GLU A 7 -12.50 -4.06 2.56
C GLU A 7 -12.31 -5.35 1.76
N ILE A 8 -11.66 -5.29 0.63
CA ILE A 8 -11.48 -6.52 -0.20
C ILE A 8 -10.50 -7.49 0.49
N GLY A 9 -9.36 -7.00 0.89
CA GLY A 9 -8.36 -7.87 1.53
C GLY A 9 -9.03 -8.74 2.60
N ILE A 10 -9.76 -8.13 3.50
CA ILE A 10 -10.42 -8.93 4.56
C ILE A 10 -11.54 -9.78 3.93
N LYS A 11 -12.34 -9.19 3.10
CA LYS A 11 -13.46 -9.95 2.48
C LYS A 11 -12.91 -11.07 1.59
N ARG A 12 -11.62 -11.07 1.34
CA ARG A 12 -11.04 -12.13 0.49
C ARG A 12 -9.89 -12.83 1.24
N ASN A 13 -9.76 -12.56 2.50
CA ASN A 13 -8.67 -13.20 3.30
C ASN A 13 -7.34 -12.49 3.04
N MET A 14 -7.27 -11.63 2.05
CA MET A 14 -5.99 -10.93 1.79
C MET A 14 -5.77 -9.85 2.85
N THR A 15 -5.04 -10.17 3.88
CA THR A 15 -4.78 -9.16 4.95
C THR A 15 -4.37 -7.83 4.32
N VAL A 16 -4.52 -6.76 5.03
CA VAL A 16 -4.14 -5.43 4.48
C VAL A 16 -3.32 -4.70 5.54
N HIS A 17 -2.02 -4.79 5.48
CA HIS A 17 -1.20 -4.08 6.53
C HIS A 17 -0.42 -2.91 5.90
N PHE A 18 -0.97 -1.74 5.99
CA PHE A 18 -0.29 -0.54 5.41
C PHE A 18 0.75 0.01 6.39
N LYS A 19 1.99 0.05 5.98
CA LYS A 19 3.06 0.60 6.87
C LYS A 19 4.17 1.19 6.01
N VAL A 20 4.36 2.48 6.06
CA VAL A 20 5.43 3.10 5.23
C VAL A 20 6.78 2.86 5.91
N LEU A 21 7.66 2.17 5.24
CA LEU A 21 8.98 1.86 5.86
C LEU A 21 10.11 2.50 5.06
N ARG A 22 9.83 3.05 3.91
CA ARG A 22 10.93 3.65 3.11
C ARG A 22 10.61 5.12 2.79
N GLU A 23 11.62 5.89 2.48
CA GLU A 23 11.39 7.33 2.15
C GLU A 23 12.54 7.82 1.26
N GLU A 24 12.30 8.86 0.50
CA GLU A 24 13.37 9.39 -0.38
C GLU A 24 14.58 9.81 0.47
N GLY A 25 15.27 10.85 0.05
CA GLY A 25 16.47 11.32 0.82
C GLY A 25 16.10 11.60 2.29
N PRO A 26 16.59 12.70 2.81
CA PRO A 26 16.32 13.09 4.20
C PRO A 26 14.83 12.94 4.54
N ALA A 27 14.01 13.85 4.09
CA ALA A 27 12.56 13.75 4.40
C ALA A 27 11.73 14.31 3.25
N HIS A 28 11.76 15.60 3.08
CA HIS A 28 11.01 16.24 1.94
C HIS A 28 9.67 15.53 1.74
N MET A 29 9.07 15.71 0.59
CA MET A 29 7.77 15.05 0.30
C MET A 29 7.91 14.30 -1.03
N LYS A 30 9.08 13.79 -1.30
CA LYS A 30 9.31 13.06 -2.57
C LYS A 30 8.44 11.80 -2.63
N ASN A 31 9.04 10.63 -2.57
CA ASN A 31 8.23 9.38 -2.65
C ASN A 31 8.40 8.57 -1.37
N PHE A 32 7.60 7.53 -1.24
CA PHE A 32 7.68 6.66 -0.03
C PHE A 32 7.25 5.26 -0.43
N ILE A 33 8.00 4.25 -0.05
CA ILE A 33 7.57 2.87 -0.39
C ILE A 33 6.70 2.37 0.74
N THR A 34 5.42 2.41 0.56
CA THR A 34 4.50 1.97 1.63
C THR A 34 4.28 0.47 1.50
N ALA A 35 4.66 -0.26 2.49
CA ALA A 35 4.48 -1.74 2.45
C ALA A 35 3.05 -2.09 2.83
N CYS A 36 2.31 -2.67 1.94
CA CYS A 36 0.91 -3.04 2.27
C CYS A 36 0.81 -4.56 2.18
N ILE A 37 0.56 -5.21 3.28
CA ILE A 37 0.50 -6.70 3.24
C ILE A 37 -0.82 -7.17 2.65
N VAL A 38 -0.71 -8.10 1.73
CA VAL A 38 -1.89 -8.71 1.07
C VAL A 38 -1.81 -10.24 1.26
N GLY A 39 -2.91 -10.84 1.65
CA GLY A 39 -2.96 -12.34 1.91
C GLY A 39 -1.70 -13.06 1.44
N SER A 40 -1.62 -13.39 0.18
CA SER A 40 -0.45 -14.14 -0.36
C SER A 40 0.85 -13.71 0.32
N ILE A 41 1.21 -12.46 0.24
CA ILE A 41 2.50 -12.00 0.86
C ILE A 41 2.44 -10.49 1.04
N VAL A 42 3.57 -9.83 1.16
CA VAL A 42 3.52 -8.34 1.31
C VAL A 42 3.54 -7.70 -0.06
N THR A 43 3.07 -6.50 -0.15
CA THR A 43 3.06 -5.77 -1.44
C THR A 43 3.17 -4.27 -1.16
N GLU A 44 4.36 -3.74 -1.18
CA GLU A 44 4.51 -2.28 -0.89
C GLU A 44 4.16 -1.46 -2.12
N GLY A 45 4.44 -0.19 -2.08
CA GLY A 45 4.11 0.68 -3.25
C GLY A 45 4.73 2.05 -3.06
N GLU A 46 5.60 2.45 -3.94
CA GLU A 46 6.25 3.77 -3.80
C GLU A 46 5.32 4.89 -4.25
N GLY A 47 4.54 5.42 -3.34
CA GLY A 47 3.61 6.52 -3.70
C GLY A 47 4.38 7.85 -3.71
N ASN A 48 3.91 8.82 -4.46
CA ASN A 48 4.64 10.13 -4.50
C ASN A 48 4.03 11.09 -3.47
N GLY A 49 4.69 11.26 -2.35
CA GLY A 49 4.15 12.19 -1.32
C GLY A 49 4.30 11.56 0.07
N LYS A 50 4.06 12.32 1.10
CA LYS A 50 4.18 11.78 2.48
C LYS A 50 2.90 11.03 2.85
N LYS A 51 1.76 11.65 2.69
CA LYS A 51 0.48 10.97 3.04
C LYS A 51 0.05 10.06 1.89
N VAL A 52 0.28 10.47 0.67
CA VAL A 52 -0.13 9.62 -0.48
C VAL A 52 0.43 8.21 -0.29
N SER A 53 1.63 8.10 0.23
CA SER A 53 2.26 6.76 0.44
C SER A 53 1.20 5.71 0.77
N LYS A 54 0.36 6.00 1.73
CA LYS A 54 -0.69 5.02 2.11
C LYS A 54 -1.63 4.80 0.92
N LYS A 55 -2.11 5.86 0.32
CA LYS A 55 -3.01 5.70 -0.85
C LYS A 55 -2.30 4.89 -1.94
N ARG A 56 -1.29 5.46 -2.53
CA ARG A 56 -0.54 4.74 -3.61
C ARG A 56 -0.37 3.27 -3.23
N ALA A 57 0.30 3.00 -2.14
CA ALA A 57 0.51 1.58 -1.73
C ALA A 57 -0.81 0.80 -1.90
N ALA A 58 -1.87 1.30 -1.33
CA ALA A 58 -3.19 0.58 -1.44
C ALA A 58 -3.56 0.33 -2.90
N GLU A 59 -3.57 1.34 -3.73
CA GLU A 59 -3.93 1.09 -5.16
C GLU A 59 -3.08 -0.07 -5.63
N LYS A 60 -1.82 -0.07 -5.29
CA LYS A 60 -0.94 -1.18 -5.68
C LYS A 60 -1.55 -2.50 -5.21
N MET A 61 -2.04 -2.52 -3.99
CA MET A 61 -2.66 -3.76 -3.43
C MET A 61 -3.91 -4.16 -4.20
N LEU A 62 -4.94 -3.37 -4.11
CA LEU A 62 -6.20 -3.73 -4.79
C LEU A 62 -5.90 -4.05 -6.25
N VAL A 63 -5.31 -3.13 -6.96
CA VAL A 63 -4.96 -3.41 -8.38
C VAL A 63 -4.03 -4.63 -8.44
N GLU A 64 -3.29 -4.88 -7.39
CA GLU A 64 -2.35 -6.04 -7.38
C GLU A 64 -3.11 -7.37 -7.49
N LEU A 65 -4.06 -7.61 -6.62
CA LEU A 65 -4.79 -8.93 -6.70
C LEU A 65 -6.23 -8.75 -7.16
N GLN A 66 -6.57 -7.59 -7.65
CA GLN A 66 -7.97 -7.37 -8.12
C GLN A 66 -8.05 -7.62 -9.62
N LYS A 67 -6.92 -7.63 -10.29
CA LYS A 67 -6.93 -7.88 -11.76
C LYS A 67 -6.59 -9.34 -12.03
N LEU A 68 -5.54 -9.83 -11.44
CA LEU A 68 -5.16 -11.25 -11.65
C LEU A 68 -5.96 -12.15 -10.70
N PRO A 1 -7.78 4.90 -0.36
CA PRO A 1 -8.18 3.50 -0.69
C PRO A 1 -7.77 2.56 0.46
N ILE A 2 -7.86 3.02 1.68
CA ILE A 2 -7.48 2.15 2.82
C ILE A 2 -8.62 1.19 3.13
N SER A 3 -9.71 1.70 3.63
CA SER A 3 -10.87 0.80 3.94
C SER A 3 -11.19 -0.01 2.69
N GLN A 4 -10.83 0.49 1.54
CA GLN A 4 -11.11 -0.25 0.28
C GLN A 4 -10.27 -1.53 0.27
N VAL A 5 -8.98 -1.39 0.45
CA VAL A 5 -8.13 -2.62 0.47
C VAL A 5 -8.60 -3.50 1.60
N HIS A 6 -8.64 -3.00 2.79
CA HIS A 6 -9.11 -3.84 3.91
C HIS A 6 -10.39 -4.55 3.49
N GLU A 7 -11.21 -3.88 2.73
CA GLU A 7 -12.49 -4.48 2.26
C GLU A 7 -12.23 -5.70 1.38
N ILE A 8 -11.64 -5.52 0.24
CA ILE A 8 -11.38 -6.69 -0.66
C ILE A 8 -10.36 -7.65 -0.03
N GLY A 9 -9.25 -7.12 0.42
CA GLY A 9 -8.21 -7.98 1.03
C GLY A 9 -8.83 -8.94 2.03
N ILE A 10 -9.61 -8.44 2.96
CA ILE A 10 -10.22 -9.37 3.95
C ILE A 10 -11.30 -10.23 3.28
N LYS A 11 -12.14 -9.62 2.50
CA LYS A 11 -13.23 -10.38 1.82
C LYS A 11 -12.65 -11.36 0.81
N ARG A 12 -11.37 -11.29 0.56
CA ARG A 12 -10.75 -12.22 -0.43
C ARG A 12 -9.60 -12.96 0.23
N ASN A 13 -9.47 -12.85 1.53
CA ASN A 13 -8.38 -13.57 2.24
C ASN A 13 -7.07 -12.78 2.09
N MET A 14 -7.02 -11.80 1.24
CA MET A 14 -5.78 -11.01 1.07
C MET A 14 -5.62 -10.05 2.25
N THR A 15 -4.86 -10.44 3.23
CA THR A 15 -4.68 -9.54 4.42
C THR A 15 -4.36 -8.12 3.95
N VAL A 16 -4.66 -7.16 4.76
CA VAL A 16 -4.39 -5.74 4.38
C VAL A 16 -3.63 -5.07 5.53
N HIS A 17 -2.34 -5.11 5.51
CA HIS A 17 -1.59 -4.46 6.64
C HIS A 17 -0.78 -3.27 6.13
N PHE A 18 -1.37 -2.11 6.17
CA PHE A 18 -0.67 -0.88 5.71
C PHE A 18 0.29 -0.38 6.79
N LYS A 19 1.55 -0.25 6.46
CA LYS A 19 2.54 0.25 7.45
C LYS A 19 3.66 0.96 6.70
N VAL A 20 3.77 2.25 6.84
CA VAL A 20 4.84 2.99 6.11
C VAL A 20 6.17 2.79 6.84
N LEU A 21 7.13 2.25 6.16
CA LEU A 21 8.44 1.98 6.80
C LEU A 21 9.54 2.82 6.15
N ARG A 22 9.20 3.75 5.30
CA ARG A 22 10.25 4.58 4.66
C ARG A 22 9.69 5.96 4.30
N GLU A 23 9.61 6.85 5.25
CA GLU A 23 9.08 8.20 4.95
C GLU A 23 10.13 9.02 4.18
N GLU A 24 10.07 9.00 2.88
CA GLU A 24 11.05 9.79 2.08
C GLU A 24 12.40 9.04 2.03
N GLY A 25 13.46 9.76 1.78
CA GLY A 25 14.81 9.12 1.72
C GLY A 25 15.84 10.19 1.36
N PRO A 26 16.88 9.76 0.69
CA PRO A 26 17.95 10.67 0.25
C PRO A 26 17.38 11.84 -0.55
N ALA A 27 16.88 11.58 -1.73
CA ALA A 27 16.32 12.67 -2.58
C ALA A 27 15.50 12.06 -3.72
N HIS A 28 14.25 12.40 -3.83
CA HIS A 28 13.39 11.79 -4.90
C HIS A 28 11.96 12.30 -4.77
N MET A 29 11.77 13.50 -4.28
CA MET A 29 10.39 14.02 -4.12
C MET A 29 9.78 13.38 -2.87
N LYS A 30 9.58 14.15 -1.84
CA LYS A 30 9.00 13.62 -0.58
C LYS A 30 8.04 12.46 -0.86
N ASN A 31 8.54 11.25 -0.84
CA ASN A 31 7.66 10.08 -1.11
C ASN A 31 7.54 9.23 0.15
N PHE A 32 6.86 8.11 0.05
CA PHE A 32 6.71 7.22 1.24
C PHE A 32 6.57 5.77 0.78
N ILE A 33 7.39 4.89 1.28
CA ILE A 33 7.27 3.46 0.88
C ILE A 33 6.31 2.80 1.86
N THR A 34 5.07 2.75 1.52
CA THR A 34 4.07 2.15 2.43
C THR A 34 3.97 0.65 2.17
N ALA A 35 4.40 -0.13 3.12
CA ALA A 35 4.33 -1.61 2.96
C ALA A 35 2.90 -2.08 3.25
N CYS A 36 2.24 -2.61 2.26
CA CYS A 36 0.84 -3.07 2.51
C CYS A 36 0.83 -4.59 2.36
N ILE A 37 0.57 -5.30 3.42
CA ILE A 37 0.60 -6.79 3.33
C ILE A 37 -0.66 -7.30 2.65
N VAL A 38 -0.48 -8.18 1.70
CA VAL A 38 -1.61 -8.81 0.96
C VAL A 38 -1.53 -10.33 1.20
N GLY A 39 -2.66 -10.99 1.25
CA GLY A 39 -2.66 -12.46 1.49
C GLY A 39 -1.64 -13.15 0.59
N SER A 40 -0.42 -13.26 1.03
CA SER A 40 0.64 -13.93 0.22
C SER A 40 2.01 -13.40 0.65
N ILE A 41 2.16 -12.11 0.72
CA ILE A 41 3.47 -11.53 1.11
C ILE A 41 3.28 -10.03 1.33
N VAL A 42 4.37 -9.30 1.42
CA VAL A 42 4.22 -7.82 1.61
C VAL A 42 4.32 -7.12 0.27
N THR A 43 3.44 -6.22 0.02
CA THR A 43 3.45 -5.45 -1.24
C THR A 43 3.42 -3.97 -0.88
N GLU A 44 4.57 -3.35 -0.78
CA GLU A 44 4.60 -1.92 -0.39
C GLU A 44 4.29 -1.04 -1.60
N GLY A 45 4.41 0.25 -1.41
CA GLY A 45 4.13 1.20 -2.54
C GLY A 45 4.73 2.55 -2.22
N GLU A 46 5.72 2.96 -2.97
CA GLU A 46 6.36 4.28 -2.68
C GLU A 46 5.50 5.41 -3.21
N GLY A 47 4.50 5.80 -2.46
CA GLY A 47 3.63 6.92 -2.91
C GLY A 47 4.43 8.21 -2.94
N ASN A 48 3.81 9.31 -3.29
CA ASN A 48 4.55 10.60 -3.34
C ASN A 48 3.78 11.67 -2.55
N GLY A 49 4.26 12.01 -1.38
CA GLY A 49 3.56 13.05 -0.57
C GLY A 49 3.37 12.53 0.86
N LYS A 50 3.24 13.43 1.80
CA LYS A 50 3.05 13.00 3.22
C LYS A 50 1.70 12.28 3.34
N LYS A 51 0.62 12.99 3.14
CA LYS A 51 -0.72 12.36 3.24
C LYS A 51 -1.03 11.61 1.94
N VAL A 52 -0.41 10.48 1.74
CA VAL A 52 -0.66 9.72 0.48
C VAL A 52 -0.20 8.27 0.68
N SER A 53 0.93 8.10 1.34
CA SER A 53 1.48 6.73 1.57
C SER A 53 0.35 5.70 1.67
N LYS A 54 -0.44 5.77 2.70
CA LYS A 54 -1.56 4.80 2.85
C LYS A 54 -2.30 4.67 1.51
N LYS A 55 -2.68 5.76 0.92
CA LYS A 55 -3.40 5.70 -0.39
C LYS A 55 -2.54 4.97 -1.41
N ARG A 56 -1.50 5.61 -1.89
CA ARG A 56 -0.61 4.98 -2.91
C ARG A 56 -0.44 3.49 -2.60
N ALA A 57 0.20 3.16 -1.52
CA ALA A 57 0.40 1.72 -1.19
C ALA A 57 -0.87 0.93 -1.48
N ALA A 58 -1.98 1.34 -0.93
CA ALA A 58 -3.26 0.61 -1.16
C ALA A 58 -3.50 0.41 -2.66
N GLU A 59 -3.55 1.46 -3.43
CA GLU A 59 -3.79 1.27 -4.90
C GLU A 59 -2.84 0.19 -5.39
N LYS A 60 -1.61 0.25 -4.98
CA LYS A 60 -0.63 -0.78 -5.41
C LYS A 60 -1.19 -2.17 -5.06
N MET A 61 -1.73 -2.32 -3.89
CA MET A 61 -2.29 -3.63 -3.45
C MET A 61 -3.51 -4.02 -4.29
N LEU A 62 -4.56 -3.28 -4.18
CA LEU A 62 -5.78 -3.64 -4.94
C LEU A 62 -5.40 -3.83 -6.40
N VAL A 63 -4.87 -2.83 -7.02
CA VAL A 63 -4.44 -2.98 -8.44
C VAL A 63 -3.45 -4.15 -8.54
N GLU A 64 -2.72 -4.44 -7.48
CA GLU A 64 -1.73 -5.54 -7.53
C GLU A 64 -2.41 -6.89 -7.79
N LEU A 65 -3.37 -7.27 -6.97
CA LEU A 65 -4.03 -8.60 -7.19
C LEU A 65 -5.49 -8.43 -7.63
N GLN A 66 -5.86 -7.27 -8.05
CA GLN A 66 -7.27 -7.06 -8.49
C GLN A 66 -7.34 -7.14 -10.02
N LYS A 67 -6.31 -6.71 -10.69
CA LYS A 67 -6.31 -6.76 -12.17
C LYS A 67 -6.29 -8.23 -12.62
N LEU A 68 -5.75 -9.09 -11.81
CA LEU A 68 -5.70 -10.53 -12.17
C LEU A 68 -7.06 -10.98 -12.72
N PRO A 1 -8.84 4.27 -0.36
CA PRO A 1 -7.62 3.45 -0.67
C PRO A 1 -7.30 2.54 0.52
N ILE A 2 -7.11 3.11 1.69
CA ILE A 2 -6.80 2.28 2.88
C ILE A 2 -8.06 1.50 3.30
N SER A 3 -9.08 2.19 3.72
CA SER A 3 -10.33 1.49 4.14
C SER A 3 -10.80 0.59 2.99
N GLN A 4 -10.54 0.99 1.77
CA GLN A 4 -10.98 0.16 0.61
C GLN A 4 -10.25 -1.18 0.65
N VAL A 5 -8.94 -1.16 0.73
CA VAL A 5 -8.20 -2.44 0.79
C VAL A 5 -8.68 -3.23 1.99
N HIS A 6 -8.63 -2.67 3.15
CA HIS A 6 -9.10 -3.41 4.33
C HIS A 6 -10.46 -4.05 4.00
N GLU A 7 -11.27 -3.34 3.27
CA GLU A 7 -12.62 -3.86 2.90
C GLU A 7 -12.51 -5.13 2.05
N ILE A 8 -11.99 -5.03 0.85
CA ILE A 8 -11.88 -6.24 -0.02
C ILE A 8 -10.91 -7.24 0.59
N GLY A 9 -9.75 -6.78 0.97
CA GLY A 9 -8.73 -7.69 1.56
C GLY A 9 -9.39 -8.58 2.60
N ILE A 10 -10.01 -7.99 3.59
CA ILE A 10 -10.66 -8.83 4.64
C ILE A 10 -11.87 -9.55 4.06
N LYS A 11 -12.51 -8.97 3.10
CA LYS A 11 -13.72 -9.61 2.49
C LYS A 11 -13.29 -10.67 1.49
N ARG A 12 -12.02 -10.80 1.25
CA ARG A 12 -11.55 -11.83 0.26
C ARG A 12 -10.40 -12.63 0.86
N ASN A 13 -10.19 -12.51 2.15
CA ASN A 13 -9.08 -13.26 2.81
C ASN A 13 -7.75 -12.55 2.54
N MET A 14 -7.74 -11.54 1.70
CA MET A 14 -6.47 -10.83 1.43
C MET A 14 -6.18 -9.87 2.58
N THR A 15 -5.38 -10.29 3.52
CA THR A 15 -5.07 -9.41 4.69
C THR A 15 -4.68 -8.02 4.19
N VAL A 16 -4.86 -7.03 5.02
CA VAL A 16 -4.49 -5.65 4.60
C VAL A 16 -3.66 -5.01 5.70
N HIS A 17 -2.36 -5.08 5.60
CA HIS A 17 -1.53 -4.46 6.69
C HIS A 17 -0.64 -3.36 6.10
N PHE A 18 -1.12 -2.15 6.11
CA PHE A 18 -0.35 -1.01 5.56
C PHE A 18 0.71 -0.55 6.57
N LYS A 19 1.93 -0.43 6.12
CA LYS A 19 3.02 0.02 7.01
C LYS A 19 4.08 0.73 6.16
N VAL A 20 4.22 2.02 6.31
CA VAL A 20 5.23 2.74 5.48
C VAL A 20 6.60 2.53 6.08
N LEU A 21 7.49 1.93 5.33
CA LEU A 21 8.86 1.66 5.86
C LEU A 21 9.92 2.38 5.02
N ARG A 22 9.51 3.26 4.15
CA ARG A 22 10.52 3.97 3.31
C ARG A 22 10.19 5.45 3.22
N GLU A 23 11.18 6.28 2.97
CA GLU A 23 10.93 7.74 2.86
C GLU A 23 11.86 8.32 1.79
N GLU A 24 11.86 7.75 0.62
CA GLU A 24 12.75 8.27 -0.46
C GLU A 24 12.66 9.78 -0.51
N GLY A 25 13.75 10.46 -0.25
CA GLY A 25 13.74 11.94 -0.30
C GLY A 25 14.81 12.49 0.65
N PRO A 26 15.60 13.43 0.16
CA PRO A 26 16.67 14.05 0.97
C PRO A 26 16.07 14.75 2.19
N ALA A 27 15.25 15.74 1.95
CA ALA A 27 14.63 16.46 3.09
C ALA A 27 13.25 16.99 2.67
N HIS A 28 12.52 16.19 1.92
CA HIS A 28 11.17 16.65 1.47
C HIS A 28 10.23 15.44 1.43
N MET A 29 9.27 15.46 0.55
CA MET A 29 8.32 14.32 0.45
C MET A 29 8.29 13.78 -0.97
N LYS A 30 9.34 13.12 -1.40
CA LYS A 30 9.38 12.58 -2.78
C LYS A 30 8.49 11.34 -2.86
N ASN A 31 9.06 10.17 -2.76
CA ASN A 31 8.24 8.93 -2.84
C ASN A 31 8.40 8.12 -1.55
N PHE A 32 7.46 7.28 -1.25
CA PHE A 32 7.56 6.46 -0.01
C PHE A 32 7.14 5.02 -0.34
N ILE A 33 7.89 4.05 0.11
CA ILE A 33 7.52 2.65 -0.17
C ILE A 33 6.61 2.16 0.95
N THR A 34 5.33 2.19 0.73
CA THR A 34 4.38 1.75 1.77
C THR A 34 4.14 0.25 1.61
N ALA A 35 4.58 -0.52 2.56
CA ALA A 35 4.39 -2.00 2.47
C ALA A 35 2.96 -2.35 2.86
N CYS A 36 2.21 -2.91 1.95
CA CYS A 36 0.82 -3.28 2.29
C CYS A 36 0.69 -4.80 2.21
N ILE A 37 0.41 -5.45 3.30
CA ILE A 37 0.33 -6.93 3.29
C ILE A 37 -1.01 -7.40 2.72
N VAL A 38 -0.94 -8.32 1.78
CA VAL A 38 -2.16 -8.93 1.16
C VAL A 38 -2.19 -10.40 1.58
N GLY A 39 -3.36 -10.95 1.78
CA GLY A 39 -3.45 -12.38 2.20
C GLY A 39 -2.66 -13.28 1.24
N SER A 40 -1.39 -13.41 1.47
CA SER A 40 -0.55 -14.27 0.59
C SER A 40 0.91 -13.86 0.77
N ILE A 41 1.17 -12.57 0.74
CA ILE A 41 2.56 -12.08 0.90
C ILE A 41 2.51 -10.56 1.09
N VAL A 42 3.63 -9.90 1.18
CA VAL A 42 3.59 -8.43 1.33
C VAL A 42 3.61 -7.80 -0.05
N THR A 43 3.07 -6.62 -0.15
CA THR A 43 3.05 -5.92 -1.44
C THR A 43 3.10 -4.42 -1.16
N GLU A 44 4.27 -3.85 -1.18
CA GLU A 44 4.37 -2.40 -0.87
C GLU A 44 3.99 -1.57 -2.08
N GLY A 45 4.17 -0.29 -1.99
CA GLY A 45 3.82 0.60 -3.13
C GLY A 45 4.52 1.95 -2.96
N GLU A 46 5.38 2.30 -3.87
CA GLU A 46 6.10 3.60 -3.74
C GLU A 46 5.19 4.75 -4.14
N GLY A 47 4.46 5.28 -3.19
CA GLY A 47 3.55 6.41 -3.50
C GLY A 47 4.37 7.69 -3.67
N ASN A 48 3.73 8.78 -3.98
CA ASN A 48 4.48 10.06 -4.16
C ASN A 48 4.06 11.06 -3.08
N GLY A 49 4.84 11.18 -2.04
CA GLY A 49 4.48 12.15 -0.96
C GLY A 49 4.46 11.42 0.39
N LYS A 50 4.58 12.14 1.47
CA LYS A 50 4.56 11.49 2.81
C LYS A 50 3.12 11.17 3.20
N LYS A 51 2.18 11.99 2.80
CA LYS A 51 0.77 11.73 3.15
C LYS A 51 0.07 11.00 2.00
N VAL A 52 0.81 10.21 1.26
CA VAL A 52 0.20 9.47 0.12
C VAL A 52 0.70 8.02 0.12
N SER A 53 1.95 7.83 0.44
CA SER A 53 2.54 6.46 0.47
C SER A 53 1.48 5.43 0.88
N LYS A 54 0.65 5.77 1.81
CA LYS A 54 -0.41 4.82 2.24
C LYS A 54 -1.44 4.65 1.12
N LYS A 55 -1.97 5.74 0.64
CA LYS A 55 -2.97 5.65 -0.47
C LYS A 55 -2.36 4.90 -1.65
N ARG A 56 -1.28 5.40 -2.19
CA ARG A 56 -0.63 4.72 -3.35
C ARG A 56 -0.39 3.24 -3.03
N ALA A 57 0.08 2.93 -1.85
CA ALA A 57 0.32 1.50 -1.51
C ALA A 57 -0.97 0.72 -1.72
N ALA A 58 -2.06 1.19 -1.15
CA ALA A 58 -3.36 0.49 -1.30
C ALA A 58 -3.70 0.31 -2.77
N GLU A 59 -3.62 1.36 -3.56
CA GLU A 59 -3.94 1.20 -5.01
C GLU A 59 -3.06 0.08 -5.54
N LYS A 60 -1.86 0.01 -5.06
CA LYS A 60 -0.92 -1.06 -5.51
C LYS A 60 -1.50 -2.41 -5.08
N MET A 61 -2.11 -2.46 -3.94
CA MET A 61 -2.70 -3.73 -3.43
C MET A 61 -3.93 -4.12 -4.23
N LEU A 62 -4.99 -3.38 -4.08
CA LEU A 62 -6.25 -3.71 -4.79
C LEU A 62 -5.94 -3.88 -6.27
N VAL A 63 -5.07 -3.08 -6.80
CA VAL A 63 -4.69 -3.21 -8.22
C VAL A 63 -3.89 -4.50 -8.40
N GLU A 64 -3.09 -4.82 -7.42
CA GLU A 64 -2.28 -6.07 -7.49
C GLU A 64 -3.21 -7.27 -7.65
N LEU A 65 -4.16 -7.44 -6.76
CA LEU A 65 -5.08 -8.60 -6.90
C LEU A 65 -5.88 -8.47 -8.19
N GLN A 66 -6.28 -7.28 -8.54
CA GLN A 66 -7.07 -7.10 -9.80
C GLN A 66 -6.20 -7.45 -11.01
N LYS A 67 -4.91 -7.54 -10.83
CA LYS A 67 -4.02 -7.88 -11.98
C LYS A 67 -3.80 -9.40 -12.02
N LEU A 68 -3.34 -9.96 -10.95
CA LEU A 68 -3.10 -11.43 -10.91
C LEU A 68 -4.43 -12.17 -11.02
N PRO A 1 -9.47 4.42 0.88
CA PRO A 1 -8.30 3.64 0.35
C PRO A 1 -7.92 2.55 1.34
N ILE A 2 -7.68 2.90 2.58
CA ILE A 2 -7.30 1.87 3.58
C ILE A 2 -8.50 0.94 3.81
N SER A 3 -9.61 1.48 4.25
CA SER A 3 -10.81 0.64 4.50
C SER A 3 -11.16 -0.12 3.22
N GLN A 4 -10.81 0.40 2.08
CA GLN A 4 -11.12 -0.31 0.81
C GLN A 4 -10.31 -1.60 0.80
N VAL A 5 -9.00 -1.50 0.91
CA VAL A 5 -8.17 -2.72 0.93
C VAL A 5 -8.71 -3.63 2.02
N HIS A 6 -8.66 -3.21 3.24
CA HIS A 6 -9.18 -4.05 4.34
C HIS A 6 -10.48 -4.73 3.90
N GLU A 7 -11.30 -4.03 3.16
CA GLU A 7 -12.59 -4.63 2.69
C GLU A 7 -12.31 -5.84 1.80
N ILE A 8 -11.66 -5.64 0.68
CA ILE A 8 -11.40 -6.79 -0.23
C ILE A 8 -10.38 -7.75 0.39
N GLY A 9 -9.26 -7.25 0.82
CA GLY A 9 -8.22 -8.12 1.41
C GLY A 9 -8.85 -9.08 2.41
N ILE A 10 -9.66 -8.59 3.32
CA ILE A 10 -10.28 -9.52 4.30
C ILE A 10 -11.33 -10.40 3.61
N LYS A 11 -12.17 -9.81 2.81
CA LYS A 11 -13.23 -10.60 2.12
C LYS A 11 -12.59 -11.60 1.15
N ARG A 12 -11.31 -11.48 0.92
CA ARG A 12 -10.63 -12.41 -0.03
C ARG A 12 -9.48 -13.12 0.68
N ASN A 13 -9.38 -12.95 1.97
CA ASN A 13 -8.27 -13.62 2.73
C ASN A 13 -6.98 -12.84 2.52
N MET A 14 -6.96 -11.87 1.64
CA MET A 14 -5.73 -11.08 1.42
C MET A 14 -5.57 -10.05 2.54
N THR A 15 -4.95 -10.44 3.61
CA THR A 15 -4.74 -9.51 4.76
C THR A 15 -4.38 -8.11 4.23
N VAL A 16 -4.48 -7.11 5.07
CA VAL A 16 -4.14 -5.73 4.63
C VAL A 16 -3.34 -5.06 5.74
N HIS A 17 -2.08 -5.36 5.84
CA HIS A 17 -1.28 -4.70 6.92
C HIS A 17 -0.47 -3.54 6.35
N PHE A 18 -0.99 -2.35 6.45
CA PHE A 18 -0.26 -1.16 5.90
C PHE A 18 0.88 -0.77 6.85
N LYS A 19 2.06 -0.65 6.33
CA LYS A 19 3.22 -0.25 7.18
C LYS A 19 4.18 0.57 6.33
N VAL A 20 4.30 1.83 6.59
CA VAL A 20 5.22 2.66 5.76
C VAL A 20 6.65 2.38 6.18
N LEU A 21 7.41 1.85 5.27
CA LEU A 21 8.82 1.49 5.57
C LEU A 21 9.75 2.65 5.20
N ARG A 22 9.33 3.51 4.32
CA ARG A 22 10.21 4.65 3.93
C ARG A 22 9.40 5.93 3.81
N GLU A 23 10.02 7.05 4.05
CA GLU A 23 9.31 8.36 3.97
C GLU A 23 10.25 9.42 3.42
N GLU A 24 10.26 9.63 2.13
CA GLU A 24 11.18 10.65 1.54
C GLU A 24 12.63 10.25 1.80
N GLY A 25 13.48 10.41 0.83
CA GLY A 25 14.91 10.03 1.02
C GLY A 25 15.60 11.07 1.91
N PRO A 26 16.82 11.43 1.56
CA PRO A 26 17.60 12.41 2.32
C PRO A 26 16.87 13.76 2.35
N ALA A 27 16.91 14.49 1.28
CA ALA A 27 16.22 15.82 1.24
C ALA A 27 15.39 15.92 -0.03
N HIS A 28 15.28 14.86 -0.78
CA HIS A 28 14.48 14.91 -2.04
C HIS A 28 13.72 13.59 -2.22
N MET A 29 13.08 13.41 -3.34
CA MET A 29 12.32 12.15 -3.56
C MET A 29 11.42 11.87 -2.35
N LYS A 30 10.32 12.55 -2.26
CA LYS A 30 9.41 12.34 -1.09
C LYS A 30 8.48 11.15 -1.35
N ASN A 31 9.01 10.05 -1.81
CA ASN A 31 8.14 8.87 -2.08
C ASN A 31 8.06 8.02 -0.81
N PHE A 32 6.94 7.43 -0.57
CA PHE A 32 6.79 6.57 0.64
C PHE A 32 6.48 5.14 0.21
N ILE A 33 7.31 4.20 0.58
CA ILE A 33 7.03 2.79 0.21
C ILE A 33 6.17 2.18 1.30
N THR A 34 4.89 2.26 1.15
CA THR A 34 3.99 1.71 2.20
C THR A 34 3.70 0.25 1.92
N ALA A 35 4.26 -0.62 2.71
CA ALA A 35 4.06 -2.07 2.53
C ALA A 35 2.71 -2.52 3.10
N CYS A 36 1.82 -2.99 2.27
CA CYS A 36 0.53 -3.49 2.81
C CYS A 36 0.58 -5.00 2.65
N ILE A 37 0.46 -5.72 3.73
CA ILE A 37 0.55 -7.20 3.62
C ILE A 37 -0.74 -7.76 3.05
N VAL A 38 -0.59 -8.57 2.02
CA VAL A 38 -1.75 -9.25 1.38
C VAL A 38 -1.59 -10.76 1.56
N GLY A 39 -2.35 -11.32 2.47
CA GLY A 39 -2.31 -12.79 2.77
C GLY A 39 -1.21 -13.52 2.01
N SER A 40 -1.38 -13.70 0.72
CA SER A 40 -0.35 -14.42 -0.07
C SER A 40 1.05 -13.96 0.35
N ILE A 41 1.36 -12.72 0.10
CA ILE A 41 2.70 -12.18 0.48
C ILE A 41 2.54 -10.71 0.84
N VAL A 42 3.45 -9.86 0.44
CA VAL A 42 3.30 -8.42 0.76
C VAL A 42 3.07 -7.63 -0.53
N THR A 43 2.56 -6.44 -0.39
CA THR A 43 2.31 -5.58 -1.57
C THR A 43 2.44 -4.12 -1.14
N GLU A 44 3.60 -3.56 -1.25
CA GLU A 44 3.79 -2.15 -0.81
C GLU A 44 3.43 -1.19 -1.93
N GLY A 45 3.61 0.07 -1.69
CA GLY A 45 3.28 1.09 -2.74
C GLY A 45 4.12 2.34 -2.51
N GLU A 46 5.07 2.60 -3.36
CA GLU A 46 5.92 3.80 -3.19
C GLU A 46 5.18 5.03 -3.70
N GLY A 47 4.30 5.56 -2.89
CA GLY A 47 3.53 6.76 -3.31
C GLY A 47 4.47 7.95 -3.51
N ASN A 48 3.99 9.02 -4.09
CA ASN A 48 4.86 10.21 -4.32
C ASN A 48 4.50 11.33 -3.33
N GLY A 49 4.93 11.20 -2.10
CA GLY A 49 4.65 12.24 -1.08
C GLY A 49 3.25 12.84 -1.26
N LYS A 50 3.02 13.99 -0.68
CA LYS A 50 1.69 14.64 -0.80
C LYS A 50 0.64 13.81 -0.05
N LYS A 51 0.91 13.44 1.16
CA LYS A 51 -0.06 12.63 1.93
C LYS A 51 -0.61 11.53 1.02
N VAL A 52 0.23 10.62 0.60
CA VAL A 52 -0.24 9.53 -0.30
C VAL A 52 0.20 8.17 0.24
N SER A 53 1.47 8.07 0.60
CA SER A 53 2.04 6.78 1.13
C SER A 53 0.94 5.78 1.51
N LYS A 54 0.05 6.19 2.37
CA LYS A 54 -1.05 5.26 2.79
C LYS A 54 -1.92 4.94 1.58
N LYS A 55 -2.51 5.93 0.98
CA LYS A 55 -3.37 5.69 -0.22
C LYS A 55 -2.57 4.95 -1.28
N ARG A 56 -1.52 5.56 -1.78
CA ARG A 56 -0.69 4.90 -2.83
C ARG A 56 -0.49 3.43 -2.48
N ALA A 57 -0.17 3.12 -1.25
CA ALA A 57 0.03 1.69 -0.88
C ALA A 57 -1.26 0.92 -1.17
N ALA A 58 -2.35 1.32 -0.55
CA ALA A 58 -3.64 0.63 -0.77
C ALA A 58 -3.90 0.46 -2.27
N GLU A 59 -4.09 1.53 -3.00
CA GLU A 59 -4.34 1.40 -4.46
C GLU A 59 -3.36 0.40 -5.06
N LYS A 60 -2.14 0.43 -4.62
CA LYS A 60 -1.13 -0.52 -5.17
C LYS A 60 -1.66 -1.95 -4.96
N MET A 61 -2.08 -2.27 -3.77
CA MET A 61 -2.59 -3.64 -3.49
C MET A 61 -3.91 -3.88 -4.22
N LEU A 62 -4.94 -3.13 -3.91
CA LEU A 62 -6.24 -3.33 -4.58
C LEU A 62 -6.00 -3.43 -6.08
N VAL A 63 -5.53 -2.38 -6.68
CA VAL A 63 -5.24 -2.41 -8.13
C VAL A 63 -4.38 -3.64 -8.42
N GLU A 64 -3.50 -3.99 -7.51
CA GLU A 64 -2.64 -5.19 -7.72
C GLU A 64 -3.52 -6.38 -8.08
N LEU A 65 -4.35 -6.84 -7.17
CA LEU A 65 -5.23 -8.00 -7.48
C LEU A 65 -6.03 -7.71 -8.75
N GLN A 66 -6.58 -6.53 -8.87
CA GLN A 66 -7.39 -6.20 -10.07
C GLN A 66 -6.60 -6.48 -11.35
N LYS A 67 -5.30 -6.33 -11.31
CA LYS A 67 -4.49 -6.57 -12.53
C LYS A 67 -4.22 -8.07 -12.66
N LEU A 68 -3.92 -8.73 -11.58
CA LEU A 68 -3.63 -10.18 -11.63
C LEU A 68 -4.94 -10.95 -11.84
#